data_2P6Y
# 
_entry.id   2P6Y 
# 
_audit_conform.dict_name       mmcif_pdbx.dic 
_audit_conform.dict_version    5.398 
_audit_conform.dict_location   http://mmcif.pdb.org/dictionaries/ascii/mmcif_pdbx.dic 
# 
loop_
_database_2.database_id 
_database_2.database_code 
_database_2.pdbx_database_accession 
_database_2.pdbx_DOI 
PDB   2P6Y         pdb_00002p6y 10.2210/pdb2p6y/pdb 
RCSB  RCSB042043   ?            ?                   
WWPDB D_1000042043 ?            ?                   
# 
loop_
_pdbx_audit_revision_history.ordinal 
_pdbx_audit_revision_history.data_content_type 
_pdbx_audit_revision_history.major_revision 
_pdbx_audit_revision_history.minor_revision 
_pdbx_audit_revision_history.revision_date 
1 'Structure model' 1 0 2007-06-05 
2 'Structure model' 1 1 2008-05-01 
3 'Structure model' 1 2 2011-07-13 
4 'Structure model' 1 3 2024-11-13 
# 
_pdbx_audit_revision_details.ordinal             1 
_pdbx_audit_revision_details.revision_ordinal    1 
_pdbx_audit_revision_details.data_content_type   'Structure model' 
_pdbx_audit_revision_details.provider            repository 
_pdbx_audit_revision_details.type                'Initial release' 
_pdbx_audit_revision_details.description         ? 
_pdbx_audit_revision_details.details             ? 
# 
loop_
_pdbx_audit_revision_group.ordinal 
_pdbx_audit_revision_group.revision_ordinal 
_pdbx_audit_revision_group.data_content_type 
_pdbx_audit_revision_group.group 
1 2 'Structure model' 'Version format compliance' 
2 3 'Structure model' 'Derived calculations'      
3 3 'Structure model' 'Version format compliance' 
4 4 'Structure model' 'Data collection'           
5 4 'Structure model' 'Database references'       
6 4 'Structure model' 'Derived calculations'      
7 4 'Structure model' 'Structure summary'         
# 
loop_
_pdbx_audit_revision_category.ordinal 
_pdbx_audit_revision_category.revision_ordinal 
_pdbx_audit_revision_category.data_content_type 
_pdbx_audit_revision_category.category 
1 4 'Structure model' chem_comp_atom            
2 4 'Structure model' chem_comp_bond            
3 4 'Structure model' database_2                
4 4 'Structure model' pdbx_entry_details        
5 4 'Structure model' pdbx_modification_feature 
6 4 'Structure model' struct_conn               
7 4 'Structure model' struct_conn_type          
8 4 'Structure model' struct_ref_seq_dif        
9 4 'Structure model' struct_site               
# 
loop_
_pdbx_audit_revision_item.ordinal 
_pdbx_audit_revision_item.revision_ordinal 
_pdbx_audit_revision_item.data_content_type 
_pdbx_audit_revision_item.item 
1  4 'Structure model' '_database_2.pdbx_DOI'                
2  4 'Structure model' '_database_2.pdbx_database_accession' 
3  4 'Structure model' '_struct_conn.conn_type_id'           
4  4 'Structure model' '_struct_conn.id'                     
5  4 'Structure model' '_struct_conn.pdbx_dist_value'        
6  4 'Structure model' '_struct_conn.pdbx_leaving_atom_flag' 
7  4 'Structure model' '_struct_conn.ptnr1_auth_comp_id'     
8  4 'Structure model' '_struct_conn.ptnr1_auth_seq_id'      
9  4 'Structure model' '_struct_conn.ptnr1_label_atom_id'    
10 4 'Structure model' '_struct_conn.ptnr1_label_comp_id'    
11 4 'Structure model' '_struct_conn.ptnr1_label_seq_id'     
12 4 'Structure model' '_struct_conn.ptnr2_auth_comp_id'     
13 4 'Structure model' '_struct_conn.ptnr2_auth_seq_id'      
14 4 'Structure model' '_struct_conn.ptnr2_label_asym_id'    
15 4 'Structure model' '_struct_conn.ptnr2_label_atom_id'    
16 4 'Structure model' '_struct_conn.ptnr2_label_comp_id'    
17 4 'Structure model' '_struct_conn.ptnr2_label_seq_id'     
18 4 'Structure model' '_struct_conn_type.id'                
19 4 'Structure model' '_struct_ref_seq_dif.details'         
20 4 'Structure model' '_struct_site.pdbx_auth_asym_id'      
21 4 'Structure model' '_struct_site.pdbx_auth_comp_id'      
22 4 'Structure model' '_struct_site.pdbx_auth_seq_id'       
# 
_pdbx_database_status.status_code                     REL 
_pdbx_database_status.entry_id                        2P6Y 
_pdbx_database_status.recvd_initial_deposition_date   2007-03-19 
_pdbx_database_status.deposit_site                    RCSB 
_pdbx_database_status.process_site                    RCSB 
_pdbx_database_status.status_code_sf                  REL 
_pdbx_database_status.status_code_mr                  ? 
_pdbx_database_status.SG_entry                        Y 
_pdbx_database_status.status_code_cs                  ? 
_pdbx_database_status.pdb_format_compatible           Y 
_pdbx_database_status.status_code_nmr_data            ? 
_pdbx_database_status.methods_development_category    ? 
# 
loop_
_pdbx_database_related.db_name 
_pdbx_database_related.db_id 
_pdbx_database_related.details 
_pdbx_database_related.content_type 
TargetDB VcR80 . unspecified 
PDB      2NMU  'High homology. Crystal structure of hypothetical protein from Salmonella typhimurium LT2. NESG target StR127' 
unspecified 
PDB      2HX0  
'High homology. Three-dimensional structure of hypothetical protein from Salmonella cholerae-suis. NESG target ScR59'           
unspecified 
PDB      2H6L  
'High homology. X-ray structure of metal containing hypothetical protein AF0104 from Archaeoglobus fulgidus. NESG target GR103' 
unspecified 
# 
loop_
_audit_author.name 
_audit_author.pdbx_ordinal 
'Kuzin, A.P.'                                     1  
'Abashidze, M.'                                   2  
'Jayaraman, S.'                                   3  
'Chen, C.X.'                                      4  
'Wang, C.'                                        5  
'Fang, Y.'                                        6  
'Cunningham, K.'                                  7  
'Owens, L.'                                       8  
'Xiao, R.'                                        9  
'Liu, J.'                                         10 
'Baran, M.C.'                                     11 
'Acton, T.B.'                                     12 
'Rost, B.'                                        13 
'Montelione, G.T.'                                14 
'Tong, L.'                                        15 
'Hunt, J.'                                        16 
'Northeast Structural Genomics Consortium (NESG)' 17 
# 
_citation.id                        primary 
_citation.title                     'X-ray structure of the protein Q9KM02_VIBCH from Vibrio cholerae at the resolution 1.63 A.' 
_citation.journal_abbrev            'To be Published' 
_citation.journal_volume            ? 
_citation.page_first                ? 
_citation.page_last                 ? 
_citation.year                      ? 
_citation.journal_id_ASTM           ? 
_citation.country                   ? 
_citation.journal_id_ISSN           ? 
_citation.journal_id_CSD            0353 
_citation.book_publisher            ? 
_citation.pdbx_database_id_PubMed   ? 
_citation.pdbx_database_id_DOI      ? 
# 
loop_
_citation_author.citation_id 
_citation_author.name 
_citation_author.ordinal 
_citation_author.identifier_ORCID 
primary 'Kuzin, A.P.'      1  ? 
primary 'Abashidze, M.'    2  ? 
primary 'Jayaraman, S.'    3  ? 
primary 'Chen, C.X.'       4  ? 
primary 'Wang, C.'         5  ? 
primary 'Fang, Y.'         6  ? 
primary 'Cunningham, K.'   7  ? 
primary 'Owens, L.'        8  ? 
primary 'Xiao, R.'         9  ? 
primary 'Liu, J.'          10 ? 
primary 'Baran, M.C.'      11 ? 
primary 'Acton, T.B.'      12 ? 
primary 'Rost, B.'         13 ? 
primary 'Montelione, G.T.' 14 ? 
primary 'Tong, L.'         15 ? 
primary 'Hunt, J.'         16 ? 
# 
loop_
_entity.id 
_entity.type 
_entity.src_method 
_entity.pdbx_description 
_entity.formula_weight 
_entity.pdbx_number_of_molecules 
_entity.pdbx_ec 
_entity.pdbx_mutation 
_entity.pdbx_fragment 
_entity.details 
1 polymer     man 'Hypothetical protein VCA0587' 16018.817 1   ? ? ? ? 
2 non-polymer syn 'ZINC ION'                     65.409    1   ? ? ? ? 
3 water       nat water                          18.015    146 ? ? ? ? 
# 
_entity_poly.entity_id                      1 
_entity_poly.type                           'polypeptide(L)' 
_entity_poly.nstd_linkage                   no 
_entity_poly.nstd_monomer                   yes 
_entity_poly.pdbx_seq_one_letter_code       
;(MSE)IHLIALRLTRG(MSE)DLKQQIVQLVQQHRIHAGSIASCVGCLSTLHIRLADSVSTLQVSAPFEILSLSGTLTYQ
HCHLHIAVADAQGRVWGGHLLEGNLINTTAEL(MSE)IHHYPQHHFTREFDPNTGYSELVVSAAALEHHHHHHH
;
_entity_poly.pdbx_seq_one_letter_code_can   
;MIHLIALRLTRGMDLKQQIVQLVQQHRIHAGSIASCVGCLSTLHIRLADSVSTLQVSAPFEILSLSGTLTYQHCHLHIAV
ADAQGRVWGGHLLEGNLINTTAELMIHHYPQHHFTREFDPNTGYSELVVSAAALEHHHHHHH
;
_entity_poly.pdbx_strand_id                 A 
_entity_poly.pdbx_target_identifier         VcR80 
# 
loop_
_pdbx_entity_nonpoly.entity_id 
_pdbx_entity_nonpoly.name 
_pdbx_entity_nonpoly.comp_id 
2 'ZINC ION' ZN  
3 water      HOH 
# 
loop_
_entity_poly_seq.entity_id 
_entity_poly_seq.num 
_entity_poly_seq.mon_id 
_entity_poly_seq.hetero 
1 1   MSE n 
1 2   ILE n 
1 3   HIS n 
1 4   LEU n 
1 5   ILE n 
1 6   ALA n 
1 7   LEU n 
1 8   ARG n 
1 9   LEU n 
1 10  THR n 
1 11  ARG n 
1 12  GLY n 
1 13  MSE n 
1 14  ASP n 
1 15  LEU n 
1 16  LYS n 
1 17  GLN n 
1 18  GLN n 
1 19  ILE n 
1 20  VAL n 
1 21  GLN n 
1 22  LEU n 
1 23  VAL n 
1 24  GLN n 
1 25  GLN n 
1 26  HIS n 
1 27  ARG n 
1 28  ILE n 
1 29  HIS n 
1 30  ALA n 
1 31  GLY n 
1 32  SER n 
1 33  ILE n 
1 34  ALA n 
1 35  SER n 
1 36  CYS n 
1 37  VAL n 
1 38  GLY n 
1 39  CYS n 
1 40  LEU n 
1 41  SER n 
1 42  THR n 
1 43  LEU n 
1 44  HIS n 
1 45  ILE n 
1 46  ARG n 
1 47  LEU n 
1 48  ALA n 
1 49  ASP n 
1 50  SER n 
1 51  VAL n 
1 52  SER n 
1 53  THR n 
1 54  LEU n 
1 55  GLN n 
1 56  VAL n 
1 57  SER n 
1 58  ALA n 
1 59  PRO n 
1 60  PHE n 
1 61  GLU n 
1 62  ILE n 
1 63  LEU n 
1 64  SER n 
1 65  LEU n 
1 66  SER n 
1 67  GLY n 
1 68  THR n 
1 69  LEU n 
1 70  THR n 
1 71  TYR n 
1 72  GLN n 
1 73  HIS n 
1 74  CYS n 
1 75  HIS n 
1 76  LEU n 
1 77  HIS n 
1 78  ILE n 
1 79  ALA n 
1 80  VAL n 
1 81  ALA n 
1 82  ASP n 
1 83  ALA n 
1 84  GLN n 
1 85  GLY n 
1 86  ARG n 
1 87  VAL n 
1 88  TRP n 
1 89  GLY n 
1 90  GLY n 
1 91  HIS n 
1 92  LEU n 
1 93  LEU n 
1 94  GLU n 
1 95  GLY n 
1 96  ASN n 
1 97  LEU n 
1 98  ILE n 
1 99  ASN n 
1 100 THR n 
1 101 THR n 
1 102 ALA n 
1 103 GLU n 
1 104 LEU n 
1 105 MSE n 
1 106 ILE n 
1 107 HIS n 
1 108 HIS n 
1 109 TYR n 
1 110 PRO n 
1 111 GLN n 
1 112 HIS n 
1 113 HIS n 
1 114 PHE n 
1 115 THR n 
1 116 ARG n 
1 117 GLU n 
1 118 PHE n 
1 119 ASP n 
1 120 PRO n 
1 121 ASN n 
1 122 THR n 
1 123 GLY n 
1 124 TYR n 
1 125 SER n 
1 126 GLU n 
1 127 LEU n 
1 128 VAL n 
1 129 VAL n 
1 130 SER n 
1 131 ALA n 
1 132 ALA n 
1 133 ALA n 
1 134 LEU n 
1 135 GLU n 
1 136 HIS n 
1 137 HIS n 
1 138 HIS n 
1 139 HIS n 
1 140 HIS n 
1 141 HIS n 
1 142 HIS n 
# 
_entity_src_gen.entity_id                          1 
_entity_src_gen.pdbx_src_id                        1 
_entity_src_gen.pdbx_alt_source_flag               sample 
_entity_src_gen.pdbx_seq_type                      ? 
_entity_src_gen.pdbx_beg_seq_num                   ? 
_entity_src_gen.pdbx_end_seq_num                   ? 
_entity_src_gen.gene_src_common_name               ? 
_entity_src_gen.gene_src_genus                     Vibrio 
_entity_src_gen.pdbx_gene_src_gene                 VCA0587 
_entity_src_gen.gene_src_species                   ? 
_entity_src_gen.gene_src_strain                    'El Tor Inaba N16961' 
_entity_src_gen.gene_src_tissue                    ? 
_entity_src_gen.gene_src_tissue_fraction           ? 
_entity_src_gen.gene_src_details                   ? 
_entity_src_gen.pdbx_gene_src_fragment             ? 
_entity_src_gen.pdbx_gene_src_scientific_name      'Vibrio cholerae' 
_entity_src_gen.pdbx_gene_src_ncbi_taxonomy_id     666 
_entity_src_gen.pdbx_gene_src_variant              ? 
_entity_src_gen.pdbx_gene_src_cell_line            ? 
_entity_src_gen.pdbx_gene_src_atcc                 39315 
_entity_src_gen.pdbx_gene_src_organ                ? 
_entity_src_gen.pdbx_gene_src_organelle            ? 
_entity_src_gen.pdbx_gene_src_cell                 ? 
_entity_src_gen.pdbx_gene_src_cellular_location    ? 
_entity_src_gen.host_org_common_name               ? 
_entity_src_gen.pdbx_host_org_scientific_name      'Escherichia coli' 
_entity_src_gen.pdbx_host_org_ncbi_taxonomy_id     562 
_entity_src_gen.host_org_genus                     Escherichia 
_entity_src_gen.pdbx_host_org_gene                 ? 
_entity_src_gen.pdbx_host_org_organ                ? 
_entity_src_gen.host_org_species                   ? 
_entity_src_gen.pdbx_host_org_tissue               ? 
_entity_src_gen.pdbx_host_org_tissue_fraction      ? 
_entity_src_gen.pdbx_host_org_strain               ? 
_entity_src_gen.pdbx_host_org_variant              ? 
_entity_src_gen.pdbx_host_org_cell_line            ? 
_entity_src_gen.pdbx_host_org_atcc                 ? 
_entity_src_gen.pdbx_host_org_culture_collection   ? 
_entity_src_gen.pdbx_host_org_cell                 ? 
_entity_src_gen.pdbx_host_org_organelle            ? 
_entity_src_gen.pdbx_host_org_cellular_location    ? 
_entity_src_gen.pdbx_host_org_vector_type          ? 
_entity_src_gen.pdbx_host_org_vector               ? 
_entity_src_gen.host_org_details                   ? 
_entity_src_gen.expression_system_id               ? 
_entity_src_gen.plasmid_name                       ? 
_entity_src_gen.plasmid_details                    ? 
_entity_src_gen.pdbx_description                   ? 
# 
loop_
_chem_comp.id 
_chem_comp.type 
_chem_comp.mon_nstd_flag 
_chem_comp.name 
_chem_comp.pdbx_synonyms 
_chem_comp.formula 
_chem_comp.formula_weight 
ALA 'L-peptide linking' y ALANINE          ? 'C3 H7 N O2'     89.093  
ARG 'L-peptide linking' y ARGININE         ? 'C6 H15 N4 O2 1' 175.209 
ASN 'L-peptide linking' y ASPARAGINE       ? 'C4 H8 N2 O3'    132.118 
ASP 'L-peptide linking' y 'ASPARTIC ACID'  ? 'C4 H7 N O4'     133.103 
CYS 'L-peptide linking' y CYSTEINE         ? 'C3 H7 N O2 S'   121.158 
GLN 'L-peptide linking' y GLUTAMINE        ? 'C5 H10 N2 O3'   146.144 
GLU 'L-peptide linking' y 'GLUTAMIC ACID'  ? 'C5 H9 N O4'     147.129 
GLY 'peptide linking'   y GLYCINE          ? 'C2 H5 N O2'     75.067  
HIS 'L-peptide linking' y HISTIDINE        ? 'C6 H10 N3 O2 1' 156.162 
HOH non-polymer         . WATER            ? 'H2 O'           18.015  
ILE 'L-peptide linking' y ISOLEUCINE       ? 'C6 H13 N O2'    131.173 
LEU 'L-peptide linking' y LEUCINE          ? 'C6 H13 N O2'    131.173 
LYS 'L-peptide linking' y LYSINE           ? 'C6 H15 N2 O2 1' 147.195 
MET 'L-peptide linking' y METHIONINE       ? 'C5 H11 N O2 S'  149.211 
MSE 'L-peptide linking' n SELENOMETHIONINE ? 'C5 H11 N O2 Se' 196.106 
PHE 'L-peptide linking' y PHENYLALANINE    ? 'C9 H11 N O2'    165.189 
PRO 'L-peptide linking' y PROLINE          ? 'C5 H9 N O2'     115.130 
SER 'L-peptide linking' y SERINE           ? 'C3 H7 N O3'     105.093 
THR 'L-peptide linking' y THREONINE        ? 'C4 H9 N O3'     119.119 
TRP 'L-peptide linking' y TRYPTOPHAN       ? 'C11 H12 N2 O2'  204.225 
TYR 'L-peptide linking' y TYROSINE         ? 'C9 H11 N O3'    181.189 
VAL 'L-peptide linking' y VALINE           ? 'C5 H11 N O2'    117.146 
ZN  non-polymer         . 'ZINC ION'       ? 'Zn 2'           65.409  
# 
loop_
_pdbx_poly_seq_scheme.asym_id 
_pdbx_poly_seq_scheme.entity_id 
_pdbx_poly_seq_scheme.seq_id 
_pdbx_poly_seq_scheme.mon_id 
_pdbx_poly_seq_scheme.ndb_seq_num 
_pdbx_poly_seq_scheme.pdb_seq_num 
_pdbx_poly_seq_scheme.auth_seq_num 
_pdbx_poly_seq_scheme.pdb_mon_id 
_pdbx_poly_seq_scheme.auth_mon_id 
_pdbx_poly_seq_scheme.pdb_strand_id 
_pdbx_poly_seq_scheme.pdb_ins_code 
_pdbx_poly_seq_scheme.hetero 
A 1 1   MSE 1   1   1   MSE MSE A . n 
A 1 2   ILE 2   2   2   ILE ILE A . n 
A 1 3   HIS 3   3   3   HIS HIS A . n 
A 1 4   LEU 4   4   4   LEU LEU A . n 
A 1 5   ILE 5   5   5   ILE ILE A . n 
A 1 6   ALA 6   6   6   ALA ALA A . n 
A 1 7   LEU 7   7   7   LEU LEU A . n 
A 1 8   ARG 8   8   8   ARG ARG A . n 
A 1 9   LEU 9   9   9   LEU LEU A . n 
A 1 10  THR 10  10  10  THR THR A . n 
A 1 11  ARG 11  11  11  ARG ARG A . n 
A 1 12  GLY 12  12  12  GLY GLY A . n 
A 1 13  MSE 13  13  13  MSE MSE A . n 
A 1 14  ASP 14  14  14  ASP ASP A . n 
A 1 15  LEU 15  15  15  LEU LEU A . n 
A 1 16  LYS 16  16  16  LYS LYS A . n 
A 1 17  GLN 17  17  17  GLN GLN A . n 
A 1 18  GLN 18  18  18  GLN GLN A . n 
A 1 19  ILE 19  19  19  ILE ILE A . n 
A 1 20  VAL 20  20  20  VAL VAL A . n 
A 1 21  GLN 21  21  21  GLN GLN A . n 
A 1 22  LEU 22  22  22  LEU LEU A . n 
A 1 23  VAL 23  23  23  VAL VAL A . n 
A 1 24  GLN 24  24  24  GLN GLN A . n 
A 1 25  GLN 25  25  25  GLN GLN A . n 
A 1 26  HIS 26  26  26  HIS HIS A . n 
A 1 27  ARG 27  27  27  ARG ARG A . n 
A 1 28  ILE 28  28  28  ILE ILE A . n 
A 1 29  HIS 29  29  29  HIS HIS A . n 
A 1 30  ALA 30  30  30  ALA ALA A . n 
A 1 31  GLY 31  31  31  GLY GLY A . n 
A 1 32  SER 32  32  32  SER SER A . n 
A 1 33  ILE 33  33  33  ILE ILE A . n 
A 1 34  ALA 34  34  34  ALA ALA A . n 
A 1 35  SER 35  35  35  SER SER A . n 
A 1 36  CYS 36  36  36  CYS CYS A . n 
A 1 37  VAL 37  37  37  VAL VAL A . n 
A 1 38  GLY 38  38  38  GLY GLY A . n 
A 1 39  CYS 39  39  39  CYS CYS A . n 
A 1 40  LEU 40  40  40  LEU LEU A . n 
A 1 41  SER 41  41  41  SER SER A . n 
A 1 42  THR 42  42  42  THR THR A . n 
A 1 43  LEU 43  43  43  LEU LEU A . n 
A 1 44  HIS 44  44  44  HIS HIS A . n 
A 1 45  ILE 45  45  45  ILE ILE A . n 
A 1 46  ARG 46  46  46  ARG ARG A . n 
A 1 47  LEU 47  47  47  LEU LEU A . n 
A 1 48  ALA 48  48  48  ALA ALA A . n 
A 1 49  ASP 49  49  49  ASP ASP A . n 
A 1 50  SER 50  50  50  SER SER A . n 
A 1 51  VAL 51  51  51  VAL VAL A . n 
A 1 52  SER 52  52  52  SER SER A . n 
A 1 53  THR 53  53  53  THR THR A . n 
A 1 54  LEU 54  54  54  LEU LEU A . n 
A 1 55  GLN 55  55  55  GLN GLN A . n 
A 1 56  VAL 56  56  56  VAL VAL A . n 
A 1 57  SER 57  57  57  SER SER A . n 
A 1 58  ALA 58  58  58  ALA ALA A . n 
A 1 59  PRO 59  59  59  PRO PRO A . n 
A 1 60  PHE 60  60  60  PHE PHE A . n 
A 1 61  GLU 61  61  61  GLU GLU A . n 
A 1 62  ILE 62  62  62  ILE ILE A . n 
A 1 63  LEU 63  63  63  LEU LEU A . n 
A 1 64  SER 64  64  64  SER SER A . n 
A 1 65  LEU 65  65  65  LEU LEU A . n 
A 1 66  SER 66  66  66  SER SER A . n 
A 1 67  GLY 67  67  67  GLY GLY A . n 
A 1 68  THR 68  68  68  THR THR A . n 
A 1 69  LEU 69  69  69  LEU LEU A . n 
A 1 70  THR 70  70  70  THR THR A . n 
A 1 71  TYR 71  71  71  TYR TYR A . n 
A 1 72  GLN 72  72  72  GLN GLN A . n 
A 1 73  HIS 73  73  73  HIS HIS A . n 
A 1 74  CYS 74  74  74  CYS CYS A . n 
A 1 75  HIS 75  75  75  HIS HIS A . n 
A 1 76  LEU 76  76  76  LEU LEU A . n 
A 1 77  HIS 77  77  77  HIS HIS A . n 
A 1 78  ILE 78  78  78  ILE ILE A . n 
A 1 79  ALA 79  79  79  ALA ALA A . n 
A 1 80  VAL 80  80  80  VAL VAL A . n 
A 1 81  ALA 81  81  81  ALA ALA A . n 
A 1 82  ASP 82  82  82  ASP ASP A . n 
A 1 83  ALA 83  83  83  ALA ALA A . n 
A 1 84  GLN 84  84  84  GLN GLN A . n 
A 1 85  GLY 85  85  85  GLY GLY A . n 
A 1 86  ARG 86  86  86  ARG ARG A . n 
A 1 87  VAL 87  87  87  VAL VAL A . n 
A 1 88  TRP 88  88  88  TRP TRP A . n 
A 1 89  GLY 89  89  89  GLY GLY A . n 
A 1 90  GLY 90  90  90  GLY GLY A . n 
A 1 91  HIS 91  91  91  HIS HIS A . n 
A 1 92  LEU 92  92  92  LEU LEU A . n 
A 1 93  LEU 93  93  93  LEU LEU A . n 
A 1 94  GLU 94  94  94  GLU GLU A . n 
A 1 95  GLY 95  95  95  GLY GLY A . n 
A 1 96  ASN 96  96  96  ASN ASN A . n 
A 1 97  LEU 97  97  97  LEU LEU A . n 
A 1 98  ILE 98  98  98  ILE ILE A . n 
A 1 99  ASN 99  99  99  ASN ASN A . n 
A 1 100 THR 100 100 ?   ?   ?   A . n 
A 1 101 THR 101 101 101 THR THR A . n 
A 1 102 ALA 102 102 102 ALA ALA A . n 
A 1 103 GLU 103 103 103 GLU GLU A . n 
A 1 104 LEU 104 104 104 LEU LEU A . n 
A 1 105 MSE 105 105 105 MSE MSE A . n 
A 1 106 ILE 106 106 106 ILE ILE A . n 
A 1 107 HIS 107 107 107 HIS HIS A . n 
A 1 108 HIS 108 108 108 HIS HIS A . n 
A 1 109 TYR 109 109 109 TYR TYR A . n 
A 1 110 PRO 110 110 110 PRO PRO A . n 
A 1 111 GLN 111 111 111 GLN GLN A . n 
A 1 112 HIS 112 112 112 HIS HIS A . n 
A 1 113 HIS 113 113 113 HIS HIS A . n 
A 1 114 PHE 114 114 114 PHE PHE A . n 
A 1 115 THR 115 115 115 THR THR A . n 
A 1 116 ARG 116 116 116 ARG ARG A . n 
A 1 117 GLU 117 117 117 GLU GLU A . n 
A 1 118 PHE 118 118 118 PHE PHE A . n 
A 1 119 ASP 119 119 119 ASP ASP A . n 
A 1 120 PRO 120 120 120 PRO PRO A . n 
A 1 121 ASN 121 121 121 ASN ASN A . n 
A 1 122 THR 122 122 122 THR THR A . n 
A 1 123 GLY 123 123 123 GLY GLY A . n 
A 1 124 TYR 124 124 124 TYR TYR A . n 
A 1 125 SER 125 125 125 SER SER A . n 
A 1 126 GLU 126 126 126 GLU GLU A . n 
A 1 127 LEU 127 127 127 LEU LEU A . n 
A 1 128 VAL 128 128 128 VAL VAL A . n 
A 1 129 VAL 129 129 129 VAL VAL A . n 
A 1 130 SER 130 130 130 SER SER A . n 
A 1 131 ALA 131 131 131 ALA ALA A . n 
A 1 132 ALA 132 132 132 ALA ALA A . n 
A 1 133 ALA 133 133 ?   ?   ?   A . n 
A 1 134 LEU 134 134 ?   ?   ?   A . n 
A 1 135 GLU 135 135 ?   ?   ?   A . n 
A 1 136 HIS 136 136 ?   ?   ?   A . n 
A 1 137 HIS 137 137 ?   ?   ?   A . n 
A 1 138 HIS 138 138 ?   ?   ?   A . n 
A 1 139 HIS 139 139 ?   ?   ?   A . n 
A 1 140 HIS 140 140 ?   ?   ?   A . n 
A 1 141 HIS 141 141 ?   ?   ?   A . n 
A 1 142 HIS 142 142 ?   ?   ?   A . n 
# 
loop_
_pdbx_nonpoly_scheme.asym_id 
_pdbx_nonpoly_scheme.entity_id 
_pdbx_nonpoly_scheme.mon_id 
_pdbx_nonpoly_scheme.ndb_seq_num 
_pdbx_nonpoly_scheme.pdb_seq_num 
_pdbx_nonpoly_scheme.auth_seq_num 
_pdbx_nonpoly_scheme.pdb_mon_id 
_pdbx_nonpoly_scheme.auth_mon_id 
_pdbx_nonpoly_scheme.pdb_strand_id 
_pdbx_nonpoly_scheme.pdb_ins_code 
B 2 ZN  1   201 1   ZN  ZN2 A . 
C 3 HOH 1   202 1   HOH TIP A . 
C 3 HOH 2   203 2   HOH TIP A . 
C 3 HOH 3   204 3   HOH TIP A . 
C 3 HOH 4   205 4   HOH TIP A . 
C 3 HOH 5   206 5   HOH TIP A . 
C 3 HOH 6   207 6   HOH TIP A . 
C 3 HOH 7   208 7   HOH TIP A . 
C 3 HOH 8   209 8   HOH HOH A . 
C 3 HOH 9   210 9   HOH HOH A . 
C 3 HOH 10  211 10  HOH TIP A . 
C 3 HOH 11  212 11  HOH TIP A . 
C 3 HOH 12  213 12  HOH TIP A . 
C 3 HOH 13  214 13  HOH TIP A . 
C 3 HOH 14  215 14  HOH TIP A . 
C 3 HOH 15  216 15  HOH TIP A . 
C 3 HOH 16  217 16  HOH TIP A . 
C 3 HOH 17  218 17  HOH TIP A . 
C 3 HOH 18  219 18  HOH TIP A . 
C 3 HOH 19  220 19  HOH TIP A . 
C 3 HOH 20  221 20  HOH TIP A . 
C 3 HOH 21  222 21  HOH TIP A . 
C 3 HOH 22  223 22  HOH TIP A . 
C 3 HOH 23  224 23  HOH TIP A . 
C 3 HOH 24  225 24  HOH TIP A . 
C 3 HOH 25  226 25  HOH TIP A . 
C 3 HOH 26  227 26  HOH TIP A . 
C 3 HOH 27  228 27  HOH TIP A . 
C 3 HOH 28  229 28  HOH TIP A . 
C 3 HOH 29  230 29  HOH TIP A . 
C 3 HOH 30  231 30  HOH TIP A . 
C 3 HOH 31  232 31  HOH TIP A . 
C 3 HOH 32  233 32  HOH TIP A . 
C 3 HOH 33  234 33  HOH TIP A . 
C 3 HOH 34  235 34  HOH TIP A . 
C 3 HOH 35  236 35  HOH TIP A . 
C 3 HOH 36  237 36  HOH TIP A . 
C 3 HOH 37  238 37  HOH TIP A . 
C 3 HOH 38  239 38  HOH TIP A . 
C 3 HOH 39  240 39  HOH TIP A . 
C 3 HOH 40  241 40  HOH TIP A . 
C 3 HOH 41  242 41  HOH TIP A . 
C 3 HOH 42  243 42  HOH TIP A . 
C 3 HOH 43  244 43  HOH TIP A . 
C 3 HOH 44  245 44  HOH TIP A . 
C 3 HOH 45  246 45  HOH TIP A . 
C 3 HOH 46  247 46  HOH TIP A . 
C 3 HOH 47  248 47  HOH TIP A . 
C 3 HOH 48  249 48  HOH TIP A . 
C 3 HOH 49  250 49  HOH TIP A . 
C 3 HOH 50  251 50  HOH TIP A . 
C 3 HOH 51  252 51  HOH TIP A . 
C 3 HOH 52  253 52  HOH TIP A . 
C 3 HOH 53  254 53  HOH TIP A . 
C 3 HOH 54  255 54  HOH TIP A . 
C 3 HOH 55  256 55  HOH TIP A . 
C 3 HOH 56  257 56  HOH TIP A . 
C 3 HOH 57  258 57  HOH TIP A . 
C 3 HOH 58  259 58  HOH TIP A . 
C 3 HOH 59  260 59  HOH TIP A . 
C 3 HOH 60  261 60  HOH TIP A . 
C 3 HOH 61  262 61  HOH TIP A . 
C 3 HOH 62  263 62  HOH TIP A . 
C 3 HOH 63  264 63  HOH TIP A . 
C 3 HOH 64  265 64  HOH TIP A . 
C 3 HOH 65  266 65  HOH TIP A . 
C 3 HOH 66  267 66  HOH TIP A . 
C 3 HOH 67  268 67  HOH TIP A . 
C 3 HOH 68  269 68  HOH TIP A . 
C 3 HOH 69  270 69  HOH TIP A . 
C 3 HOH 70  271 70  HOH TIP A . 
C 3 HOH 71  272 71  HOH TIP A . 
C 3 HOH 72  273 72  HOH TIP A . 
C 3 HOH 73  274 73  HOH TIP A . 
C 3 HOH 74  275 74  HOH TIP A . 
C 3 HOH 75  276 75  HOH TIP A . 
C 3 HOH 76  277 76  HOH TIP A . 
C 3 HOH 77  278 77  HOH TIP A . 
C 3 HOH 78  279 78  HOH TIP A . 
C 3 HOH 79  280 79  HOH TIP A . 
C 3 HOH 80  281 80  HOH TIP A . 
C 3 HOH 81  282 81  HOH TIP A . 
C 3 HOH 82  283 82  HOH TIP A . 
C 3 HOH 83  284 83  HOH TIP A . 
C 3 HOH 84  285 84  HOH TIP A . 
C 3 HOH 85  286 85  HOH TIP A . 
C 3 HOH 86  287 86  HOH TIP A . 
C 3 HOH 87  288 87  HOH TIP A . 
C 3 HOH 88  289 88  HOH TIP A . 
C 3 HOH 89  290 89  HOH TIP A . 
C 3 HOH 90  291 90  HOH TIP A . 
C 3 HOH 91  292 91  HOH TIP A . 
C 3 HOH 92  293 92  HOH TIP A . 
C 3 HOH 93  294 93  HOH TIP A . 
C 3 HOH 94  295 94  HOH TIP A . 
C 3 HOH 95  296 95  HOH TIP A . 
C 3 HOH 96  297 96  HOH TIP A . 
C 3 HOH 97  298 97  HOH TIP A . 
C 3 HOH 98  299 98  HOH TIP A . 
C 3 HOH 99  300 99  HOH TIP A . 
C 3 HOH 100 301 100 HOH TIP A . 
C 3 HOH 101 302 101 HOH TIP A . 
C 3 HOH 102 303 102 HOH TIP A . 
C 3 HOH 103 304 103 HOH TIP A . 
C 3 HOH 104 305 104 HOH TIP A . 
C 3 HOH 105 306 105 HOH TIP A . 
C 3 HOH 106 307 106 HOH TIP A . 
C 3 HOH 107 308 107 HOH TIP A . 
C 3 HOH 108 309 108 HOH TIP A . 
C 3 HOH 109 310 109 HOH TIP A . 
C 3 HOH 110 311 110 HOH TIP A . 
C 3 HOH 111 312 111 HOH TIP A . 
C 3 HOH 112 313 112 HOH TIP A . 
C 3 HOH 113 314 113 HOH TIP A . 
C 3 HOH 114 315 114 HOH TIP A . 
C 3 HOH 115 316 115 HOH TIP A . 
C 3 HOH 116 317 116 HOH TIP A . 
C 3 HOH 117 318 117 HOH TIP A . 
C 3 HOH 118 319 118 HOH TIP A . 
C 3 HOH 119 320 119 HOH TIP A . 
C 3 HOH 120 321 120 HOH TIP A . 
C 3 HOH 121 322 121 HOH TIP A . 
C 3 HOH 122 323 122 HOH TIP A . 
C 3 HOH 123 324 123 HOH TIP A . 
C 3 HOH 124 325 124 HOH TIP A . 
C 3 HOH 125 326 125 HOH TIP A . 
C 3 HOH 126 327 126 HOH TIP A . 
C 3 HOH 127 328 127 HOH TIP A . 
C 3 HOH 128 329 128 HOH TIP A . 
C 3 HOH 129 330 129 HOH TIP A . 
C 3 HOH 130 331 130 HOH TIP A . 
C 3 HOH 131 332 131 HOH TIP A . 
C 3 HOH 132 333 132 HOH TIP A . 
C 3 HOH 133 334 133 HOH TIP A . 
C 3 HOH 134 335 134 HOH TIP A . 
C 3 HOH 135 336 135 HOH TIP A . 
C 3 HOH 136 337 136 HOH TIP A . 
C 3 HOH 137 338 137 HOH TIP A . 
C 3 HOH 138 339 138 HOH TIP A . 
C 3 HOH 139 340 139 HOH TIP A . 
C 3 HOH 140 341 140 HOH TIP A . 
C 3 HOH 141 342 141 HOH TIP A . 
C 3 HOH 142 343 142 HOH TIP A . 
C 3 HOH 143 344 143 HOH TIP A . 
C 3 HOH 144 345 144 HOH TIP A . 
C 3 HOH 145 346 145 HOH TIP A . 
C 3 HOH 146 347 146 HOH TIP A . 
# 
loop_
_software.name 
_software.classification 
_software.version 
_software.citation_id 
_software.pdbx_ordinal 
CNS       refinement        1.1     ? 1 
ADSC      'data collection' Quantum ? 2 
DENZO     'data reduction'  .       ? 3 
SCALEPACK 'data scaling'    .       ? 4 
SnB       phasing           .       ? 5 
# 
_cell.entry_id           2P6Y 
_cell.length_a           172.924 
_cell.length_b           172.924 
_cell.length_c           172.924 
_cell.angle_alpha        90.00 
_cell.angle_beta         90.00 
_cell.angle_gamma        90.00 
_cell.Z_PDB              96 
_cell.pdbx_unique_axis   ? 
_cell.length_a_esd       ? 
_cell.length_b_esd       ? 
_cell.length_c_esd       ? 
_cell.angle_alpha_esd    ? 
_cell.angle_beta_esd     ? 
_cell.angle_gamma_esd    ? 
# 
_symmetry.entry_id                         2P6Y 
_symmetry.space_group_name_H-M             'F 4 3 2' 
_symmetry.pdbx_full_space_group_name_H-M   ? 
_symmetry.cell_setting                     ? 
_symmetry.Int_Tables_number                209 
_symmetry.space_group_name_Hall            ? 
# 
_exptl.entry_id          2P6Y 
_exptl.method            'X-RAY DIFFRACTION' 
_exptl.crystals_number   1 
# 
_exptl_crystal.id                    1 
_exptl_crystal.density_meas          ? 
_exptl_crystal.density_Matthews      3.36 
_exptl_crystal.density_percent_sol   63.41 
_exptl_crystal.description           'THE STRUCTURE FACTOR FILE CONTAINS FRIEDEL PAIRS' 
_exptl_crystal.F_000                 ? 
_exptl_crystal.preparation           ? 
# 
_exptl_crystal_grow.crystal_id      1 
_exptl_crystal_grow.method          'VAPOR DIFFUSION, HANGING DROP' 
_exptl_crystal_grow.temp            293 
_exptl_crystal_grow.temp_details    ? 
_exptl_crystal_grow.pH              6.5 
_exptl_crystal_grow.pdbx_details    
'10 mM MgSO4, 50 mM Cacodylic acid, 200 mM (NH4)2SO4, pH 6.5, VAPOR DIFFUSION, HANGING DROP, temperature 293K' 
_exptl_crystal_grow.pdbx_pH_range   . 
# 
_diffrn.id                     1 
_diffrn.ambient_temp           100 
_diffrn.ambient_temp_details   ? 
_diffrn.crystal_id             1 
# 
_diffrn_detector.diffrn_id              1 
_diffrn_detector.detector               CCD 
_diffrn_detector.type                   'ADSC QUANTUM 4' 
_diffrn_detector.pdbx_collection_date   2007-03-07 
_diffrn_detector.details                mirrors 
# 
_diffrn_radiation.diffrn_id                        1 
_diffrn_radiation.wavelength_id                    1 
_diffrn_radiation.pdbx_monochromatic_or_laue_m_l   M 
_diffrn_radiation.monochromator                    ? 
_diffrn_radiation.pdbx_diffrn_protocol             'SINGLE WAVELENGTH' 
_diffrn_radiation.pdbx_scattering_type             x-ray 
# 
_diffrn_radiation_wavelength.id           1 
_diffrn_radiation_wavelength.wavelength   0.97900 
_diffrn_radiation_wavelength.wt           1.0 
# 
_diffrn_source.diffrn_id                   1 
_diffrn_source.source                      SYNCHROTRON 
_diffrn_source.type                        'NSLS BEAMLINE X4A' 
_diffrn_source.pdbx_synchrotron_site       NSLS 
_diffrn_source.pdbx_synchrotron_beamline   X4A 
_diffrn_source.pdbx_wavelength             ? 
_diffrn_source.pdbx_wavelength_list        0.97900 
# 
_reflns.entry_id                     2P6Y 
_reflns.observed_criterion_sigma_I   -3.0 
_reflns.observed_criterion_sigma_F   ? 
_reflns.d_resolution_low             50 
_reflns.d_resolution_high            1.63 
_reflns.number_obs                   51743 
_reflns.number_all                   ? 
_reflns.percent_possible_obs         99.2 
_reflns.pdbx_Rmerge_I_obs            ? 
_reflns.pdbx_Rsym_value              0.064 
_reflns.pdbx_netI_over_sigmaI        56 
_reflns.B_iso_Wilson_estimate        16.0 
_reflns.pdbx_redundancy              21.9 
_reflns.R_free_details               ? 
_reflns.limit_h_max                  ? 
_reflns.limit_h_min                  ? 
_reflns.limit_k_max                  ? 
_reflns.limit_k_min                  ? 
_reflns.limit_l_max                  ? 
_reflns.limit_l_min                  ? 
_reflns.observed_criterion_F_max     ? 
_reflns.observed_criterion_F_min     ? 
_reflns.pdbx_chi_squared             ? 
_reflns.pdbx_scaling_rejects         ? 
_reflns.pdbx_ordinal                 1 
_reflns.pdbx_diffrn_id               1 
# 
_reflns_shell.d_res_high             1.63 
_reflns_shell.d_res_low              1.69 
_reflns_shell.percent_possible_all   92.1 
_reflns_shell.Rmerge_I_obs           ? 
_reflns_shell.pdbx_Rsym_value        0.5 
_reflns_shell.meanI_over_sigI_obs    8.1 
_reflns_shell.pdbx_redundancy        ? 
_reflns_shell.percent_possible_obs   ? 
_reflns_shell.number_unique_all      ? 
_reflns_shell.number_measured_all    ? 
_reflns_shell.number_measured_obs    ? 
_reflns_shell.number_unique_obs      ? 
_reflns_shell.pdbx_chi_squared       ? 
_reflns_shell.pdbx_ordinal           1 
_reflns_shell.pdbx_diffrn_id         1 
# 
_refine.entry_id                                 2P6Y 
_refine.ls_number_reflns_obs                     48111 
_refine.ls_number_reflns_all                     ? 
_refine.pdbx_ls_sigma_I                          ? 
_refine.pdbx_ls_sigma_F                          1.0 
_refine.pdbx_data_cutoff_high_absF               96439.94 
_refine.pdbx_data_cutoff_low_absF                0.000000 
_refine.pdbx_data_cutoff_high_rms_absF           ? 
_refine.ls_d_res_low                             19.97 
_refine.ls_d_res_high                            1.63 
_refine.ls_percent_reflns_obs                    92.9 
_refine.ls_R_factor_obs                          0.207 
_refine.ls_R_factor_all                          ? 
_refine.ls_R_factor_R_work                       0.207 
_refine.ls_R_factor_R_free                       0.223 
_refine.ls_R_factor_R_free_error                 0.005 
_refine.ls_R_factor_R_free_error_details         ? 
_refine.ls_percent_reflns_R_free                 5.0 
_refine.ls_number_reflns_R_free                  2391 
_refine.ls_number_parameters                     ? 
_refine.ls_number_restraints                     ? 
_refine.occupancy_min                            ? 
_refine.occupancy_max                            ? 
_refine.correlation_coeff_Fo_to_Fc               ? 
_refine.correlation_coeff_Fo_to_Fc_free          ? 
_refine.B_iso_mean                               19.2 
_refine.aniso_B[1][1]                            0.00 
_refine.aniso_B[2][2]                            0.00 
_refine.aniso_B[3][3]                            0.00 
_refine.aniso_B[1][2]                            0.00 
_refine.aniso_B[1][3]                            0.00 
_refine.aniso_B[2][3]                            0.00 
_refine.solvent_model_details                    'FLAT MODEL' 
_refine.solvent_model_param_ksol                 0.380998 
_refine.solvent_model_param_bsol                 45.4679 
_refine.pdbx_solvent_vdw_probe_radii             ? 
_refine.pdbx_solvent_ion_probe_radii             ? 
_refine.pdbx_solvent_shrinkage_radii             ? 
_refine.pdbx_ls_cross_valid_method               THROUGHOUT 
_refine.details                                  'THE FRIEDEL PAIRS WERE USED FOR PHASING' 
_refine.pdbx_starting_model                      ? 
_refine.pdbx_method_to_determine_struct          'MOLECULAR REPLACEMENT' 
_refine.pdbx_isotropic_thermal_model             RESTRAINED 
_refine.pdbx_stereochemistry_target_values       'Engh & Huber' 
_refine.pdbx_stereochem_target_val_spec_case     ? 
_refine.pdbx_R_Free_selection_details            RANDOM 
_refine.pdbx_overall_ESU_R                       ? 
_refine.pdbx_overall_ESU_R_Free                  ? 
_refine.overall_SU_ML                            ? 
_refine.overall_SU_B                             ? 
_refine.ls_redundancy_reflns_obs                 ? 
_refine.B_iso_min                                ? 
_refine.B_iso_max                                ? 
_refine.overall_SU_R_Cruickshank_DPI             ? 
_refine.overall_SU_R_free                        ? 
_refine.ls_wR_factor_R_free                      ? 
_refine.ls_wR_factor_R_work                      ? 
_refine.overall_FOM_free_R_set                   ? 
_refine.overall_FOM_work_R_set                   ? 
_refine.pdbx_refine_id                           'X-RAY DIFFRACTION' 
_refine.pdbx_overall_phase_error                 ? 
_refine.pdbx_diffrn_id                           1 
_refine.pdbx_TLS_residual_ADP_flag               ? 
_refine.pdbx_overall_SU_R_free_Cruickshank_DPI   ? 
_refine.pdbx_overall_SU_R_Blow_DPI               ? 
_refine.pdbx_overall_SU_R_free_Blow_DPI          ? 
# 
_refine_analyze.entry_id                        2P6Y 
_refine_analyze.Luzzati_coordinate_error_obs    0.18 
_refine_analyze.Luzzati_sigma_a_obs             0.04 
_refine_analyze.Luzzati_d_res_low_obs           5.00 
_refine_analyze.Luzzati_coordinate_error_free   0.20 
_refine_analyze.Luzzati_sigma_a_free            0.01 
_refine_analyze.Luzzati_d_res_low_free          ? 
_refine_analyze.number_disordered_residues      ? 
_refine_analyze.occupancy_sum_hydrogen          ? 
_refine_analyze.occupancy_sum_non_hydrogen      ? 
_refine_analyze.pdbx_Luzzati_d_res_high_obs     ? 
_refine_analyze.pdbx_refine_id                  'X-RAY DIFFRACTION' 
# 
_refine_hist.pdbx_refine_id                   'X-RAY DIFFRACTION' 
_refine_hist.cycle_id                         LAST 
_refine_hist.pdbx_number_atoms_protein        1017 
_refine_hist.pdbx_number_atoms_nucleic_acid   0 
_refine_hist.pdbx_number_atoms_ligand         1 
_refine_hist.number_atoms_solvent             146 
_refine_hist.number_atoms_total               1164 
_refine_hist.d_res_high                       1.63 
_refine_hist.d_res_low                        19.97 
# 
loop_
_refine_ls_restr.type 
_refine_ls_restr.dev_ideal 
_refine_ls_restr.dev_ideal_target 
_refine_ls_restr.weight 
_refine_ls_restr.number 
_refine_ls_restr.pdbx_refine_id 
_refine_ls_restr.pdbx_restraint_function 
c_bond_d           0.004 ?    ? ? 'X-RAY DIFFRACTION' ? 
c_angle_deg        1.4   ?    ? ? 'X-RAY DIFFRACTION' ? 
c_dihedral_angle_d 26.1  ?    ? ? 'X-RAY DIFFRACTION' ? 
c_improper_angle_d 0.63  ?    ? ? 'X-RAY DIFFRACTION' ? 
c_mcbond_it        1.10  1.50 ? ? 'X-RAY DIFFRACTION' ? 
c_mcangle_it       1.71  2.00 ? ? 'X-RAY DIFFRACTION' ? 
c_scbond_it        2.15  2.00 ? ? 'X-RAY DIFFRACTION' ? 
c_scangle_it       3.04  2.50 ? ? 'X-RAY DIFFRACTION' ? 
# 
_refine_ls_shell.pdbx_total_number_of_bins_used   6 
_refine_ls_shell.d_res_high                       1.63 
_refine_ls_shell.d_res_low                        1.73 
_refine_ls_shell.number_reflns_R_work             6593 
_refine_ls_shell.R_factor_R_work                  0.21 
_refine_ls_shell.percent_reflns_obs               80.0 
_refine_ls_shell.R_factor_R_free                  0.218 
_refine_ls_shell.R_factor_R_free_error            0.012 
_refine_ls_shell.percent_reflns_R_free            4.8 
_refine_ls_shell.number_reflns_R_free             332 
_refine_ls_shell.number_reflns_all                ? 
_refine_ls_shell.R_factor_all                     ? 
_refine_ls_shell.number_reflns_obs                ? 
_refine_ls_shell.redundancy_reflns_obs            ? 
_refine_ls_shell.pdbx_refine_id                   'X-RAY DIFFRACTION' 
# 
loop_
_pdbx_xplor_file.serial_no 
_pdbx_xplor_file.param_file 
_pdbx_xplor_file.topol_file 
_pdbx_xplor_file.pdbx_refine_id 
1 protein_rep.param protein.top 'X-RAY DIFFRACTION' 
2 water_rep.param   water.top   'X-RAY DIFFRACTION' 
3 ion.param         ion.top     'X-RAY DIFFRACTION' 
# 
_struct.entry_id                  2P6Y 
_struct.title                     
;X-ray structure of the protein Q9KM02_VIBCH from Vibrio cholerae at the resolution 1.63 A. Northeast Structural Genomics Consortium target VcR80.
;
_struct.pdbx_model_details        ? 
_struct.pdbx_CASP_flag            N 
_struct.pdbx_model_type_details   ? 
# 
_struct_keywords.entry_id        2P6Y 
_struct_keywords.pdbx_keywords   'STRUCTURAL GENOMICS, UNKNOWN FUNCTION' 
_struct_keywords.text            
;NESG, Q9KM02_VIBCH, VcR80, Structural Genomics, PSI-2, Protein Structure Initiative, Northeast Structural Genomics Consortium, UNKNOWN FUNCTION
;
# 
loop_
_struct_asym.id 
_struct_asym.pdbx_blank_PDB_chainid_flag 
_struct_asym.pdbx_modified 
_struct_asym.entity_id 
_struct_asym.details 
A N N 1 ? 
B N N 2 ? 
C N N 3 ? 
# 
_struct_ref.id                         1 
_struct_ref.db_name                    UNP 
_struct_ref.db_code                    Q9KM02_VIBCH 
_struct_ref.pdbx_db_accession          Q9KM02 
_struct_ref.entity_id                  1 
_struct_ref.pdbx_seq_one_letter_code   
;MIHLIALRLTRGMDLKQQIVQLVQQHRIHAGSIASCVGCLSTLHIRLADSVSTLQVSAPFEILSLSGTLTYQHCHLHIAV
ADAQGRVWGGHLLEGNLINTTAELMIHHYPQHHFTREFDPNTGYSELVVS
;
_struct_ref.pdbx_align_begin           1 
_struct_ref.pdbx_db_isoform            ? 
# 
_struct_ref_seq.align_id                      1 
_struct_ref_seq.ref_id                        1 
_struct_ref_seq.pdbx_PDB_id_code              2P6Y 
_struct_ref_seq.pdbx_strand_id                A 
_struct_ref_seq.seq_align_beg                 1 
_struct_ref_seq.pdbx_seq_align_beg_ins_code   ? 
_struct_ref_seq.seq_align_end                 130 
_struct_ref_seq.pdbx_seq_align_end_ins_code   ? 
_struct_ref_seq.pdbx_db_accession             Q9KM02 
_struct_ref_seq.db_align_beg                  1 
_struct_ref_seq.pdbx_db_align_beg_ins_code    ? 
_struct_ref_seq.db_align_end                  130 
_struct_ref_seq.pdbx_db_align_end_ins_code    ? 
_struct_ref_seq.pdbx_auth_seq_align_beg       1 
_struct_ref_seq.pdbx_auth_seq_align_end       130 
# 
loop_
_struct_ref_seq_dif.align_id 
_struct_ref_seq_dif.pdbx_pdb_id_code 
_struct_ref_seq_dif.mon_id 
_struct_ref_seq_dif.pdbx_pdb_strand_id 
_struct_ref_seq_dif.seq_num 
_struct_ref_seq_dif.pdbx_pdb_ins_code 
_struct_ref_seq_dif.pdbx_seq_db_name 
_struct_ref_seq_dif.pdbx_seq_db_accession_code 
_struct_ref_seq_dif.db_mon_id 
_struct_ref_seq_dif.pdbx_seq_db_seq_num 
_struct_ref_seq_dif.details 
_struct_ref_seq_dif.pdbx_auth_seq_num 
_struct_ref_seq_dif.pdbx_ordinal 
1 2P6Y MSE A 1   ? UNP Q9KM02 MET 1   'modified residue' 1   1  
1 2P6Y MSE A 13  ? UNP Q9KM02 MET 13  'modified residue' 13  2  
1 2P6Y MSE A 105 ? UNP Q9KM02 MET 105 'modified residue' 105 3  
1 2P6Y ALA A 131 ? UNP Q9KM02 ?   ?   'cloning artifact' 131 4  
1 2P6Y ALA A 132 ? UNP Q9KM02 ?   ?   'cloning artifact' 132 5  
1 2P6Y ALA A 133 ? UNP Q9KM02 ?   ?   'cloning artifact' 133 6  
1 2P6Y LEU A 134 ? UNP Q9KM02 ?   ?   'cloning artifact' 134 7  
1 2P6Y GLU A 135 ? UNP Q9KM02 ?   ?   'cloning artifact' 135 8  
1 2P6Y HIS A 136 ? UNP Q9KM02 ?   ?   'cloning artifact' 136 9  
1 2P6Y HIS A 137 ? UNP Q9KM02 ?   ?   'cloning artifact' 137 10 
1 2P6Y HIS A 138 ? UNP Q9KM02 ?   ?   'cloning artifact' 138 11 
1 2P6Y HIS A 139 ? UNP Q9KM02 ?   ?   'cloning artifact' 139 12 
1 2P6Y HIS A 140 ? UNP Q9KM02 ?   ?   'cloning artifact' 140 13 
1 2P6Y HIS A 141 ? UNP Q9KM02 ?   ?   'cloning artifact' 141 14 
1 2P6Y HIS A 142 ? UNP Q9KM02 ?   ?   'cloning artifact' 142 15 
# 
loop_
_pdbx_struct_assembly.id 
_pdbx_struct_assembly.details 
_pdbx_struct_assembly.method_details 
_pdbx_struct_assembly.oligomeric_details 
_pdbx_struct_assembly.oligomeric_count 
1 author_and_software_defined_assembly PISA trimeric 3  
2 software_defined_assembly            PQS  24-meric 24 
# 
loop_
_pdbx_struct_assembly_prop.biol_id 
_pdbx_struct_assembly_prop.type 
_pdbx_struct_assembly_prop.value 
_pdbx_struct_assembly_prop.details 
1 'ABSA (A^2)' 7610  ? 
1 MORE         -161  ? 
1 'SSA (A^2)'  15080 ? 
# 
loop_
_pdbx_struct_assembly_gen.assembly_id 
_pdbx_struct_assembly_gen.oper_expression 
_pdbx_struct_assembly_gen.asym_id_list 
1 1,2,3                                                          A,B,C 
2 1,4,5,6,2,7,8,9,3,10,11,12,13,14,15,16,17,18,19,20,21,22,23,24 A,B,C 
# 
loop_
_pdbx_struct_oper_list.id 
_pdbx_struct_oper_list.type 
_pdbx_struct_oper_list.name 
_pdbx_struct_oper_list.symmetry_operation 
_pdbx_struct_oper_list.matrix[1][1] 
_pdbx_struct_oper_list.matrix[1][2] 
_pdbx_struct_oper_list.matrix[1][3] 
_pdbx_struct_oper_list.vector[1] 
_pdbx_struct_oper_list.matrix[2][1] 
_pdbx_struct_oper_list.matrix[2][2] 
_pdbx_struct_oper_list.matrix[2][3] 
_pdbx_struct_oper_list.vector[2] 
_pdbx_struct_oper_list.matrix[3][1] 
_pdbx_struct_oper_list.matrix[3][2] 
_pdbx_struct_oper_list.matrix[3][3] 
_pdbx_struct_oper_list.vector[3] 
1  'identity operation'         1_555  x,y,z          1.0000000000  0.0000000000  0.0000000000  0.0000000000   0.0000000000  1.0000000000  0.0000000000  0.0000000000  0.0000000000  0.0000000000  1.0000000000  0.0000000000   
2  'crystal symmetry operation' 5_555  z,x,y          0.5548708985  0.7836801080  0.2792199390  -8.5575370451  0.5404994452  -0.0844393159 -0.8370963814 9.3794248947  -0.6324386419 0.6153986434  -0.4704315826 -15.9508850275 
3  'crystal symmetry operation' 9_555  y,z,x          0.5548708985  0.5404994452  -0.6324386419 -10.4092017456 0.7836801080  -0.0844393159 0.6153986434  17.3145167844 0.2792199390  -0.8370963814 -0.4704315826 2.7371175232   
4  'crystal symmetry operation' 2_665  -x+1,-y+1,z    -0.9649290743 0.2531564810  0.0694527012  54.2379605329  0.2531564810  0.8273884303  0.5013383903  3.0466440517  0.0694527012  0.5013383903  -0.8624593560 -38.4931489161 
5  'crystal symmetry operation' 3_656  -x+1,y,-z+1    -0.6399820366 0.1565111414  -0.7522813672 38.3645939870  0.1565111414  -0.9319596801 -0.3270403908 54.5345749412 -0.7522813672 -0.3270403908 0.5719417167  29.7059219300  
6  'crystal symmetry operation' 4_566  x,-y+1,-z+1    0.6049111109  -0.4096676224 0.6828286660  33.0877859768  -0.4096676224 -0.8954287501 -0.1742979996 72.7728850990 0.6828286660  -0.1742979996 -0.7094823608 -34.1084985095 
7  'crystal symmetry operation' 6_566  z,-x+1,-y+1    -0.3176247851 0.9288606932  0.1906103578  13.1770684958  -0.6010585942 -0.3527017279 0.7171680817  70.6602315951 0.7333778441  0.1132223641  0.6703265130  -30.2697735442 
8  'crystal symmetry operation' 7_665  -z+1,-x+1,y    -0.4425046970 -0.7348309831 -0.5140165556 63.7620069800  0.2706063809  0.4370525506  -0.8577629362 0.6438847037  0.8549630283  -0.5186602880 0.0054521464  -20.6282371731 
9  'crystal symmetry operation' 8_656  -z+1,x,-y+1    0.2052585836  -0.9777098181 0.0441862588  57.3088020660  -0.2100472318 0.0000884932  0.9776912358  49.6705628984 -0.9559022305 -0.2099607196 -0.2053470768 23.9531702492  
10 'crystal symmetry operation' 10_656 -y+1,z,-x+1    -0.4425046970 0.2706063809  0.8549630283  45.6771283917  -0.7348309831 0.4370525506  -0.5186602880 35.8738393863 -0.5140165556 -0.8577629362 0.0054521464  33.4394958107  
11 'crystal symmetry operation' 11_566 y,-z+1,-x+1    0.2052585836  -0.2100472318 -0.9559022305 21.5669295683  -0.9777098181 0.0000884932  -0.2099607196 61.0562077974 0.0441862588  0.9776912358  -0.2053470768 -46.1760220922 
12 'crystal symmetry operation' 12_665 -y+1,-z+1,x    -0.3176247851 -0.6010585942 0.7333778441  68.8554842823  0.9288606932  -0.3527017279 0.1132223641  16.1095401238 0.1906103578  0.7171680817  0.6703265130  -32.8963167372 
13 'crystal symmetry operation' 13_556 y,x,-z+1       0.7425940193  -0.0583669889 -0.6671936879 2.8355161553   -0.0583669889 -0.9980450378 0.0223471940  67.1870341616 -0.6671936879 0.0223471940  -0.7445489814 1.5282647843   
14 'crystal symmetry operation' 14_666 -y+1,-x+1,-z+1 -0.7776649450 -0.1947894921 0.5977409867  68.6168638085  -0.1947894921 -0.8293433924 -0.5236855843 60.1204258786 0.5977409867  -0.5236855843 0.6070083374  -5.9308413639  
15 'crystal symmetry operation' 15_565 y,-x+1,z       0.0175354629  0.3888192023  -0.9211471845 8.3222116673   -0.1356627213 0.9136942151  0.3830907299  11.1836904202 0.9905998857  0.1182476605  0.0687703220  -44.9671693534 
16 'crystal symmetry operation' 16_655 -y+1,x,z       0.0175354629  -0.1356627213 0.9905998857  45.9157488655  0.3888192023  0.9136942151  0.1182476605  -8.1370463685 -0.9211471845 0.3830907299  0.0687703220  6.4740204373   
17 'crystal symmetry operation' 17_556 x,z,-y+1       0.8024555554  0.1762945394  0.5700748345  6.5756213440   -0.5859621618 0.0522856249  0.8086498367  57.9689658356 0.1127538315  -0.9829478363 0.1452588196  19.3236185125  
18 'crystal symmetry operation' 18_655 -x+1,z,y       -0.6900893539 0.6348112867  -0.3475504481 28.6923053021  0.6348112867  0.3003276098  -0.7119114813 -4.7806096649 -0.3475504481 -0.7119114813 -0.6102382558 16.8529948214  
19 'crystal symmetry operation' 19_666 -x+1,-z+1,-y+1 -0.9148217570 -0.2251436643 -0.3352782179 63.9102492178  -0.2251436643 -0.4048988597 0.8862094808  62.3618286579 -0.3352782179 0.8862094808  0.3197206166  -25.6402218075 
20 'crystal symmetry operation' 20_565 x,-z+1,y       0.8024555554  -0.5859621618 0.1127538315  26.5121646328  0.1762945394  0.0522856249  -0.9829478363 14.8039192634 0.5700748345  0.8086498367  0.1452588196  -53.4321170220 
21 'crystal symmetry operation' 21_556 z,y,-x+1       0.1800089817  0.9648055458  -0.1916951363 -7.7310785495  -0.8082944044 0.0340201599  -0.5877948490 50.5750872614 -0.5605862309 0.2607544582  0.7859708584  6.8222312862   
22 'crystal symmetry operation' 22_565 z,-y+1,x       0.0572371317  0.7477352553  0.6615254331  12.3506100002  0.7477352553  -0.4711612038 0.4678665493  29.4645692284 0.6615254331  0.4678665493  -0.5860759280 -53.0428898578 
23 'crystal symmetry operation' 23_655 -z+1,y,x       0.1800089817  -0.8082944044 -0.5605862309 46.0956725365  0.9648055458  0.0340201599  0.2607544582  3.9594876798  -0.1916951363 -0.5877948490 0.7859708584  22.8836906438  
24 'crystal symmetry operation' 24_666 -z+1,-y+1,-x+1 -0.4172550951 -0.9042463967 0.0907559341  74.9751365095  -0.9042463967 0.4031208839  -0.1408261586 46.3549599223 0.0907559341  -0.1408261586 -0.9858657888 -19.5587575678 
# 
_struct_biol.id   1 
# 
_struct_conf.conf_type_id            HELX_P 
_struct_conf.id                      HELX_P1 
_struct_conf.pdbx_PDB_helix_id       1 
_struct_conf.beg_label_comp_id       ASP 
_struct_conf.beg_label_asym_id       A 
_struct_conf.beg_label_seq_id        14 
_struct_conf.pdbx_beg_PDB_ins_code   ? 
_struct_conf.end_label_comp_id       HIS 
_struct_conf.end_label_asym_id       A 
_struct_conf.end_label_seq_id        26 
_struct_conf.pdbx_end_PDB_ins_code   ? 
_struct_conf.beg_auth_comp_id        ASP 
_struct_conf.beg_auth_asym_id        A 
_struct_conf.beg_auth_seq_id         14 
_struct_conf.end_auth_comp_id        HIS 
_struct_conf.end_auth_asym_id        A 
_struct_conf.end_auth_seq_id         26 
_struct_conf.pdbx_PDB_helix_class    1 
_struct_conf.details                 ? 
_struct_conf.pdbx_PDB_helix_length   13 
# 
_struct_conf_type.id          HELX_P 
_struct_conf_type.criteria    ? 
_struct_conf_type.reference   ? 
# 
loop_
_struct_conn.id 
_struct_conn.conn_type_id 
_struct_conn.pdbx_leaving_atom_flag 
_struct_conn.pdbx_PDB_id 
_struct_conn.ptnr1_label_asym_id 
_struct_conn.ptnr1_label_comp_id 
_struct_conn.ptnr1_label_seq_id 
_struct_conn.ptnr1_label_atom_id 
_struct_conn.pdbx_ptnr1_label_alt_id 
_struct_conn.pdbx_ptnr1_PDB_ins_code 
_struct_conn.pdbx_ptnr1_standard_comp_id 
_struct_conn.ptnr1_symmetry 
_struct_conn.ptnr2_label_asym_id 
_struct_conn.ptnr2_label_comp_id 
_struct_conn.ptnr2_label_seq_id 
_struct_conn.ptnr2_label_atom_id 
_struct_conn.pdbx_ptnr2_label_alt_id 
_struct_conn.pdbx_ptnr2_PDB_ins_code 
_struct_conn.ptnr1_auth_asym_id 
_struct_conn.ptnr1_auth_comp_id 
_struct_conn.ptnr1_auth_seq_id 
_struct_conn.ptnr2_auth_asym_id 
_struct_conn.ptnr2_auth_comp_id 
_struct_conn.ptnr2_auth_seq_id 
_struct_conn.ptnr2_symmetry 
_struct_conn.pdbx_ptnr3_label_atom_id 
_struct_conn.pdbx_ptnr3_label_seq_id 
_struct_conn.pdbx_ptnr3_label_comp_id 
_struct_conn.pdbx_ptnr3_label_asym_id 
_struct_conn.pdbx_ptnr3_label_alt_id 
_struct_conn.pdbx_ptnr3_PDB_ins_code 
_struct_conn.details 
_struct_conn.pdbx_dist_value 
_struct_conn.pdbx_value_order 
_struct_conn.pdbx_role 
covale1 covale both ? A MSE 1   C   ? ? ? 1_555 A ILE 2   N  ? ? A MSE 1   A ILE 2   1_555 ? ? ? ? ? ? ? 1.329 ? ? 
covale2 covale both ? A GLY 12  C   ? ? ? 1_555 A MSE 13  N  ? ? A GLY 12  A MSE 13  1_555 ? ? ? ? ? ? ? 1.330 ? ? 
covale3 covale both ? A MSE 13  C   ? ? ? 1_555 A ASP 14  N  ? ? A MSE 13  A ASP 14  1_555 ? ? ? ? ? ? ? 1.327 ? ? 
covale4 covale both ? A LEU 104 C   ? ? ? 1_555 A MSE 105 N  ? ? A LEU 104 A MSE 105 1_555 ? ? ? ? ? ? ? 1.327 ? ? 
covale5 covale both ? A MSE 105 C   ? ? ? 1_555 A ILE 106 N  ? ? A MSE 105 A ILE 106 1_555 ? ? ? ? ? ? ? 1.325 ? ? 
metalc1 metalc ?    ? A HIS 75  NE2 ? ? ? 1_555 B ZN  .   ZN ? ? A HIS 75  A ZN  201 1_555 ? ? ? ? ? ? ? 2.156 ? ? 
metalc2 metalc ?    ? A HIS 77  NE2 ? ? ? 1_555 B ZN  .   ZN ? ? A HIS 77  A ZN  201 1_555 ? ? ? ? ? ? ? 2.117 ? ? 
metalc3 metalc ?    ? A HIS 91  ND1 ? ? ? 1_555 B ZN  .   ZN ? ? A HIS 91  A ZN  201 1_555 ? ? ? ? ? ? ? 2.335 ? ? 
# 
loop_
_struct_conn_type.id 
_struct_conn_type.criteria 
_struct_conn_type.reference 
covale ? ? 
metalc ? ? 
# 
loop_
_pdbx_struct_conn_angle.id 
_pdbx_struct_conn_angle.ptnr1_label_atom_id 
_pdbx_struct_conn_angle.ptnr1_label_alt_id 
_pdbx_struct_conn_angle.ptnr1_label_asym_id 
_pdbx_struct_conn_angle.ptnr1_label_comp_id 
_pdbx_struct_conn_angle.ptnr1_label_seq_id 
_pdbx_struct_conn_angle.ptnr1_auth_atom_id 
_pdbx_struct_conn_angle.ptnr1_auth_asym_id 
_pdbx_struct_conn_angle.ptnr1_auth_comp_id 
_pdbx_struct_conn_angle.ptnr1_auth_seq_id 
_pdbx_struct_conn_angle.ptnr1_PDB_ins_code 
_pdbx_struct_conn_angle.ptnr1_symmetry 
_pdbx_struct_conn_angle.ptnr2_label_atom_id 
_pdbx_struct_conn_angle.ptnr2_label_alt_id 
_pdbx_struct_conn_angle.ptnr2_label_asym_id 
_pdbx_struct_conn_angle.ptnr2_label_comp_id 
_pdbx_struct_conn_angle.ptnr2_label_seq_id 
_pdbx_struct_conn_angle.ptnr2_auth_atom_id 
_pdbx_struct_conn_angle.ptnr2_auth_asym_id 
_pdbx_struct_conn_angle.ptnr2_auth_comp_id 
_pdbx_struct_conn_angle.ptnr2_auth_seq_id 
_pdbx_struct_conn_angle.ptnr2_PDB_ins_code 
_pdbx_struct_conn_angle.ptnr2_symmetry 
_pdbx_struct_conn_angle.ptnr3_label_atom_id 
_pdbx_struct_conn_angle.ptnr3_label_alt_id 
_pdbx_struct_conn_angle.ptnr3_label_asym_id 
_pdbx_struct_conn_angle.ptnr3_label_comp_id 
_pdbx_struct_conn_angle.ptnr3_label_seq_id 
_pdbx_struct_conn_angle.ptnr3_auth_atom_id 
_pdbx_struct_conn_angle.ptnr3_auth_asym_id 
_pdbx_struct_conn_angle.ptnr3_auth_comp_id 
_pdbx_struct_conn_angle.ptnr3_auth_seq_id 
_pdbx_struct_conn_angle.ptnr3_PDB_ins_code 
_pdbx_struct_conn_angle.ptnr3_symmetry 
_pdbx_struct_conn_angle.value 
_pdbx_struct_conn_angle.value_esd 
1 NE2 ? A HIS 75 ? A HIS 75 ? 1_555 ZN ? B ZN . ? A ZN 201 ? 1_555 NE2 ? A HIS 77 ? A HIS 77 ? 1_555 102.2 ? 
2 NE2 ? A HIS 75 ? A HIS 75 ? 1_555 ZN ? B ZN . ? A ZN 201 ? 1_555 ND1 ? A HIS 91 ? A HIS 91 ? 1_555 103.4 ? 
3 NE2 ? A HIS 77 ? A HIS 77 ? 1_555 ZN ? B ZN . ? A ZN 201 ? 1_555 ND1 ? A HIS 91 ? A HIS 91 ? 1_555 109.6 ? 
# 
loop_
_pdbx_modification_feature.ordinal 
_pdbx_modification_feature.label_comp_id 
_pdbx_modification_feature.label_asym_id 
_pdbx_modification_feature.label_seq_id 
_pdbx_modification_feature.label_alt_id 
_pdbx_modification_feature.modified_residue_label_comp_id 
_pdbx_modification_feature.modified_residue_label_asym_id 
_pdbx_modification_feature.modified_residue_label_seq_id 
_pdbx_modification_feature.modified_residue_label_alt_id 
_pdbx_modification_feature.auth_comp_id 
_pdbx_modification_feature.auth_asym_id 
_pdbx_modification_feature.auth_seq_id 
_pdbx_modification_feature.PDB_ins_code 
_pdbx_modification_feature.symmetry 
_pdbx_modification_feature.modified_residue_auth_comp_id 
_pdbx_modification_feature.modified_residue_auth_asym_id 
_pdbx_modification_feature.modified_residue_auth_seq_id 
_pdbx_modification_feature.modified_residue_PDB_ins_code 
_pdbx_modification_feature.modified_residue_symmetry 
_pdbx_modification_feature.comp_id_linking_atom 
_pdbx_modification_feature.modified_residue_id_linking_atom 
_pdbx_modification_feature.modified_residue_id 
_pdbx_modification_feature.ref_pcm_id 
_pdbx_modification_feature.ref_comp_id 
_pdbx_modification_feature.type 
_pdbx_modification_feature.category 
1 MSE A 1   ? . . . . MSE A 1   ? 1_555 . . . . . . . MET 1 MSE Selenomethionine 'Named protein modification' 
2 MSE A 13  ? . . . . MSE A 13  ? 1_555 . . . . . . . MET 1 MSE Selenomethionine 'Named protein modification' 
3 MSE A 105 ? . . . . MSE A 105 ? 1_555 . . . . . . . MET 1 MSE Selenomethionine 'Named protein modification' 
# 
loop_
_struct_sheet.id 
_struct_sheet.type 
_struct_sheet.number_strands 
_struct_sheet.details 
A ? 8 ? 
B ? 2 ? 
# 
loop_
_struct_sheet_order.sheet_id 
_struct_sheet_order.range_id_1 
_struct_sheet_order.range_id_2 
_struct_sheet_order.offset 
_struct_sheet_order.sense 
A 1 2 ? anti-parallel 
A 2 3 ? anti-parallel 
A 3 4 ? anti-parallel 
A 4 5 ? anti-parallel 
A 5 6 ? anti-parallel 
A 6 7 ? anti-parallel 
A 7 8 ? anti-parallel 
B 1 2 ? anti-parallel 
# 
loop_
_struct_sheet_range.sheet_id 
_struct_sheet_range.id 
_struct_sheet_range.beg_label_comp_id 
_struct_sheet_range.beg_label_asym_id 
_struct_sheet_range.beg_label_seq_id 
_struct_sheet_range.pdbx_beg_PDB_ins_code 
_struct_sheet_range.end_label_comp_id 
_struct_sheet_range.end_label_asym_id 
_struct_sheet_range.end_label_seq_id 
_struct_sheet_range.pdbx_end_PDB_ins_code 
_struct_sheet_range.beg_auth_comp_id 
_struct_sheet_range.beg_auth_asym_id 
_struct_sheet_range.beg_auth_seq_id 
_struct_sheet_range.end_auth_comp_id 
_struct_sheet_range.end_auth_asym_id 
_struct_sheet_range.end_auth_seq_id 
A 1 THR A 53  ? VAL A 56  ? THR A 53  VAL A 56  
A 2 GLY A 31  ? ARG A 46  ? GLY A 31  ARG A 46  
A 3 PHE A 60  ? LEU A 69  ? PHE A 60  LEU A 69  
A 4 CYS A 74  ? ALA A 81  ? CYS A 74  ALA A 81  
A 5 VAL A 87  ? LEU A 92  ? VAL A 87  LEU A 92  
A 6 GLY A 31  ? ARG A 46  ? GLY A 31  ARG A 46  
A 7 LEU A 97  ? HIS A 108 ? LEU A 97  HIS A 108 
A 8 HIS A 3   ? LEU A 9   ? HIS A 3   LEU A 9   
B 1 HIS A 112 ? PHE A 118 ? HIS A 112 PHE A 118 
B 2 SER A 125 ? ALA A 131 ? SER A 125 ALA A 131 
# 
loop_
_pdbx_struct_sheet_hbond.sheet_id 
_pdbx_struct_sheet_hbond.range_id_1 
_pdbx_struct_sheet_hbond.range_id_2 
_pdbx_struct_sheet_hbond.range_1_label_atom_id 
_pdbx_struct_sheet_hbond.range_1_label_comp_id 
_pdbx_struct_sheet_hbond.range_1_label_asym_id 
_pdbx_struct_sheet_hbond.range_1_label_seq_id 
_pdbx_struct_sheet_hbond.range_1_PDB_ins_code 
_pdbx_struct_sheet_hbond.range_1_auth_atom_id 
_pdbx_struct_sheet_hbond.range_1_auth_comp_id 
_pdbx_struct_sheet_hbond.range_1_auth_asym_id 
_pdbx_struct_sheet_hbond.range_1_auth_seq_id 
_pdbx_struct_sheet_hbond.range_2_label_atom_id 
_pdbx_struct_sheet_hbond.range_2_label_comp_id 
_pdbx_struct_sheet_hbond.range_2_label_asym_id 
_pdbx_struct_sheet_hbond.range_2_label_seq_id 
_pdbx_struct_sheet_hbond.range_2_PDB_ins_code 
_pdbx_struct_sheet_hbond.range_2_auth_atom_id 
_pdbx_struct_sheet_hbond.range_2_auth_comp_id 
_pdbx_struct_sheet_hbond.range_2_auth_asym_id 
_pdbx_struct_sheet_hbond.range_2_auth_seq_id 
A 1 2 O VAL A 56  ? O VAL A 56  N LEU A 43  ? N LEU A 43  
A 2 3 N GLY A 38  ? N GLY A 38  O ILE A 62  ? O ILE A 62  
A 3 4 N SER A 66  ? N SER A 66  O HIS A 77  ? O HIS A 77  
A 4 5 N LEU A 76  ? N LEU A 76  O LEU A 92  ? O LEU A 92  
A 5 6 O HIS A 91  ? O HIS A 91  N ARG A 46  ? N ARG A 46  
A 6 7 N VAL A 37  ? N VAL A 37  O GLU A 103 ? O GLU A 103 
A 7 8 O HIS A 108 ? O HIS A 108 N HIS A 3   ? N HIS A 3   
B 1 2 N GLU A 117 ? N GLU A 117 O GLU A 126 ? O GLU A 126 
# 
_struct_site.id                   AC1 
_struct_site.pdbx_evidence_code   Software 
_struct_site.pdbx_auth_asym_id    A 
_struct_site.pdbx_auth_comp_id    ZN 
_struct_site.pdbx_auth_seq_id     201 
_struct_site.pdbx_auth_ins_code   ? 
_struct_site.pdbx_num_residues    4 
_struct_site.details              'BINDING SITE FOR RESIDUE ZN A 201' 
# 
loop_
_struct_site_gen.id 
_struct_site_gen.site_id 
_struct_site_gen.pdbx_num_res 
_struct_site_gen.label_comp_id 
_struct_site_gen.label_asym_id 
_struct_site_gen.label_seq_id 
_struct_site_gen.pdbx_auth_ins_code 
_struct_site_gen.auth_comp_id 
_struct_site_gen.auth_asym_id 
_struct_site_gen.auth_seq_id 
_struct_site_gen.label_atom_id 
_struct_site_gen.label_alt_id 
_struct_site_gen.symmetry 
_struct_site_gen.details 
1 AC1 4 GLU A 61 ? GLU A 61 . ? 9_555 ? 
2 AC1 4 HIS A 75 ? HIS A 75 . ? 1_555 ? 
3 AC1 4 HIS A 77 ? HIS A 77 . ? 1_555 ? 
4 AC1 4 HIS A 91 ? HIS A 91 . ? 1_555 ? 
# 
_pdbx_entry_details.entry_id                   2P6Y 
_pdbx_entry_details.compound_details           ? 
_pdbx_entry_details.source_details             ? 
_pdbx_entry_details.nonpolymer_details         ? 
_pdbx_entry_details.sequence_details           ? 
_pdbx_entry_details.has_ligand_of_interest     ? 
_pdbx_entry_details.has_protein_modification   Y 
# 
loop_
_pdbx_validate_close_contact.id 
_pdbx_validate_close_contact.PDB_model_num 
_pdbx_validate_close_contact.auth_atom_id_1 
_pdbx_validate_close_contact.auth_asym_id_1 
_pdbx_validate_close_contact.auth_comp_id_1 
_pdbx_validate_close_contact.auth_seq_id_1 
_pdbx_validate_close_contact.PDB_ins_code_1 
_pdbx_validate_close_contact.label_alt_id_1 
_pdbx_validate_close_contact.auth_atom_id_2 
_pdbx_validate_close_contact.auth_asym_id_2 
_pdbx_validate_close_contact.auth_comp_id_2 
_pdbx_validate_close_contact.auth_seq_id_2 
_pdbx_validate_close_contact.PDB_ins_code_2 
_pdbx_validate_close_contact.label_alt_id_2 
_pdbx_validate_close_contact.dist 
1 1 O A HOH 209 ? ? O A HOH 274 ? ? 1.63 
2 1 O A HOH 210 ? ? O A HOH 257 ? ? 2.12 
# 
_pdbx_validate_symm_contact.id                1 
_pdbx_validate_symm_contact.PDB_model_num     1 
_pdbx_validate_symm_contact.auth_atom_id_1    O 
_pdbx_validate_symm_contact.auth_asym_id_1    A 
_pdbx_validate_symm_contact.auth_comp_id_1    HOH 
_pdbx_validate_symm_contact.auth_seq_id_1     262 
_pdbx_validate_symm_contact.PDB_ins_code_1    ? 
_pdbx_validate_symm_contact.label_alt_id_1    ? 
_pdbx_validate_symm_contact.site_symmetry_1   1_555 
_pdbx_validate_symm_contact.auth_atom_id_2    O 
_pdbx_validate_symm_contact.auth_asym_id_2    A 
_pdbx_validate_symm_contact.auth_comp_id_2    HOH 
_pdbx_validate_symm_contact.auth_seq_id_2     262 
_pdbx_validate_symm_contact.PDB_ins_code_2    ? 
_pdbx_validate_symm_contact.label_alt_id_2    ? 
_pdbx_validate_symm_contact.site_symmetry_2   28_555 
_pdbx_validate_symm_contact.dist              2.08 
# 
loop_
_pdbx_validate_torsion.id 
_pdbx_validate_torsion.PDB_model_num 
_pdbx_validate_torsion.auth_comp_id 
_pdbx_validate_torsion.auth_asym_id 
_pdbx_validate_torsion.auth_seq_id 
_pdbx_validate_torsion.PDB_ins_code 
_pdbx_validate_torsion.label_alt_id 
_pdbx_validate_torsion.phi 
_pdbx_validate_torsion.psi 
1 1 CYS A 36 ? ? -155.70 54.25  
2 1 VAL A 51 ? ? -133.90 -47.26 
# 
_pdbx_SG_project.id                    1 
_pdbx_SG_project.project_name          'PSI, Protein Structure Initiative' 
_pdbx_SG_project.full_name_of_center   'Northeast Structural Genomics Consortium' 
_pdbx_SG_project.initial_of_center     NESG 
# 
loop_
_pdbx_struct_mod_residue.id 
_pdbx_struct_mod_residue.label_asym_id 
_pdbx_struct_mod_residue.label_comp_id 
_pdbx_struct_mod_residue.label_seq_id 
_pdbx_struct_mod_residue.auth_asym_id 
_pdbx_struct_mod_residue.auth_comp_id 
_pdbx_struct_mod_residue.auth_seq_id 
_pdbx_struct_mod_residue.PDB_ins_code 
_pdbx_struct_mod_residue.parent_comp_id 
_pdbx_struct_mod_residue.details 
1 A MSE 1   A MSE 1   ? MET SELENOMETHIONINE 
2 A MSE 13  A MSE 13  ? MET SELENOMETHIONINE 
3 A MSE 105 A MSE 105 ? MET SELENOMETHIONINE 
# 
_pdbx_database_remark.id     300 
_pdbx_database_remark.text   
;
BIOMOLECULE: 1
THIS ENTRY CONTAINS THE CRYSTALLOGRAPHIC ASYMMETRIC UNIT
WHICH CONSISTS OF 1 CHAIN(S). SEE REMARK 350 FOR INFORMATION
ON GENERATING THE BIOLOGICAL MOLECULE(S). THE TRIMERIC
ASSEMBLY OF THE BIOLOGICAL UNIT, SHOWN IN REMARK 350,
HAS BEEN EXPERIMENTALLY DETERMINED BY THE AUTHORS.
;
# 
loop_
_pdbx_unobs_or_zero_occ_residues.id 
_pdbx_unobs_or_zero_occ_residues.PDB_model_num 
_pdbx_unobs_or_zero_occ_residues.polymer_flag 
_pdbx_unobs_or_zero_occ_residues.occupancy_flag 
_pdbx_unobs_or_zero_occ_residues.auth_asym_id 
_pdbx_unobs_or_zero_occ_residues.auth_comp_id 
_pdbx_unobs_or_zero_occ_residues.auth_seq_id 
_pdbx_unobs_or_zero_occ_residues.PDB_ins_code 
_pdbx_unobs_or_zero_occ_residues.label_asym_id 
_pdbx_unobs_or_zero_occ_residues.label_comp_id 
_pdbx_unobs_or_zero_occ_residues.label_seq_id 
1  1 Y 1 A THR 100 ? A THR 100 
2  1 Y 1 A ALA 133 ? A ALA 133 
3  1 Y 1 A LEU 134 ? A LEU 134 
4  1 Y 1 A GLU 135 ? A GLU 135 
5  1 Y 1 A HIS 136 ? A HIS 136 
6  1 Y 1 A HIS 137 ? A HIS 137 
7  1 Y 1 A HIS 138 ? A HIS 138 
8  1 Y 1 A HIS 139 ? A HIS 139 
9  1 Y 1 A HIS 140 ? A HIS 140 
10 1 Y 1 A HIS 141 ? A HIS 141 
11 1 Y 1 A HIS 142 ? A HIS 142 
# 
loop_
_chem_comp_atom.comp_id 
_chem_comp_atom.atom_id 
_chem_comp_atom.type_symbol 
_chem_comp_atom.pdbx_aromatic_flag 
_chem_comp_atom.pdbx_stereo_config 
_chem_comp_atom.pdbx_ordinal 
ALA N    N  N N 1   
ALA CA   C  N S 2   
ALA C    C  N N 3   
ALA O    O  N N 4   
ALA CB   C  N N 5   
ALA OXT  O  N N 6   
ALA H    H  N N 7   
ALA H2   H  N N 8   
ALA HA   H  N N 9   
ALA HB1  H  N N 10  
ALA HB2  H  N N 11  
ALA HB3  H  N N 12  
ALA HXT  H  N N 13  
ARG N    N  N N 14  
ARG CA   C  N S 15  
ARG C    C  N N 16  
ARG O    O  N N 17  
ARG CB   C  N N 18  
ARG CG   C  N N 19  
ARG CD   C  N N 20  
ARG NE   N  N N 21  
ARG CZ   C  N N 22  
ARG NH1  N  N N 23  
ARG NH2  N  N N 24  
ARG OXT  O  N N 25  
ARG H    H  N N 26  
ARG H2   H  N N 27  
ARG HA   H  N N 28  
ARG HB2  H  N N 29  
ARG HB3  H  N N 30  
ARG HG2  H  N N 31  
ARG HG3  H  N N 32  
ARG HD2  H  N N 33  
ARG HD3  H  N N 34  
ARG HE   H  N N 35  
ARG HH11 H  N N 36  
ARG HH12 H  N N 37  
ARG HH21 H  N N 38  
ARG HH22 H  N N 39  
ARG HXT  H  N N 40  
ASN N    N  N N 41  
ASN CA   C  N S 42  
ASN C    C  N N 43  
ASN O    O  N N 44  
ASN CB   C  N N 45  
ASN CG   C  N N 46  
ASN OD1  O  N N 47  
ASN ND2  N  N N 48  
ASN OXT  O  N N 49  
ASN H    H  N N 50  
ASN H2   H  N N 51  
ASN HA   H  N N 52  
ASN HB2  H  N N 53  
ASN HB3  H  N N 54  
ASN HD21 H  N N 55  
ASN HD22 H  N N 56  
ASN HXT  H  N N 57  
ASP N    N  N N 58  
ASP CA   C  N S 59  
ASP C    C  N N 60  
ASP O    O  N N 61  
ASP CB   C  N N 62  
ASP CG   C  N N 63  
ASP OD1  O  N N 64  
ASP OD2  O  N N 65  
ASP OXT  O  N N 66  
ASP H    H  N N 67  
ASP H2   H  N N 68  
ASP HA   H  N N 69  
ASP HB2  H  N N 70  
ASP HB3  H  N N 71  
ASP HD2  H  N N 72  
ASP HXT  H  N N 73  
CYS N    N  N N 74  
CYS CA   C  N R 75  
CYS C    C  N N 76  
CYS O    O  N N 77  
CYS CB   C  N N 78  
CYS SG   S  N N 79  
CYS OXT  O  N N 80  
CYS H    H  N N 81  
CYS H2   H  N N 82  
CYS HA   H  N N 83  
CYS HB2  H  N N 84  
CYS HB3  H  N N 85  
CYS HG   H  N N 86  
CYS HXT  H  N N 87  
GLN N    N  N N 88  
GLN CA   C  N S 89  
GLN C    C  N N 90  
GLN O    O  N N 91  
GLN CB   C  N N 92  
GLN CG   C  N N 93  
GLN CD   C  N N 94  
GLN OE1  O  N N 95  
GLN NE2  N  N N 96  
GLN OXT  O  N N 97  
GLN H    H  N N 98  
GLN H2   H  N N 99  
GLN HA   H  N N 100 
GLN HB2  H  N N 101 
GLN HB3  H  N N 102 
GLN HG2  H  N N 103 
GLN HG3  H  N N 104 
GLN HE21 H  N N 105 
GLN HE22 H  N N 106 
GLN HXT  H  N N 107 
GLU N    N  N N 108 
GLU CA   C  N S 109 
GLU C    C  N N 110 
GLU O    O  N N 111 
GLU CB   C  N N 112 
GLU CG   C  N N 113 
GLU CD   C  N N 114 
GLU OE1  O  N N 115 
GLU OE2  O  N N 116 
GLU OXT  O  N N 117 
GLU H    H  N N 118 
GLU H2   H  N N 119 
GLU HA   H  N N 120 
GLU HB2  H  N N 121 
GLU HB3  H  N N 122 
GLU HG2  H  N N 123 
GLU HG3  H  N N 124 
GLU HE2  H  N N 125 
GLU HXT  H  N N 126 
GLY N    N  N N 127 
GLY CA   C  N N 128 
GLY C    C  N N 129 
GLY O    O  N N 130 
GLY OXT  O  N N 131 
GLY H    H  N N 132 
GLY H2   H  N N 133 
GLY HA2  H  N N 134 
GLY HA3  H  N N 135 
GLY HXT  H  N N 136 
HIS N    N  N N 137 
HIS CA   C  N S 138 
HIS C    C  N N 139 
HIS O    O  N N 140 
HIS CB   C  N N 141 
HIS CG   C  Y N 142 
HIS ND1  N  Y N 143 
HIS CD2  C  Y N 144 
HIS CE1  C  Y N 145 
HIS NE2  N  Y N 146 
HIS OXT  O  N N 147 
HIS H    H  N N 148 
HIS H2   H  N N 149 
HIS HA   H  N N 150 
HIS HB2  H  N N 151 
HIS HB3  H  N N 152 
HIS HD1  H  N N 153 
HIS HD2  H  N N 154 
HIS HE1  H  N N 155 
HIS HE2  H  N N 156 
HIS HXT  H  N N 157 
HOH O    O  N N 158 
HOH H1   H  N N 159 
HOH H2   H  N N 160 
ILE N    N  N N 161 
ILE CA   C  N S 162 
ILE C    C  N N 163 
ILE O    O  N N 164 
ILE CB   C  N S 165 
ILE CG1  C  N N 166 
ILE CG2  C  N N 167 
ILE CD1  C  N N 168 
ILE OXT  O  N N 169 
ILE H    H  N N 170 
ILE H2   H  N N 171 
ILE HA   H  N N 172 
ILE HB   H  N N 173 
ILE HG12 H  N N 174 
ILE HG13 H  N N 175 
ILE HG21 H  N N 176 
ILE HG22 H  N N 177 
ILE HG23 H  N N 178 
ILE HD11 H  N N 179 
ILE HD12 H  N N 180 
ILE HD13 H  N N 181 
ILE HXT  H  N N 182 
LEU N    N  N N 183 
LEU CA   C  N S 184 
LEU C    C  N N 185 
LEU O    O  N N 186 
LEU CB   C  N N 187 
LEU CG   C  N N 188 
LEU CD1  C  N N 189 
LEU CD2  C  N N 190 
LEU OXT  O  N N 191 
LEU H    H  N N 192 
LEU H2   H  N N 193 
LEU HA   H  N N 194 
LEU HB2  H  N N 195 
LEU HB3  H  N N 196 
LEU HG   H  N N 197 
LEU HD11 H  N N 198 
LEU HD12 H  N N 199 
LEU HD13 H  N N 200 
LEU HD21 H  N N 201 
LEU HD22 H  N N 202 
LEU HD23 H  N N 203 
LEU HXT  H  N N 204 
LYS N    N  N N 205 
LYS CA   C  N S 206 
LYS C    C  N N 207 
LYS O    O  N N 208 
LYS CB   C  N N 209 
LYS CG   C  N N 210 
LYS CD   C  N N 211 
LYS CE   C  N N 212 
LYS NZ   N  N N 213 
LYS OXT  O  N N 214 
LYS H    H  N N 215 
LYS H2   H  N N 216 
LYS HA   H  N N 217 
LYS HB2  H  N N 218 
LYS HB3  H  N N 219 
LYS HG2  H  N N 220 
LYS HG3  H  N N 221 
LYS HD2  H  N N 222 
LYS HD3  H  N N 223 
LYS HE2  H  N N 224 
LYS HE3  H  N N 225 
LYS HZ1  H  N N 226 
LYS HZ2  H  N N 227 
LYS HZ3  H  N N 228 
LYS HXT  H  N N 229 
MET N    N  N N 230 
MET CA   C  N S 231 
MET C    C  N N 232 
MET O    O  N N 233 
MET CB   C  N N 234 
MET CG   C  N N 235 
MET SD   S  N N 236 
MET CE   C  N N 237 
MET OXT  O  N N 238 
MET H    H  N N 239 
MET H2   H  N N 240 
MET HA   H  N N 241 
MET HB2  H  N N 242 
MET HB3  H  N N 243 
MET HG2  H  N N 244 
MET HG3  H  N N 245 
MET HE1  H  N N 246 
MET HE2  H  N N 247 
MET HE3  H  N N 248 
MET HXT  H  N N 249 
MSE N    N  N N 250 
MSE CA   C  N S 251 
MSE C    C  N N 252 
MSE O    O  N N 253 
MSE OXT  O  N N 254 
MSE CB   C  N N 255 
MSE CG   C  N N 256 
MSE SE   SE N N 257 
MSE CE   C  N N 258 
MSE H    H  N N 259 
MSE H2   H  N N 260 
MSE HA   H  N N 261 
MSE HXT  H  N N 262 
MSE HB2  H  N N 263 
MSE HB3  H  N N 264 
MSE HG2  H  N N 265 
MSE HG3  H  N N 266 
MSE HE1  H  N N 267 
MSE HE2  H  N N 268 
MSE HE3  H  N N 269 
PHE N    N  N N 270 
PHE CA   C  N S 271 
PHE C    C  N N 272 
PHE O    O  N N 273 
PHE CB   C  N N 274 
PHE CG   C  Y N 275 
PHE CD1  C  Y N 276 
PHE CD2  C  Y N 277 
PHE CE1  C  Y N 278 
PHE CE2  C  Y N 279 
PHE CZ   C  Y N 280 
PHE OXT  O  N N 281 
PHE H    H  N N 282 
PHE H2   H  N N 283 
PHE HA   H  N N 284 
PHE HB2  H  N N 285 
PHE HB3  H  N N 286 
PHE HD1  H  N N 287 
PHE HD2  H  N N 288 
PHE HE1  H  N N 289 
PHE HE2  H  N N 290 
PHE HZ   H  N N 291 
PHE HXT  H  N N 292 
PRO N    N  N N 293 
PRO CA   C  N S 294 
PRO C    C  N N 295 
PRO O    O  N N 296 
PRO CB   C  N N 297 
PRO CG   C  N N 298 
PRO CD   C  N N 299 
PRO OXT  O  N N 300 
PRO H    H  N N 301 
PRO HA   H  N N 302 
PRO HB2  H  N N 303 
PRO HB3  H  N N 304 
PRO HG2  H  N N 305 
PRO HG3  H  N N 306 
PRO HD2  H  N N 307 
PRO HD3  H  N N 308 
PRO HXT  H  N N 309 
SER N    N  N N 310 
SER CA   C  N S 311 
SER C    C  N N 312 
SER O    O  N N 313 
SER CB   C  N N 314 
SER OG   O  N N 315 
SER OXT  O  N N 316 
SER H    H  N N 317 
SER H2   H  N N 318 
SER HA   H  N N 319 
SER HB2  H  N N 320 
SER HB3  H  N N 321 
SER HG   H  N N 322 
SER HXT  H  N N 323 
THR N    N  N N 324 
THR CA   C  N S 325 
THR C    C  N N 326 
THR O    O  N N 327 
THR CB   C  N R 328 
THR OG1  O  N N 329 
THR CG2  C  N N 330 
THR OXT  O  N N 331 
THR H    H  N N 332 
THR H2   H  N N 333 
THR HA   H  N N 334 
THR HB   H  N N 335 
THR HG1  H  N N 336 
THR HG21 H  N N 337 
THR HG22 H  N N 338 
THR HG23 H  N N 339 
THR HXT  H  N N 340 
TRP N    N  N N 341 
TRP CA   C  N S 342 
TRP C    C  N N 343 
TRP O    O  N N 344 
TRP CB   C  N N 345 
TRP CG   C  Y N 346 
TRP CD1  C  Y N 347 
TRP CD2  C  Y N 348 
TRP NE1  N  Y N 349 
TRP CE2  C  Y N 350 
TRP CE3  C  Y N 351 
TRP CZ2  C  Y N 352 
TRP CZ3  C  Y N 353 
TRP CH2  C  Y N 354 
TRP OXT  O  N N 355 
TRP H    H  N N 356 
TRP H2   H  N N 357 
TRP HA   H  N N 358 
TRP HB2  H  N N 359 
TRP HB3  H  N N 360 
TRP HD1  H  N N 361 
TRP HE1  H  N N 362 
TRP HE3  H  N N 363 
TRP HZ2  H  N N 364 
TRP HZ3  H  N N 365 
TRP HH2  H  N N 366 
TRP HXT  H  N N 367 
TYR N    N  N N 368 
TYR CA   C  N S 369 
TYR C    C  N N 370 
TYR O    O  N N 371 
TYR CB   C  N N 372 
TYR CG   C  Y N 373 
TYR CD1  C  Y N 374 
TYR CD2  C  Y N 375 
TYR CE1  C  Y N 376 
TYR CE2  C  Y N 377 
TYR CZ   C  Y N 378 
TYR OH   O  N N 379 
TYR OXT  O  N N 380 
TYR H    H  N N 381 
TYR H2   H  N N 382 
TYR HA   H  N N 383 
TYR HB2  H  N N 384 
TYR HB3  H  N N 385 
TYR HD1  H  N N 386 
TYR HD2  H  N N 387 
TYR HE1  H  N N 388 
TYR HE2  H  N N 389 
TYR HH   H  N N 390 
TYR HXT  H  N N 391 
VAL N    N  N N 392 
VAL CA   C  N S 393 
VAL C    C  N N 394 
VAL O    O  N N 395 
VAL CB   C  N N 396 
VAL CG1  C  N N 397 
VAL CG2  C  N N 398 
VAL OXT  O  N N 399 
VAL H    H  N N 400 
VAL H2   H  N N 401 
VAL HA   H  N N 402 
VAL HB   H  N N 403 
VAL HG11 H  N N 404 
VAL HG12 H  N N 405 
VAL HG13 H  N N 406 
VAL HG21 H  N N 407 
VAL HG22 H  N N 408 
VAL HG23 H  N N 409 
VAL HXT  H  N N 410 
ZN  ZN   ZN N N 411 
# 
loop_
_chem_comp_bond.comp_id 
_chem_comp_bond.atom_id_1 
_chem_comp_bond.atom_id_2 
_chem_comp_bond.value_order 
_chem_comp_bond.pdbx_aromatic_flag 
_chem_comp_bond.pdbx_stereo_config 
_chem_comp_bond.pdbx_ordinal 
ALA N   CA   sing N N 1   
ALA N   H    sing N N 2   
ALA N   H2   sing N N 3   
ALA CA  C    sing N N 4   
ALA CA  CB   sing N N 5   
ALA CA  HA   sing N N 6   
ALA C   O    doub N N 7   
ALA C   OXT  sing N N 8   
ALA CB  HB1  sing N N 9   
ALA CB  HB2  sing N N 10  
ALA CB  HB3  sing N N 11  
ALA OXT HXT  sing N N 12  
ARG N   CA   sing N N 13  
ARG N   H    sing N N 14  
ARG N   H2   sing N N 15  
ARG CA  C    sing N N 16  
ARG CA  CB   sing N N 17  
ARG CA  HA   sing N N 18  
ARG C   O    doub N N 19  
ARG C   OXT  sing N N 20  
ARG CB  CG   sing N N 21  
ARG CB  HB2  sing N N 22  
ARG CB  HB3  sing N N 23  
ARG CG  CD   sing N N 24  
ARG CG  HG2  sing N N 25  
ARG CG  HG3  sing N N 26  
ARG CD  NE   sing N N 27  
ARG CD  HD2  sing N N 28  
ARG CD  HD3  sing N N 29  
ARG NE  CZ   sing N N 30  
ARG NE  HE   sing N N 31  
ARG CZ  NH1  sing N N 32  
ARG CZ  NH2  doub N N 33  
ARG NH1 HH11 sing N N 34  
ARG NH1 HH12 sing N N 35  
ARG NH2 HH21 sing N N 36  
ARG NH2 HH22 sing N N 37  
ARG OXT HXT  sing N N 38  
ASN N   CA   sing N N 39  
ASN N   H    sing N N 40  
ASN N   H2   sing N N 41  
ASN CA  C    sing N N 42  
ASN CA  CB   sing N N 43  
ASN CA  HA   sing N N 44  
ASN C   O    doub N N 45  
ASN C   OXT  sing N N 46  
ASN CB  CG   sing N N 47  
ASN CB  HB2  sing N N 48  
ASN CB  HB3  sing N N 49  
ASN CG  OD1  doub N N 50  
ASN CG  ND2  sing N N 51  
ASN ND2 HD21 sing N N 52  
ASN ND2 HD22 sing N N 53  
ASN OXT HXT  sing N N 54  
ASP N   CA   sing N N 55  
ASP N   H    sing N N 56  
ASP N   H2   sing N N 57  
ASP CA  C    sing N N 58  
ASP CA  CB   sing N N 59  
ASP CA  HA   sing N N 60  
ASP C   O    doub N N 61  
ASP C   OXT  sing N N 62  
ASP CB  CG   sing N N 63  
ASP CB  HB2  sing N N 64  
ASP CB  HB3  sing N N 65  
ASP CG  OD1  doub N N 66  
ASP CG  OD2  sing N N 67  
ASP OD2 HD2  sing N N 68  
ASP OXT HXT  sing N N 69  
CYS N   CA   sing N N 70  
CYS N   H    sing N N 71  
CYS N   H2   sing N N 72  
CYS CA  C    sing N N 73  
CYS CA  CB   sing N N 74  
CYS CA  HA   sing N N 75  
CYS C   O    doub N N 76  
CYS C   OXT  sing N N 77  
CYS CB  SG   sing N N 78  
CYS CB  HB2  sing N N 79  
CYS CB  HB3  sing N N 80  
CYS SG  HG   sing N N 81  
CYS OXT HXT  sing N N 82  
GLN N   CA   sing N N 83  
GLN N   H    sing N N 84  
GLN N   H2   sing N N 85  
GLN CA  C    sing N N 86  
GLN CA  CB   sing N N 87  
GLN CA  HA   sing N N 88  
GLN C   O    doub N N 89  
GLN C   OXT  sing N N 90  
GLN CB  CG   sing N N 91  
GLN CB  HB2  sing N N 92  
GLN CB  HB3  sing N N 93  
GLN CG  CD   sing N N 94  
GLN CG  HG2  sing N N 95  
GLN CG  HG3  sing N N 96  
GLN CD  OE1  doub N N 97  
GLN CD  NE2  sing N N 98  
GLN NE2 HE21 sing N N 99  
GLN NE2 HE22 sing N N 100 
GLN OXT HXT  sing N N 101 
GLU N   CA   sing N N 102 
GLU N   H    sing N N 103 
GLU N   H2   sing N N 104 
GLU CA  C    sing N N 105 
GLU CA  CB   sing N N 106 
GLU CA  HA   sing N N 107 
GLU C   O    doub N N 108 
GLU C   OXT  sing N N 109 
GLU CB  CG   sing N N 110 
GLU CB  HB2  sing N N 111 
GLU CB  HB3  sing N N 112 
GLU CG  CD   sing N N 113 
GLU CG  HG2  sing N N 114 
GLU CG  HG3  sing N N 115 
GLU CD  OE1  doub N N 116 
GLU CD  OE2  sing N N 117 
GLU OE2 HE2  sing N N 118 
GLU OXT HXT  sing N N 119 
GLY N   CA   sing N N 120 
GLY N   H    sing N N 121 
GLY N   H2   sing N N 122 
GLY CA  C    sing N N 123 
GLY CA  HA2  sing N N 124 
GLY CA  HA3  sing N N 125 
GLY C   O    doub N N 126 
GLY C   OXT  sing N N 127 
GLY OXT HXT  sing N N 128 
HIS N   CA   sing N N 129 
HIS N   H    sing N N 130 
HIS N   H2   sing N N 131 
HIS CA  C    sing N N 132 
HIS CA  CB   sing N N 133 
HIS CA  HA   sing N N 134 
HIS C   O    doub N N 135 
HIS C   OXT  sing N N 136 
HIS CB  CG   sing N N 137 
HIS CB  HB2  sing N N 138 
HIS CB  HB3  sing N N 139 
HIS CG  ND1  sing Y N 140 
HIS CG  CD2  doub Y N 141 
HIS ND1 CE1  doub Y N 142 
HIS ND1 HD1  sing N N 143 
HIS CD2 NE2  sing Y N 144 
HIS CD2 HD2  sing N N 145 
HIS CE1 NE2  sing Y N 146 
HIS CE1 HE1  sing N N 147 
HIS NE2 HE2  sing N N 148 
HIS OXT HXT  sing N N 149 
HOH O   H1   sing N N 150 
HOH O   H2   sing N N 151 
ILE N   CA   sing N N 152 
ILE N   H    sing N N 153 
ILE N   H2   sing N N 154 
ILE CA  C    sing N N 155 
ILE CA  CB   sing N N 156 
ILE CA  HA   sing N N 157 
ILE C   O    doub N N 158 
ILE C   OXT  sing N N 159 
ILE CB  CG1  sing N N 160 
ILE CB  CG2  sing N N 161 
ILE CB  HB   sing N N 162 
ILE CG1 CD1  sing N N 163 
ILE CG1 HG12 sing N N 164 
ILE CG1 HG13 sing N N 165 
ILE CG2 HG21 sing N N 166 
ILE CG2 HG22 sing N N 167 
ILE CG2 HG23 sing N N 168 
ILE CD1 HD11 sing N N 169 
ILE CD1 HD12 sing N N 170 
ILE CD1 HD13 sing N N 171 
ILE OXT HXT  sing N N 172 
LEU N   CA   sing N N 173 
LEU N   H    sing N N 174 
LEU N   H2   sing N N 175 
LEU CA  C    sing N N 176 
LEU CA  CB   sing N N 177 
LEU CA  HA   sing N N 178 
LEU C   O    doub N N 179 
LEU C   OXT  sing N N 180 
LEU CB  CG   sing N N 181 
LEU CB  HB2  sing N N 182 
LEU CB  HB3  sing N N 183 
LEU CG  CD1  sing N N 184 
LEU CG  CD2  sing N N 185 
LEU CG  HG   sing N N 186 
LEU CD1 HD11 sing N N 187 
LEU CD1 HD12 sing N N 188 
LEU CD1 HD13 sing N N 189 
LEU CD2 HD21 sing N N 190 
LEU CD2 HD22 sing N N 191 
LEU CD2 HD23 sing N N 192 
LEU OXT HXT  sing N N 193 
LYS N   CA   sing N N 194 
LYS N   H    sing N N 195 
LYS N   H2   sing N N 196 
LYS CA  C    sing N N 197 
LYS CA  CB   sing N N 198 
LYS CA  HA   sing N N 199 
LYS C   O    doub N N 200 
LYS C   OXT  sing N N 201 
LYS CB  CG   sing N N 202 
LYS CB  HB2  sing N N 203 
LYS CB  HB3  sing N N 204 
LYS CG  CD   sing N N 205 
LYS CG  HG2  sing N N 206 
LYS CG  HG3  sing N N 207 
LYS CD  CE   sing N N 208 
LYS CD  HD2  sing N N 209 
LYS CD  HD3  sing N N 210 
LYS CE  NZ   sing N N 211 
LYS CE  HE2  sing N N 212 
LYS CE  HE3  sing N N 213 
LYS NZ  HZ1  sing N N 214 
LYS NZ  HZ2  sing N N 215 
LYS NZ  HZ3  sing N N 216 
LYS OXT HXT  sing N N 217 
MET N   CA   sing N N 218 
MET N   H    sing N N 219 
MET N   H2   sing N N 220 
MET CA  C    sing N N 221 
MET CA  CB   sing N N 222 
MET CA  HA   sing N N 223 
MET C   O    doub N N 224 
MET C   OXT  sing N N 225 
MET CB  CG   sing N N 226 
MET CB  HB2  sing N N 227 
MET CB  HB3  sing N N 228 
MET CG  SD   sing N N 229 
MET CG  HG2  sing N N 230 
MET CG  HG3  sing N N 231 
MET SD  CE   sing N N 232 
MET CE  HE1  sing N N 233 
MET CE  HE2  sing N N 234 
MET CE  HE3  sing N N 235 
MET OXT HXT  sing N N 236 
MSE N   CA   sing N N 237 
MSE N   H    sing N N 238 
MSE N   H2   sing N N 239 
MSE CA  C    sing N N 240 
MSE CA  CB   sing N N 241 
MSE CA  HA   sing N N 242 
MSE C   O    doub N N 243 
MSE C   OXT  sing N N 244 
MSE OXT HXT  sing N N 245 
MSE CB  CG   sing N N 246 
MSE CB  HB2  sing N N 247 
MSE CB  HB3  sing N N 248 
MSE CG  SE   sing N N 249 
MSE CG  HG2  sing N N 250 
MSE CG  HG3  sing N N 251 
MSE SE  CE   sing N N 252 
MSE CE  HE1  sing N N 253 
MSE CE  HE2  sing N N 254 
MSE CE  HE3  sing N N 255 
PHE N   CA   sing N N 256 
PHE N   H    sing N N 257 
PHE N   H2   sing N N 258 
PHE CA  C    sing N N 259 
PHE CA  CB   sing N N 260 
PHE CA  HA   sing N N 261 
PHE C   O    doub N N 262 
PHE C   OXT  sing N N 263 
PHE CB  CG   sing N N 264 
PHE CB  HB2  sing N N 265 
PHE CB  HB3  sing N N 266 
PHE CG  CD1  doub Y N 267 
PHE CG  CD2  sing Y N 268 
PHE CD1 CE1  sing Y N 269 
PHE CD1 HD1  sing N N 270 
PHE CD2 CE2  doub Y N 271 
PHE CD2 HD2  sing N N 272 
PHE CE1 CZ   doub Y N 273 
PHE CE1 HE1  sing N N 274 
PHE CE2 CZ   sing Y N 275 
PHE CE2 HE2  sing N N 276 
PHE CZ  HZ   sing N N 277 
PHE OXT HXT  sing N N 278 
PRO N   CA   sing N N 279 
PRO N   CD   sing N N 280 
PRO N   H    sing N N 281 
PRO CA  C    sing N N 282 
PRO CA  CB   sing N N 283 
PRO CA  HA   sing N N 284 
PRO C   O    doub N N 285 
PRO C   OXT  sing N N 286 
PRO CB  CG   sing N N 287 
PRO CB  HB2  sing N N 288 
PRO CB  HB3  sing N N 289 
PRO CG  CD   sing N N 290 
PRO CG  HG2  sing N N 291 
PRO CG  HG3  sing N N 292 
PRO CD  HD2  sing N N 293 
PRO CD  HD3  sing N N 294 
PRO OXT HXT  sing N N 295 
SER N   CA   sing N N 296 
SER N   H    sing N N 297 
SER N   H2   sing N N 298 
SER CA  C    sing N N 299 
SER CA  CB   sing N N 300 
SER CA  HA   sing N N 301 
SER C   O    doub N N 302 
SER C   OXT  sing N N 303 
SER CB  OG   sing N N 304 
SER CB  HB2  sing N N 305 
SER CB  HB3  sing N N 306 
SER OG  HG   sing N N 307 
SER OXT HXT  sing N N 308 
THR N   CA   sing N N 309 
THR N   H    sing N N 310 
THR N   H2   sing N N 311 
THR CA  C    sing N N 312 
THR CA  CB   sing N N 313 
THR CA  HA   sing N N 314 
THR C   O    doub N N 315 
THR C   OXT  sing N N 316 
THR CB  OG1  sing N N 317 
THR CB  CG2  sing N N 318 
THR CB  HB   sing N N 319 
THR OG1 HG1  sing N N 320 
THR CG2 HG21 sing N N 321 
THR CG2 HG22 sing N N 322 
THR CG2 HG23 sing N N 323 
THR OXT HXT  sing N N 324 
TRP N   CA   sing N N 325 
TRP N   H    sing N N 326 
TRP N   H2   sing N N 327 
TRP CA  C    sing N N 328 
TRP CA  CB   sing N N 329 
TRP CA  HA   sing N N 330 
TRP C   O    doub N N 331 
TRP C   OXT  sing N N 332 
TRP CB  CG   sing N N 333 
TRP CB  HB2  sing N N 334 
TRP CB  HB3  sing N N 335 
TRP CG  CD1  doub Y N 336 
TRP CG  CD2  sing Y N 337 
TRP CD1 NE1  sing Y N 338 
TRP CD1 HD1  sing N N 339 
TRP CD2 CE2  doub Y N 340 
TRP CD2 CE3  sing Y N 341 
TRP NE1 CE2  sing Y N 342 
TRP NE1 HE1  sing N N 343 
TRP CE2 CZ2  sing Y N 344 
TRP CE3 CZ3  doub Y N 345 
TRP CE3 HE3  sing N N 346 
TRP CZ2 CH2  doub Y N 347 
TRP CZ2 HZ2  sing N N 348 
TRP CZ3 CH2  sing Y N 349 
TRP CZ3 HZ3  sing N N 350 
TRP CH2 HH2  sing N N 351 
TRP OXT HXT  sing N N 352 
TYR N   CA   sing N N 353 
TYR N   H    sing N N 354 
TYR N   H2   sing N N 355 
TYR CA  C    sing N N 356 
TYR CA  CB   sing N N 357 
TYR CA  HA   sing N N 358 
TYR C   O    doub N N 359 
TYR C   OXT  sing N N 360 
TYR CB  CG   sing N N 361 
TYR CB  HB2  sing N N 362 
TYR CB  HB3  sing N N 363 
TYR CG  CD1  doub Y N 364 
TYR CG  CD2  sing Y N 365 
TYR CD1 CE1  sing Y N 366 
TYR CD1 HD1  sing N N 367 
TYR CD2 CE2  doub Y N 368 
TYR CD2 HD2  sing N N 369 
TYR CE1 CZ   doub Y N 370 
TYR CE1 HE1  sing N N 371 
TYR CE2 CZ   sing Y N 372 
TYR CE2 HE2  sing N N 373 
TYR CZ  OH   sing N N 374 
TYR OH  HH   sing N N 375 
TYR OXT HXT  sing N N 376 
VAL N   CA   sing N N 377 
VAL N   H    sing N N 378 
VAL N   H2   sing N N 379 
VAL CA  C    sing N N 380 
VAL CA  CB   sing N N 381 
VAL CA  HA   sing N N 382 
VAL C   O    doub N N 383 
VAL C   OXT  sing N N 384 
VAL CB  CG1  sing N N 385 
VAL CB  CG2  sing N N 386 
VAL CB  HB   sing N N 387 
VAL CG1 HG11 sing N N 388 
VAL CG1 HG12 sing N N 389 
VAL CG1 HG13 sing N N 390 
VAL CG2 HG21 sing N N 391 
VAL CG2 HG22 sing N N 392 
VAL CG2 HG23 sing N N 393 
VAL OXT HXT  sing N N 394 
# 
_atom_sites.entry_id                    2P6Y 
_atom_sites.fract_transf_matrix[1][1]   0.00518040 
_atom_sites.fract_transf_matrix[1][2]   -0.00132234 
_atom_sites.fract_transf_matrix[1][3]   0.00220407 
_atom_sites.fract_transf_matrix[2][1]   0.00245358 
_atom_sites.fract_transf_matrix[2][2]   0.00106665 
_atom_sites.fract_transf_matrix[2][3]   -0.00512692 
_atom_sites.fract_transf_matrix[3][1]   0.00076579 
_atom_sites.fract_transf_matrix[3][2]   0.00552782 
_atom_sites.fract_transf_matrix[3][3]   0.00151654 
_atom_sites.fract_transf_vector[1]      0.403958 
_atom_sites.fract_transf_vector[2]      0.333171 
_atom_sites.fract_transf_vector[3]      0.312066 
# 
loop_
_atom_type.symbol 
C  
N  
O  
S  
SE 
ZN 
# 
loop_
_atom_site.group_PDB 
_atom_site.id 
_atom_site.type_symbol 
_atom_site.label_atom_id 
_atom_site.label_alt_id 
_atom_site.label_comp_id 
_atom_site.label_asym_id 
_atom_site.label_entity_id 
_atom_site.label_seq_id 
_atom_site.pdbx_PDB_ins_code 
_atom_site.Cartn_x 
_atom_site.Cartn_y 
_atom_site.Cartn_z 
_atom_site.occupancy 
_atom_site.B_iso_or_equiv 
_atom_site.pdbx_formal_charge 
_atom_site.auth_seq_id 
_atom_site.auth_comp_id 
_atom_site.auth_asym_id 
_atom_site.auth_atom_id 
_atom_site.pdbx_PDB_model_num 
HETATM 1    N  N   . MSE A 1 1   ? 13.394  17.804  -2.766  1.00 37.76 ? 1   MSE A N   1 
HETATM 2    C  CA  . MSE A 1 1   ? 12.569  17.654  -3.996  1.00 36.71 ? 1   MSE A CA  1 
HETATM 3    C  C   . MSE A 1 1   ? 11.915  16.277  -4.034  1.00 34.15 ? 1   MSE A C   1 
HETATM 4    O  O   . MSE A 1 1   ? 12.560  15.268  -3.743  1.00 33.58 ? 1   MSE A O   1 
HETATM 5    C  CB  . MSE A 1 1   ? 13.442  17.836  -5.241  1.00 40.94 ? 1   MSE A CB  1 
HETATM 6    C  CG  . MSE A 1 1   ? 12.680  17.747  -6.552  1.00 46.08 ? 1   MSE A CG  1 
HETATM 7    SE SE  . MSE A 1 1   ? 13.834  17.830  -8.100  1.00 55.06 ? 1   MSE A SE  1 
HETATM 8    C  CE  . MSE A 1 1   ? 13.968  19.752  -8.266  1.00 52.07 ? 1   MSE A CE  1 
ATOM   9    N  N   . ILE A 1 2   ? 10.637  16.241  -4.396  1.00 30.62 ? 2   ILE A N   1 
ATOM   10   C  CA  . ILE A 1 2   ? 9.902   14.985  -4.475  1.00 27.56 ? 2   ILE A CA  1 
ATOM   11   C  C   . ILE A 1 2   ? 10.364  14.193  -5.694  1.00 25.34 ? 2   ILE A C   1 
ATOM   12   O  O   . ILE A 1 2   ? 10.456  14.733  -6.797  1.00 24.49 ? 2   ILE A O   1 
ATOM   13   C  CB  . ILE A 1 2   ? 8.383   15.229  -4.599  1.00 27.26 ? 2   ILE A CB  1 
ATOM   14   C  CG1 . ILE A 1 2   ? 7.900   16.106  -3.441  1.00 28.29 ? 2   ILE A CG1 1 
ATOM   15   C  CG2 . ILE A 1 2   ? 7.642   13.902  -4.596  1.00 27.08 ? 2   ILE A CG2 1 
ATOM   16   C  CD1 . ILE A 1 2   ? 6.436   16.486  -3.534  1.00 28.71 ? 2   ILE A CD1 1 
ATOM   17   N  N   . HIS A 1 3   ? 10.652  12.913  -5.489  1.00 23.29 ? 3   HIS A N   1 
ATOM   18   C  CA  . HIS A 1 3   ? 11.103  12.049  -6.570  1.00 22.52 ? 3   HIS A CA  1 
ATOM   19   C  C   . HIS A 1 3   ? 10.067  10.987  -6.912  1.00 21.04 ? 3   HIS A C   1 
ATOM   20   O  O   . HIS A 1 3   ? 9.357   10.492  -6.036  1.00 19.44 ? 3   HIS A O   1 
ATOM   21   C  CB  . HIS A 1 3   ? 12.424  11.374  -6.189  1.00 25.88 ? 3   HIS A CB  1 
ATOM   22   C  CG  . HIS A 1 3   ? 13.571  12.329  -6.054  1.00 29.70 ? 3   HIS A CG  1 
ATOM   23   N  ND1 . HIS A 1 3   ? 14.814  11.939  -5.604  1.00 33.33 ? 3   HIS A ND1 1 
ATOM   24   C  CD2 . HIS A 1 3   ? 13.662  13.654  -6.313  1.00 32.69 ? 3   HIS A CD2 1 
ATOM   25   C  CE1 . HIS A 1 3   ? 15.622  12.985  -5.591  1.00 32.55 ? 3   HIS A CE1 1 
ATOM   26   N  NE2 . HIS A 1 3   ? 14.948  14.038  -6.016  1.00 32.59 ? 3   HIS A NE2 1 
ATOM   27   N  N   . LEU A 1 4   ? 9.986   10.645  -8.193  1.00 18.46 ? 4   LEU A N   1 
ATOM   28   C  CA  . LEU A 1 4   ? 9.048   9.637   -8.667  1.00 18.17 ? 4   LEU A CA  1 
ATOM   29   C  C   . LEU A 1 4   ? 9.736   8.319   -8.969  1.00 17.22 ? 4   LEU A C   1 
ATOM   30   O  O   . LEU A 1 4   ? 10.806  8.284   -9.577  1.00 18.30 ? 4   LEU A O   1 
ATOM   31   C  CB  . LEU A 1 4   ? 8.344   10.096  -9.947  1.00 19.21 ? 4   LEU A CB  1 
ATOM   32   C  CG  . LEU A 1 4   ? 7.621   8.954   -10.685 1.00 22.48 ? 4   LEU A CG  1 
ATOM   33   C  CD1 . LEU A 1 4   ? 6.319   8.629   -9.969  1.00 22.38 ? 4   LEU A CD1 1 
ATOM   34   C  CD2 . LEU A 1 4   ? 7.344   9.344   -12.129 1.00 23.12 ? 4   LEU A CD2 1 
ATOM   35   N  N   . ILE A 1 5   ? 9.107   7.233   -8.540  1.00 14.90 ? 5   ILE A N   1 
ATOM   36   C  CA  . ILE A 1 5   ? 9.604   5.896   -8.809  1.00 14.49 ? 5   ILE A CA  1 
ATOM   37   C  C   . ILE A 1 5   ? 8.404   5.166   -9.395  1.00 14.30 ? 5   ILE A C   1 
ATOM   38   O  O   . ILE A 1 5   ? 7.371   5.036   -8.736  1.00 14.15 ? 5   ILE A O   1 
ATOM   39   C  CB  . ILE A 1 5   ? 10.070  5.195   -7.529  1.00 16.75 ? 5   ILE A CB  1 
ATOM   40   C  CG1 . ILE A 1 5   ? 11.219  5.991   -6.904  1.00 20.06 ? 5   ILE A CG1 1 
ATOM   41   C  CG2 . ILE A 1 5   ? 10.511  3.774   -7.849  1.00 19.12 ? 5   ILE A CG2 1 
ATOM   42   C  CD1 . ILE A 1 5   ? 11.660  5.478   -5.559  1.00 22.30 ? 5   ILE A CD1 1 
ATOM   43   N  N   . ALA A 1 6   ? 8.535   4.720   -10.640 1.00 13.11 ? 6   ALA A N   1 
ATOM   44   C  CA  . ALA A 1 6   ? 7.455   4.026   -11.332 1.00 13.98 ? 6   ALA A CA  1 
ATOM   45   C  C   . ALA A 1 6   ? 7.858   2.602   -11.677 1.00 15.39 ? 6   ALA A C   1 
ATOM   46   O  O   . ALA A 1 6   ? 9.013   2.337   -12.016 1.00 16.71 ? 6   ALA A O   1 
ATOM   47   C  CB  . ALA A 1 6   ? 7.080   4.782   -12.595 1.00 13.51 ? 6   ALA A CB  1 
ATOM   48   N  N   . LEU A 1 7   ? 6.894   1.690   -11.606 1.00 15.15 ? 7   LEU A N   1 
ATOM   49   C  CA  . LEU A 1 7   ? 7.155   0.286   -11.887 1.00 16.42 ? 7   LEU A CA  1 
ATOM   50   C  C   . LEU A 1 7   ? 5.871   -0.434  -12.267 1.00 16.40 ? 7   LEU A C   1 
ATOM   51   O  O   . LEU A 1 7   ? 4.845   -0.256  -11.611 1.00 16.60 ? 7   LEU A O   1 
ATOM   52   C  CB  . LEU A 1 7   ? 7.751   -0.375  -10.639 1.00 18.75 ? 7   LEU A CB  1 
ATOM   53   C  CG  . LEU A 1 7   ? 8.001   -1.889  -10.605 1.00 20.71 ? 7   LEU A CG  1 
ATOM   54   C  CD1 . LEU A 1 7   ? 9.136   -2.252  -11.549 1.00 23.30 ? 7   LEU A CD1 1 
ATOM   55   C  CD2 . LEU A 1 7   ? 8.340   -2.306  -9.180  1.00 23.61 ? 7   LEU A CD2 1 
ATOM   56   N  N   . ARG A 1 8   ? 5.914   -1.230  -13.333 1.00 14.80 ? 8   ARG A N   1 
ATOM   57   C  CA  . ARG A 1 8   ? 4.738   -1.994  -13.713 1.00 14.82 ? 8   ARG A CA  1 
ATOM   58   C  C   . ARG A 1 8   ? 4.870   -3.355  -13.046 1.00 15.07 ? 8   ARG A C   1 
ATOM   59   O  O   . ARG A 1 8   ? 5.925   -3.991  -13.124 1.00 14.92 ? 8   ARG A O   1 
ATOM   60   C  CB  . ARG A 1 8   ? 4.640   -2.207  -15.227 1.00 14.16 ? 8   ARG A CB  1 
ATOM   61   C  CG  . ARG A 1 8   ? 3.393   -3.014  -15.601 1.00 16.98 ? 8   ARG A CG  1 
ATOM   62   C  CD  . ARG A 1 8   ? 3.523   -3.800  -16.893 1.00 17.13 ? 8   ARG A CD  1 
ATOM   63   N  NE  . ARG A 1 8   ? 2.452   -4.795  -16.994 1.00 15.58 ? 8   ARG A NE  1 
ATOM   64   C  CZ  . ARG A 1 8   ? 2.400   -5.755  -17.911 1.00 18.79 ? 8   ARG A CZ  1 
ATOM   65   N  NH1 . ARG A 1 8   ? 3.358   -5.861  -18.824 1.00 16.47 ? 8   ARG A NH1 1 
ATOM   66   N  NH2 . ARG A 1 8   ? 1.399   -6.628  -17.901 1.00 17.12 ? 8   ARG A NH2 1 
ATOM   67   N  N   . LEU A 1 9   ? 3.811   -3.790  -12.371 1.00 13.84 ? 9   LEU A N   1 
ATOM   68   C  CA  . LEU A 1 9   ? 3.812   -5.095  -11.721 1.00 13.74 ? 9   LEU A CA  1 
ATOM   69   C  C   . LEU A 1 9   ? 3.073   -6.034  -12.658 1.00 13.54 ? 9   LEU A C   1 
ATOM   70   O  O   . LEU A 1 9   ? 2.193   -5.602  -13.409 1.00 15.15 ? 9   LEU A O   1 
ATOM   71   C  CB  . LEU A 1 9   ? 3.102   -5.032  -10.365 1.00 12.04 ? 9   LEU A CB  1 
ATOM   72   C  CG  . LEU A 1 9   ? 3.665   -4.006  -9.379  1.00 12.16 ? 9   LEU A CG  1 
ATOM   73   C  CD1 . LEU A 1 9   ? 2.938   -4.141  -8.044  1.00 15.14 ? 9   LEU A CD1 1 
ATOM   74   C  CD2 . LEU A 1 9   ? 5.163   -4.222  -9.200  1.00 13.96 ? 9   LEU A CD2 1 
ATOM   75   N  N   . THR A 1 10  ? 3.432   -7.314  -12.618 1.00 13.72 ? 10  THR A N   1 
ATOM   76   C  CA  . THR A 1 10  ? 2.817   -8.300  -13.494 1.00 15.12 ? 10  THR A CA  1 
ATOM   77   C  C   . THR A 1 10  ? 2.084   -9.416  -12.757 1.00 14.02 ? 10  THR A C   1 
ATOM   78   O  O   . THR A 1 10  ? 2.154   -9.522  -11.531 1.00 13.34 ? 10  THR A O   1 
ATOM   79   C  CB  . THR A 1 10  ? 3.872   -8.905  -14.432 1.00 15.16 ? 10  THR A CB  1 
ATOM   80   O  OG1 . THR A 1 10  ? 5.000   -9.341  -13.664 1.00 16.63 ? 10  THR A OG1 1 
ATOM   81   C  CG2 . THR A 1 10  ? 4.334   -7.859  -15.437 1.00 17.17 ? 10  THR A CG2 1 
ATOM   82   N  N   . ARG A 1 11  ? 1.390   -10.250 -13.527 1.00 15.51 ? 11  ARG A N   1 
ATOM   83   C  CA  . ARG A 1 11  ? 0.599   -11.356 -12.998 1.00 16.31 ? 11  ARG A CA  1 
ATOM   84   C  C   . ARG A 1 11  ? 1.248   -12.166 -11.884 1.00 15.88 ? 11  ARG A C   1 
ATOM   85   O  O   . ARG A 1 11  ? 2.403   -12.584 -11.989 1.00 15.97 ? 11  ARG A O   1 
ATOM   86   C  CB  . ARG A 1 11  ? 0.200   -12.298 -14.139 1.00 19.87 ? 11  ARG A CB  1 
ATOM   87   C  CG  . ARG A 1 11  ? -0.662  -13.473 -13.698 1.00 23.14 ? 11  ARG A CG  1 
ATOM   88   C  CD  . ARG A 1 11  ? -1.060  -14.340 -14.885 1.00 28.51 ? 11  ARG A CD  1 
ATOM   89   N  NE  . ARG A 1 11  ? -1.842  -13.603 -15.878 1.00 32.52 ? 11  ARG A NE  1 
ATOM   90   C  CZ  . ARG A 1 11  ? -3.086  -13.175 -15.687 1.00 33.42 ? 11  ARG A CZ  1 
ATOM   91   N  NH1 . ARG A 1 11  ? -3.703  -13.408 -14.536 1.00 36.52 ? 11  ARG A NH1 1 
ATOM   92   N  NH2 . ARG A 1 11  ? -3.713  -12.508 -16.648 1.00 34.95 ? 11  ARG A NH2 1 
ATOM   93   N  N   . GLY A 1 12  ? 0.491   -12.381 -10.811 1.00 14.95 ? 12  GLY A N   1 
ATOM   94   C  CA  . GLY A 1 12  ? 0.982   -13.169 -9.695  1.00 15.47 ? 12  GLY A CA  1 
ATOM   95   C  C   . GLY A 1 12  ? 1.757   -12.434 -8.620  1.00 15.08 ? 12  GLY A C   1 
ATOM   96   O  O   . GLY A 1 12  ? 1.919   -12.951 -7.513  1.00 16.88 ? 12  GLY A O   1 
HETATM 97   N  N   . MSE A 1 13  ? 2.248   -11.237 -8.929  1.00 14.90 ? 13  MSE A N   1 
HETATM 98   C  CA  . MSE A 1 13  ? 3.004   -10.488 -7.936  1.00 14.20 ? 13  MSE A CA  1 
HETATM 99   C  C   . MSE A 1 13  ? 2.115   -10.056 -6.781  1.00 12.66 ? 13  MSE A C   1 
HETATM 100  O  O   . MSE A 1 13  ? 0.915   -9.823  -6.952  1.00 13.45 ? 13  MSE A O   1 
HETATM 101  C  CB  . MSE A 1 13  ? 3.674   -9.263  -8.568  1.00 15.51 ? 13  MSE A CB  1 
HETATM 102  C  CG  . MSE A 1 13  ? 4.685   -9.624  -9.647  1.00 16.78 ? 13  MSE A CG  1 
HETATM 103  SE SE  . MSE A 1 13  ? 5.749   -8.110  -10.174 1.00 21.89 ? 13  MSE A SE  1 
HETATM 104  C  CE  . MSE A 1 13  ? 7.280   -9.081  -10.880 1.00 18.94 ? 13  MSE A CE  1 
ATOM   105  N  N   . ASP A 1 14  ? 2.721   -9.969  -5.604  1.00 13.84 ? 14  ASP A N   1 
ATOM   106  C  CA  . ASP A 1 14  ? 2.036   -9.564  -4.383  1.00 12.36 ? 14  ASP A CA  1 
ATOM   107  C  C   . ASP A 1 14  ? 2.218   -8.050  -4.259  1.00 13.37 ? 14  ASP A C   1 
ATOM   108  O  O   . ASP A 1 14  ? 3.336   -7.560  -4.091  1.00 13.20 ? 14  ASP A O   1 
ATOM   109  C  CB  . ASP A 1 14  ? 2.663   -10.293 -3.193  1.00 14.51 ? 14  ASP A CB  1 
ATOM   110  C  CG  . ASP A 1 14  ? 1.975   -9.981  -1.882  1.00 14.79 ? 14  ASP A CG  1 
ATOM   111  O  OD1 . ASP A 1 14  ? 1.967   -8.801  -1.485  1.00 12.84 ? 14  ASP A OD1 1 
ATOM   112  O  OD2 . ASP A 1 14  ? 1.453   -10.919 -1.241  1.00 16.15 ? 14  ASP A OD2 1 
ATOM   113  N  N   . LEU A 1 15  ? 1.110   -7.315  -4.337  1.00 11.39 ? 15  LEU A N   1 
ATOM   114  C  CA  . LEU A 1 15  ? 1.143   -5.854  -4.276  1.00 11.34 ? 15  LEU A CA  1 
ATOM   115  C  C   . LEU A 1 15  ? 1.910   -5.266  -3.096  1.00 10.59 ? 15  LEU A C   1 
ATOM   116  O  O   . LEU A 1 15  ? 2.838   -4.477  -3.281  1.00 11.38 ? 15  LEU A O   1 
ATOM   117  C  CB  . LEU A 1 15  ? -0.287  -5.310  -4.282  1.00 10.15 ? 15  LEU A CB  1 
ATOM   118  C  CG  . LEU A 1 15  ? -0.447  -3.789  -4.303  1.00 10.47 ? 15  LEU A CG  1 
ATOM   119  C  CD1 . LEU A 1 15  ? 0.317   -3.200  -5.488  1.00 9.85  ? 15  LEU A CD1 1 
ATOM   120  C  CD2 . LEU A 1 15  ? -1.931  -3.441  -4.400  1.00 11.69 ? 15  LEU A CD2 1 
ATOM   121  N  N   . LYS A 1 16  ? 1.530   -5.643  -1.881  1.00 11.16 ? 16  LYS A N   1 
ATOM   122  C  CA  . LYS A 1 16  ? 2.199   -5.116  -0.700  1.00 11.31 ? 16  LYS A CA  1 
ATOM   123  C  C   . LYS A 1 16  ? 3.681   -5.482  -0.655  1.00 12.36 ? 16  LYS A C   1 
ATOM   124  O  O   . LYS A 1 16  ? 4.516   -4.642  -0.331  1.00 12.43 ? 16  LYS A O   1 
ATOM   125  C  CB  . LYS A 1 16  ? 1.500   -5.612  0.565   1.00 12.66 ? 16  LYS A CB  1 
ATOM   126  C  CG  . LYS A 1 16  ? 1.954   -4.911  1.830   1.00 14.17 ? 16  LYS A CG  1 
ATOM   127  C  CD  . LYS A 1 16  ? 1.065   -5.300  2.998   1.00 15.66 ? 16  LYS A CD  1 
ATOM   128  C  CE  . LYS A 1 16  ? 1.430   -4.538  4.259   1.00 18.43 ? 16  LYS A CE  1 
ATOM   129  N  NZ  . LYS A 1 16  ? 0.537   -4.926  5.387   1.00 17.63 ? 16  LYS A NZ  1 
ATOM   130  N  N   . GLN A 1 17  ? 4.002   -6.727  -0.988  1.00 13.08 ? 17  GLN A N   1 
ATOM   131  C  CA  . GLN A 1 17  ? 5.387   -7.177  -0.974  1.00 14.44 ? 17  GLN A CA  1 
ATOM   132  C  C   . GLN A 1 17  ? 6.238   -6.409  -1.973  1.00 14.08 ? 17  GLN A C   1 
ATOM   133  O  O   . GLN A 1 17  ? 7.387   -6.071  -1.684  1.00 14.77 ? 17  GLN A O   1 
ATOM   134  C  CB  . GLN A 1 17  ? 5.461   -8.680  -1.260  1.00 16.97 ? 17  GLN A CB  1 
ATOM   135  C  CG  . GLN A 1 17  ? 5.062   -9.554  -0.078  1.00 22.80 ? 17  GLN A CG  1 
ATOM   136  C  CD  . GLN A 1 17  ? 5.031   -11.035 -0.424  1.00 25.99 ? 17  GLN A CD  1 
ATOM   137  O  OE1 . GLN A 1 17  ? 5.863   -11.525 -1.186  1.00 29.15 ? 17  GLN A OE1 1 
ATOM   138  N  NE2 . GLN A 1 17  ? 4.073   -11.756 0.150   1.00 29.67 ? 17  GLN A NE2 1 
ATOM   139  N  N   . GLN A 1 18  ? 5.676   -6.124  -3.144  1.00 12.75 ? 18  GLN A N   1 
ATOM   140  C  CA  . GLN A 1 18  ? 6.406   -5.386  -4.171  1.00 12.74 ? 18  GLN A CA  1 
ATOM   141  C  C   . GLN A 1 18  ? 6.673   -3.952  -3.730  1.00 14.37 ? 18  GLN A C   1 
ATOM   142  O  O   . GLN A 1 18  ? 7.724   -3.387  -4.027  1.00 13.99 ? 18  GLN A O   1 
ATOM   143  C  CB  . GLN A 1 18  ? 5.628   -5.396  -5.488  1.00 13.26 ? 18  GLN A CB  1 
ATOM   144  C  CG  . GLN A 1 18  ? 5.661   -6.742  -6.201  1.00 14.72 ? 18  GLN A CG  1 
ATOM   145  C  CD  . GLN A 1 18  ? 7.039   -7.088  -6.747  1.00 17.04 ? 18  GLN A CD  1 
ATOM   146  O  OE1 . GLN A 1 18  ? 7.456   -8.249  -6.724  1.00 18.88 ? 18  GLN A OE1 1 
ATOM   147  N  NE2 . GLN A 1 18  ? 7.743   -6.086  -7.255  1.00 14.83 ? 18  GLN A NE2 1 
ATOM   148  N  N   . ILE A 1 19  ? 5.720   -3.360  -3.018  1.00 12.63 ? 19  ILE A N   1 
ATOM   149  C  CA  . ILE A 1 19  ? 5.898   -1.997  -2.550  1.00 12.13 ? 19  ILE A CA  1 
ATOM   150  C  C   . ILE A 1 19  ? 6.962   -1.950  -1.462  1.00 13.57 ? 19  ILE A C   1 
ATOM   151  O  O   . ILE A 1 19  ? 7.818   -1.073  -1.465  1.00 13.96 ? 19  ILE A O   1 
ATOM   152  C  CB  . ILE A 1 19  ? 4.569   -1.424  -2.036  1.00 12.28 ? 19  ILE A CB  1 
ATOM   153  C  CG1 . ILE A 1 19  ? 3.616   -1.258  -3.220  1.00 11.78 ? 19  ILE A CG1 1 
ATOM   154  C  CG2 . ILE A 1 19  ? 4.794   -0.085  -1.342  1.00 13.75 ? 19  ILE A CG2 1 
ATOM   155  C  CD1 . ILE A 1 19  ? 2.228   -0.813  -2.840  1.00 12.79 ? 19  ILE A CD1 1 
ATOM   156  N  N   . VAL A 1 20  ? 6.922   -2.911  -0.545  1.00 14.07 ? 20  VAL A N   1 
ATOM   157  C  CA  . VAL A 1 20  ? 7.907   -2.957  0.528   1.00 14.49 ? 20  VAL A CA  1 
ATOM   158  C  C   . VAL A 1 20  ? 9.303   -3.133  -0.060  1.00 14.89 ? 20  VAL A C   1 
ATOM   159  O  O   . VAL A 1 20  ? 10.254  -2.482  0.373   1.00 16.10 ? 20  VAL A O   1 
ATOM   160  C  CB  . VAL A 1 20  ? 7.617   -4.116  1.502   1.00 14.99 ? 20  VAL A CB  1 
ATOM   161  C  CG1 . VAL A 1 20  ? 8.766   -4.266  2.491   1.00 16.86 ? 20  VAL A CG1 1 
ATOM   162  C  CG2 . VAL A 1 20  ? 6.320   -3.850  2.243   1.00 16.56 ? 20  VAL A CG2 1 
ATOM   163  N  N   . GLN A 1 21  ? 9.419   -4.006  -1.055  1.00 13.78 ? 21  GLN A N   1 
ATOM   164  C  CA  . GLN A 1 21  ? 10.705  -4.260  -1.693  1.00 15.68 ? 21  GLN A CA  1 
ATOM   165  C  C   . GLN A 1 21  ? 11.229  -3.020  -2.407  1.00 15.23 ? 21  GLN A C   1 
ATOM   166  O  O   . GLN A 1 21  ? 12.426  -2.734  -2.369  1.00 15.17 ? 21  GLN A O   1 
ATOM   167  C  CB  . GLN A 1 21  ? 10.590  -5.428  -2.680  1.00 18.54 ? 21  GLN A CB  1 
ATOM   168  C  CG  . GLN A 1 21  ? 10.200  -6.752  -2.028  1.00 25.19 ? 21  GLN A CG  1 
ATOM   169  C  CD  . GLN A 1 21  ? 10.248  -7.926  -2.990  1.00 28.82 ? 21  GLN A CD  1 
ATOM   170  O  OE1 . GLN A 1 21  ? 9.728   -7.855  -4.105  1.00 31.95 ? 21  GLN A OE1 1 
ATOM   171  N  NE2 . GLN A 1 21  ? 10.862  -9.022  -2.557  1.00 32.27 ? 21  GLN A NE2 1 
ATOM   172  N  N   . LEU A 1 22  ? 10.330  -2.278  -3.050  1.00 13.69 ? 22  LEU A N   1 
ATOM   173  C  CA  . LEU A 1 22  ? 10.710  -1.064  -3.767  1.00 14.89 ? 22  LEU A CA  1 
ATOM   174  C  C   . LEU A 1 22  ? 11.219  -0.026  -2.770  1.00 14.59 ? 22  LEU A C   1 
ATOM   175  O  O   . LEU A 1 22  ? 12.234  0.640   -3.003  1.00 14.61 ? 22  LEU A O   1 
ATOM   176  C  CB  . LEU A 1 22  ? 9.498   -0.519  -4.536  1.00 15.76 ? 22  LEU A CB  1 
ATOM   177  C  CG  . LEU A 1 22  ? 9.679   0.661   -5.497  1.00 19.94 ? 22  LEU A CG  1 
ATOM   178  C  CD1 . LEU A 1 22  ? 8.444   0.777   -6.389  1.00 20.86 ? 22  LEU A CD1 1 
ATOM   179  C  CD2 . LEU A 1 22  ? 9.902   1.948   -4.720  1.00 22.12 ? 22  LEU A CD2 1 
ATOM   180  N  N   . VAL A 1 23  ? 10.509  0.109   -1.658  1.00 13.47 ? 23  VAL A N   1 
ATOM   181  C  CA  . VAL A 1 23  ? 10.884  1.051   -0.614  1.00 16.00 ? 23  VAL A CA  1 
ATOM   182  C  C   . VAL A 1 23  ? 12.287  0.759   -0.080  1.00 17.51 ? 23  VAL A C   1 
ATOM   183  O  O   . VAL A 1 23  ? 13.109  1.666   0.058   1.00 16.58 ? 23  VAL A O   1 
ATOM   184  C  CB  . VAL A 1 23  ? 9.869   1.005   0.556   1.00 16.57 ? 23  VAL A CB  1 
ATOM   185  C  CG1 . VAL A 1 23  ? 10.429  1.733   1.772   1.00 19.10 ? 23  VAL A CG1 1 
ATOM   186  C  CG2 . VAL A 1 23  ? 8.557   1.643   0.119   1.00 18.67 ? 23  VAL A CG2 1 
ATOM   187  N  N   . GLN A 1 24  ? 12.562  -0.508  0.212   1.00 17.51 ? 24  GLN A N   1 
ATOM   188  C  CA  . GLN A 1 24  ? 13.872  -0.895  0.740   1.00 18.36 ? 24  GLN A CA  1 
ATOM   189  C  C   . GLN A 1 24  ? 14.970  -0.718  -0.306  1.00 18.63 ? 24  GLN A C   1 
ATOM   190  O  O   . GLN A 1 24  ? 16.063  -0.241  0.000   1.00 18.89 ? 24  GLN A O   1 
ATOM   191  C  CB  . GLN A 1 24  ? 13.847  -2.353  1.206   1.00 20.32 ? 24  GLN A CB  1 
ATOM   192  C  CG  . GLN A 1 24  ? 12.848  -2.643  2.314   1.00 25.26 ? 24  GLN A CG  1 
ATOM   193  C  CD  . GLN A 1 24  ? 12.810  -4.113  2.687   1.00 25.24 ? 24  GLN A CD  1 
ATOM   194  O  OE1 . GLN A 1 24  ? 12.653  -4.979  1.826   1.00 29.66 ? 24  GLN A OE1 1 
ATOM   195  N  NE2 . GLN A 1 24  ? 12.950  -4.402  3.972   1.00 29.39 ? 24  GLN A NE2 1 
ATOM   196  N  N   . GLN A 1 25  ? 14.664  -1.106  -1.538  1.00 17.66 ? 25  GLN A N   1 
ATOM   197  C  CA  . GLN A 1 25  ? 15.600  -1.013  -2.652  1.00 18.38 ? 25  GLN A CA  1 
ATOM   198  C  C   . GLN A 1 25  ? 16.079  0.416   -2.887  1.00 18.57 ? 25  GLN A C   1 
ATOM   199  O  O   . GLN A 1 25  ? 17.259  0.653   -3.160  1.00 18.41 ? 25  GLN A O   1 
ATOM   200  C  CB  . GLN A 1 25  ? 14.920  -1.539  -3.918  1.00 19.67 ? 25  GLN A CB  1 
ATOM   201  C  CG  . GLN A 1 25  ? 15.797  -1.614  -5.150  1.00 25.85 ? 25  GLN A CG  1 
ATOM   202  C  CD  . GLN A 1 25  ? 14.998  -1.982  -6.384  1.00 29.05 ? 25  GLN A CD  1 
ATOM   203  O  OE1 . GLN A 1 25  ? 14.130  -2.854  -6.335  1.00 31.63 ? 25  GLN A OE1 1 
ATOM   204  N  NE2 . GLN A 1 25  ? 15.290  -1.324  -7.501  1.00 30.53 ? 25  GLN A NE2 1 
ATOM   205  N  N   . HIS A 1 26  ? 15.157  1.368   -2.778  1.00 16.05 ? 26  HIS A N   1 
ATOM   206  C  CA  . HIS A 1 26  ? 15.482  2.772   -3.004  1.00 16.01 ? 26  HIS A CA  1 
ATOM   207  C  C   . HIS A 1 26  ? 15.790  3.564   -1.736  1.00 15.79 ? 26  HIS A C   1 
ATOM   208  O  O   . HIS A 1 26  ? 15.909  4.790   -1.782  1.00 16.19 ? 26  HIS A O   1 
ATOM   209  C  CB  . HIS A 1 26  ? 14.343  3.455   -3.771  1.00 17.41 ? 26  HIS A CB  1 
ATOM   210  C  CG  . HIS A 1 26  ? 14.182  2.966   -5.176  1.00 19.09 ? 26  HIS A CG  1 
ATOM   211  N  ND1 . HIS A 1 26  ? 13.509  1.804   -5.492  1.00 19.39 ? 26  HIS A ND1 1 
ATOM   212  C  CD2 . HIS A 1 26  ? 14.621  3.475   -6.352  1.00 20.91 ? 26  HIS A CD2 1 
ATOM   213  C  CE1 . HIS A 1 26  ? 13.538  1.621   -6.799  1.00 20.59 ? 26  HIS A CE1 1 
ATOM   214  N  NE2 . HIS A 1 26  ? 14.207  2.621   -7.345  1.00 22.10 ? 26  HIS A NE2 1 
ATOM   215  N  N   . ARG A 1 27  ? 15.925  2.863   -0.614  1.00 15.33 ? 27  ARG A N   1 
ATOM   216  C  CA  . ARG A 1 27  ? 16.228  3.498   0.667   1.00 16.72 ? 27  ARG A CA  1 
ATOM   217  C  C   . ARG A 1 27  ? 15.269  4.640   0.967   1.00 17.64 ? 27  ARG A C   1 
ATOM   218  O  O   . ARG A 1 27  ? 15.682  5.730   1.358   1.00 18.22 ? 27  ARG A O   1 
ATOM   219  C  CB  . ARG A 1 27  ? 17.667  4.018   0.670   1.00 18.26 ? 27  ARG A CB  1 
ATOM   220  C  CG  . ARG A 1 27  ? 18.705  2.934   0.449   1.00 20.04 ? 27  ARG A CG  1 
ATOM   221  C  CD  . ARG A 1 27  ? 20.109  3.516   0.420   1.00 22.51 ? 27  ARG A CD  1 
ATOM   222  N  NE  . ARG A 1 27  ? 20.278  4.512   -0.637  1.00 26.43 ? 27  ARG A NE  1 
ATOM   223  C  CZ  . ARG A 1 27  ? 20.282  4.238   -1.938  1.00 29.31 ? 27  ARG A CZ  1 
ATOM   224  N  NH1 . ARG A 1 27  ? 20.128  2.990   -2.360  1.00 30.58 ? 27  ARG A NH1 1 
ATOM   225  N  NH2 . ARG A 1 27  ? 20.443  5.217   -2.819  1.00 30.74 ? 27  ARG A NH2 1 
ATOM   226  N  N   . ILE A 1 28  ? 13.981  4.375   0.784   1.00 16.98 ? 28  ILE A N   1 
ATOM   227  C  CA  . ILE A 1 28  ? 12.959  5.378   1.033   1.00 16.55 ? 28  ILE A CA  1 
ATOM   228  C  C   . ILE A 1 28  ? 12.630  5.435   2.519   1.00 15.14 ? 28  ILE A C   1 
ATOM   229  O  O   . ILE A 1 28  ? 12.227  4.435   3.113   1.00 17.85 ? 28  ILE A O   1 
ATOM   230  C  CB  . ILE A 1 28  ? 11.673  5.055   0.239   1.00 17.24 ? 28  ILE A CB  1 
ATOM   231  C  CG1 . ILE A 1 28  ? 11.946  5.181   -1.261  1.00 19.69 ? 28  ILE A CG1 1 
ATOM   232  C  CG2 . ILE A 1 28  ? 10.551  5.996   0.656   1.00 17.32 ? 28  ILE A CG2 1 
ATOM   233  C  CD1 . ILE A 1 28  ? 10.783  4.766   -2.138  1.00 20.61 ? 28  ILE A CD1 1 
ATOM   234  N  N   . HIS A 1 29  ? 12.818  6.602   3.125   1.00 13.52 ? 29  HIS A N   1 
ATOM   235  C  CA  . HIS A 1 29  ? 12.516  6.764   4.540   1.00 12.41 ? 29  HIS A CA  1 
ATOM   236  C  C   . HIS A 1 29  ? 11.281  7.628   4.759   1.00 11.83 ? 29  HIS A C   1 
ATOM   237  O  O   . HIS A 1 29  ? 10.842  7.828   5.888   1.00 13.21 ? 29  HIS A O   1 
ATOM   238  C  CB  . HIS A 1 29  ? 13.730  7.335   5.272   1.00 14.52 ? 29  HIS A CB  1 
ATOM   239  C  CG  . HIS A 1 29  ? 14.808  6.325   5.489   1.00 15.61 ? 29  HIS A CG  1 
ATOM   240  N  ND1 . HIS A 1 29  ? 14.728  5.360   6.470   1.00 17.11 ? 29  HIS A ND1 1 
ATOM   241  C  CD2 . HIS A 1 29  ? 15.943  6.066   4.799   1.00 16.56 ? 29  HIS A CD2 1 
ATOM   242  C  CE1 . HIS A 1 29  ? 15.764  4.548   6.370   1.00 17.04 ? 29  HIS A CE1 1 
ATOM   243  N  NE2 . HIS A 1 29  ? 16.516  4.953   5.363   1.00 16.36 ? 29  HIS A NE2 1 
ATOM   244  N  N   . ALA A 1 30  ? 10.726  8.118   3.656   1.00 12.67 ? 30  ALA A N   1 
ATOM   245  C  CA  . ALA A 1 30  ? 9.517   8.936   3.668   1.00 11.61 ? 30  ALA A CA  1 
ATOM   246  C  C   . ALA A 1 30  ? 8.929   8.916   2.263   1.00 10.98 ? 30  ALA A C   1 
ATOM   247  O  O   . ALA A 1 30  ? 9.592   9.278   1.292   1.00 10.38 ? 30  ALA A O   1 
ATOM   248  C  CB  . ALA A 1 30  ? 9.841   10.366  4.083   1.00 12.43 ? 30  ALA A CB  1 
ATOM   249  N  N   . GLY A 1 31  ? 7.683   8.477   2.141   1.00 11.64 ? 31  GLY A N   1 
ATOM   250  C  CA  . GLY A 1 31  ? 7.076   8.433   0.825   1.00 11.88 ? 31  GLY A CA  1 
ATOM   251  C  C   . GLY A 1 31  ? 5.584   8.184   0.884   1.00 11.79 ? 31  GLY A C   1 
ATOM   252  O  O   . GLY A 1 31  ? 5.018   7.999   1.961   1.00 12.24 ? 31  GLY A O   1 
ATOM   253  N  N   . SER A 1 32  ? 4.953   8.191   -0.284  1.00 11.40 ? 32  SER A N   1 
ATOM   254  C  CA  . SER A 1 32  ? 3.520   7.956   -0.398  1.00 10.90 ? 32  SER A CA  1 
ATOM   255  C  C   . SER A 1 32  ? 3.237   7.327   -1.758  1.00 11.27 ? 32  SER A C   1 
ATOM   256  O  O   . SER A 1 32  ? 4.112   7.280   -2.627  1.00 10.89 ? 32  SER A O   1 
ATOM   257  C  CB  . SER A 1 32  ? 2.748   9.275   -0.265  1.00 11.33 ? 32  SER A CB  1 
ATOM   258  O  OG  . SER A 1 32  ? 3.061   10.161  -1.331  1.00 14.55 ? 32  SER A OG  1 
ATOM   259  N  N   . ILE A 1 33  ? 2.019   6.825   -1.937  1.00 11.31 ? 33  ILE A N   1 
ATOM   260  C  CA  . ILE A 1 33  ? 1.637   6.223   -3.207  1.00 11.45 ? 33  ILE A CA  1 
ATOM   261  C  C   . ILE A 1 33  ? 1.043   7.310   -4.084  1.00 13.13 ? 33  ILE A C   1 
ATOM   262  O  O   . ILE A 1 33  ? 0.065   7.954   -3.707  1.00 14.60 ? 33  ILE A O   1 
ATOM   263  C  CB  . ILE A 1 33  ? 0.565   5.123   -3.031  1.00 11.28 ? 33  ILE A CB  1 
ATOM   264  C  CG1 . ILE A 1 33  ? 1.065   4.048   -2.067  1.00 12.89 ? 33  ILE A CG1 1 
ATOM   265  C  CG2 . ILE A 1 33  ? 0.232   4.508   -4.392  1.00 11.73 ? 33  ILE A CG2 1 
ATOM   266  C  CD1 . ILE A 1 33  ? 2.288   3.294   -2.558  1.00 12.65 ? 33  ILE A CD1 1 
ATOM   267  N  N   . ALA A 1 34  ? 1.639   7.514   -5.251  1.00 11.52 ? 34  ALA A N   1 
ATOM   268  C  CA  . ALA A 1 34  ? 1.157   8.523   -6.179  1.00 12.36 ? 34  ALA A CA  1 
ATOM   269  C  C   . ALA A 1 34  ? 0.012   7.990   -7.034  1.00 13.03 ? 34  ALA A C   1 
ATOM   270  O  O   . ALA A 1 34  ? -0.951  8.706   -7.317  1.00 14.77 ? 34  ALA A O   1 
ATOM   271  C  CB  . ALA A 1 34  ? 2.299   8.987   -7.076  1.00 12.91 ? 34  ALA A CB  1 
ATOM   272  N  N   . SER A 1 35  ? 0.118   6.731   -7.444  1.00 11.60 ? 35  SER A N   1 
ATOM   273  C  CA  . SER A 1 35  ? -0.908  6.129   -8.293  1.00 11.43 ? 35  SER A CA  1 
ATOM   274  C  C   . SER A 1 35  ? -0.715  4.619   -8.377  1.00 11.28 ? 35  SER A C   1 
ATOM   275  O  O   . SER A 1 35  ? 0.398   4.125   -8.209  1.00 11.21 ? 35  SER A O   1 
ATOM   276  C  CB  . SER A 1 35  ? -0.811  6.737   -9.701  1.00 12.79 ? 35  SER A CB  1 
ATOM   277  O  OG  . SER A 1 35  ? -1.851  6.290   -10.556 1.00 13.47 ? 35  SER A OG  1 
ATOM   278  N  N   . CYS A 1 36  ? -1.798  3.880   -8.616  1.00 11.74 ? 36  CYS A N   1 
ATOM   279  C  CA  . CYS A 1 36  ? -1.684  2.432   -8.764  1.00 13.25 ? 36  CYS A CA  1 
ATOM   280  C  C   . CYS A 1 36  ? -2.811  1.803   -9.581  1.00 15.65 ? 36  CYS A C   1 
ATOM   281  O  O   . CYS A 1 36  ? -3.475  0.867   -9.129  1.00 18.09 ? 36  CYS A O   1 
ATOM   282  C  CB  . CYS A 1 36  ? -1.599  1.739   -7.403  1.00 12.77 ? 36  CYS A CB  1 
ATOM   283  S  SG  . CYS A 1 36  ? -1.096  0.002   -7.552  1.00 16.87 ? 36  CYS A SG  1 
ATOM   284  N  N   . VAL A 1 37  ? -3.017  2.309   -10.789 1.00 14.23 ? 37  VAL A N   1 
ATOM   285  C  CA  . VAL A 1 37  ? -4.055  1.788   -11.674 1.00 15.36 ? 37  VAL A CA  1 
ATOM   286  C  C   . VAL A 1 37  ? -3.704  0.338   -12.021 1.00 14.81 ? 37  VAL A C   1 
ATOM   287  O  O   . VAL A 1 37  ? -2.561  0.034   -12.364 1.00 15.61 ? 37  VAL A O   1 
ATOM   288  C  CB  . VAL A 1 37  ? -4.129  2.620   -12.979 1.00 14.74 ? 37  VAL A CB  1 
ATOM   289  C  CG1 . VAL A 1 37  ? -5.240  2.096   -13.877 1.00 17.79 ? 37  VAL A CG1 1 
ATOM   290  C  CG2 . VAL A 1 37  ? -4.358  4.093   -12.647 1.00 17.58 ? 37  VAL A CG2 1 
ATOM   291  N  N   . GLY A 1 38  ? -4.680  -0.559  -11.927 1.00 12.60 ? 38  GLY A N   1 
ATOM   292  C  CA  . GLY A 1 38  ? -4.413  -1.951  -12.241 1.00 12.88 ? 38  GLY A CA  1 
ATOM   293  C  C   . GLY A 1 38  ? -5.541  -2.855  -11.800 1.00 13.70 ? 38  GLY A C   1 
ATOM   294  O  O   . GLY A 1 38  ? -6.648  -2.387  -11.549 1.00 14.23 ? 38  GLY A O   1 
ATOM   295  N  N   . CYS A 1 39  ? -5.264  -4.151  -11.708 1.00 13.74 ? 39  CYS A N   1 
ATOM   296  C  CA  . CYS A 1 39  ? -6.286  -5.104  -11.294 1.00 14.19 ? 39  CYS A CA  1 
ATOM   297  C  C   . CYS A 1 39  ? -5.707  -6.273  -10.516 1.00 13.84 ? 39  CYS A C   1 
ATOM   298  O  O   . CYS A 1 39  ? -4.527  -6.613  -10.652 1.00 13.79 ? 39  CYS A O   1 
ATOM   299  C  CB  . CYS A 1 39  ? -7.056  -5.613  -12.509 1.00 16.20 ? 39  CYS A CB  1 
ATOM   300  S  SG  . CYS A 1 39  ? -6.016  -6.148  -13.870 1.00 20.50 ? 39  CYS A SG  1 
ATOM   301  N  N   . LEU A 1 40  ? -6.557  -6.883  -9.700  1.00 12.58 ? 40  LEU A N   1 
ATOM   302  C  CA  . LEU A 1 40  ? -6.168  -8.007  -8.866  1.00 12.25 ? 40  LEU A CA  1 
ATOM   303  C  C   . LEU A 1 40  ? -6.983  -9.243  -9.193  1.00 12.99 ? 40  LEU A C   1 
ATOM   304  O  O   . LEU A 1 40  ? -8.101  -9.136  -9.700  1.00 13.20 ? 40  LEU A O   1 
ATOM   305  C  CB  . LEU A 1 40  ? -6.412  -7.673  -7.395  1.00 13.15 ? 40  LEU A CB  1 
ATOM   306  C  CG  . LEU A 1 40  ? -5.758  -6.429  -6.801  1.00 12.57 ? 40  LEU A CG  1 
ATOM   307  C  CD1 . LEU A 1 40  ? -6.304  -6.203  -5.397  1.00 14.00 ? 40  LEU A CD1 1 
ATOM   308  C  CD2 . LEU A 1 40  ? -4.247  -6.603  -6.791  1.00 13.48 ? 40  LEU A CD2 1 
ATOM   309  N  N   . SER A 1 41  ? -6.416  -10.411 -8.899  1.00 12.88 ? 41  SER A N   1 
ATOM   310  C  CA  . SER A 1 41  ? -7.118  -11.678 -9.095  1.00 13.84 ? 41  SER A CA  1 
ATOM   311  C  C   . SER A 1 41  ? -7.516  -12.171 -7.699  1.00 14.32 ? 41  SER A C   1 
ATOM   312  O  O   . SER A 1 41  ? -8.381  -13.037 -7.552  1.00 14.39 ? 41  SER A O   1 
ATOM   313  C  CB  . SER A 1 41  ? -6.218  -12.703 -9.797  1.00 14.79 ? 41  SER A CB  1 
ATOM   314  O  OG  . SER A 1 41  ? -5.036  -12.959 -9.055  1.00 19.00 ? 41  SER A OG  1 
ATOM   315  N  N   . THR A 1 42  ? -6.862  -11.621 -6.677  1.00 13.94 ? 42  THR A N   1 
ATOM   316  C  CA  . THR A 1 42  ? -7.164  -11.954 -5.287  1.00 13.47 ? 42  THR A CA  1 
ATOM   317  C  C   . THR A 1 42  ? -7.018  -10.710 -4.425  1.00 14.11 ? 42  THR A C   1 
ATOM   318  O  O   . THR A 1 42  ? -5.997  -10.026 -4.486  1.00 12.84 ? 42  THR A O   1 
ATOM   319  C  CB  . THR A 1 42  ? -6.221  -13.027 -4.700  1.00 14.83 ? 42  THR A CB  1 
ATOM   320  O  OG1 . THR A 1 42  ? -6.433  -14.281 -5.363  1.00 16.15 ? 42  THR A OG1 1 
ATOM   321  C  CG2 . THR A 1 42  ? -6.496  -13.202 -3.202  1.00 15.23 ? 42  THR A CG2 1 
ATOM   322  N  N   . LEU A 1 43  ? -8.051  -10.433 -3.632  1.00 11.74 ? 43  LEU A N   1 
ATOM   323  C  CA  . LEU A 1 43  ? -8.088  -9.299  -2.719  1.00 10.91 ? 43  LEU A CA  1 
ATOM   324  C  C   . LEU A 1 43  ? -7.952  -9.828  -1.295  1.00 10.94 ? 43  LEU A C   1 
ATOM   325  O  O   . LEU A 1 43  ? -8.536  -10.857 -0.961  1.00 11.79 ? 43  LEU A O   1 
ATOM   326  C  CB  . LEU A 1 43  ? -9.428  -8.565  -2.842  1.00 10.62 ? 43  LEU A CB  1 
ATOM   327  C  CG  . LEU A 1 43  ? -9.750  -7.460  -1.825  1.00 8.87  ? 43  LEU A CG  1 
ATOM   328  C  CD1 . LEU A 1 43  ? -8.905  -6.223  -2.103  1.00 11.69 ? 43  LEU A CD1 1 
ATOM   329  C  CD2 . LEU A 1 43  ? -11.234 -7.116  -1.909  1.00 10.67 ? 43  LEU A CD2 1 
ATOM   330  N  N   . HIS A 1 44  ? -7.185  -9.136  -0.458  1.00 10.98 ? 44  HIS A N   1 
ATOM   331  C  CA  . HIS A 1 44  ? -7.029  -9.555  0.933   1.00 10.21 ? 44  HIS A CA  1 
ATOM   332  C  C   . HIS A 1 44  ? -6.854  -8.300  1.773   1.00 11.52 ? 44  HIS A C   1 
ATOM   333  O  O   . HIS A 1 44  ? -5.805  -7.656  1.741   1.00 10.76 ? 44  HIS A O   1 
ATOM   334  C  CB  . HIS A 1 44  ? -5.821  -10.486 1.084   1.00 13.14 ? 44  HIS A CB  1 
ATOM   335  C  CG  . HIS A 1 44  ? -5.736  -11.157 2.421   1.00 13.50 ? 44  HIS A CG  1 
ATOM   336  N  ND1 . HIS A 1 44  ? -6.837  -11.361 3.225   1.00 15.51 ? 44  HIS A ND1 1 
ATOM   337  C  CD2 . HIS A 1 44  ? -4.684  -11.700 3.081   1.00 12.86 ? 44  HIS A CD2 1 
ATOM   338  C  CE1 . HIS A 1 44  ? -6.467  -11.998 4.322   1.00 13.31 ? 44  HIS A CE1 1 
ATOM   339  N  NE2 . HIS A 1 44  ? -5.166  -12.216 4.259   1.00 15.63 ? 44  HIS A NE2 1 
ATOM   340  N  N   . ILE A 1 45  ? -7.894  -7.952  2.522   1.00 10.06 ? 45  ILE A N   1 
ATOM   341  C  CA  . ILE A 1 45  ? -7.867  -6.746  3.332   1.00 10.69 ? 45  ILE A CA  1 
ATOM   342  C  C   . ILE A 1 45  ? -8.372  -6.941  4.753   1.00 11.53 ? 45  ILE A C   1 
ATOM   343  O  O   . ILE A 1 45  ? -9.187  -7.828  5.020   1.00 12.13 ? 45  ILE A O   1 
ATOM   344  C  CB  . ILE A 1 45  ? -8.730  -5.632  2.683   1.00 10.32 ? 45  ILE A CB  1 
ATOM   345  C  CG1 . ILE A 1 45  ? -10.115 -6.185  2.323   1.00 10.72 ? 45  ILE A CG1 1 
ATOM   346  C  CG2 . ILE A 1 45  ? -8.023  -5.070  1.461   1.00 11.02 ? 45  ILE A CG2 1 
ATOM   347  C  CD1 . ILE A 1 45  ? -11.116 -5.125  1.879   1.00 10.99 ? 45  ILE A CD1 1 
ATOM   348  N  N   . ARG A 1 46  ? -7.869  -6.113  5.662   1.00 11.12 ? 46  ARG A N   1 
ATOM   349  C  CA  . ARG A 1 46  ? -8.319  -6.138  7.049   1.00 12.06 ? 46  ARG A CA  1 
ATOM   350  C  C   . ARG A 1 46  ? -9.393  -5.052  7.077   1.00 11.79 ? 46  ARG A C   1 
ATOM   351  O  O   . ARG A 1 46  ? -9.203  -3.964  6.522   1.00 11.44 ? 46  ARG A O   1 
ATOM   352  C  CB  . ARG A 1 46  ? -7.177  -5.794  8.004   1.00 12.10 ? 46  ARG A CB  1 
ATOM   353  C  CG  . ARG A 1 46  ? -7.555  -5.945  9.473   1.00 15.42 ? 46  ARG A CG  1 
ATOM   354  C  CD  . ARG A 1 46  ? -6.384  -5.595  10.377  1.00 17.45 ? 46  ARG A CD  1 
ATOM   355  N  NE  . ARG A 1 46  ? -6.001  -4.192  10.246  1.00 20.42 ? 46  ARG A NE  1 
ATOM   356  C  CZ  . ARG A 1 46  ? -4.852  -3.689  10.689  1.00 23.50 ? 46  ARG A CZ  1 
ATOM   357  N  NH1 . ARG A 1 46  ? -3.971  -4.476  11.290  1.00 26.58 ? 46  ARG A NH1 1 
ATOM   358  N  NH2 . ARG A 1 46  ? -4.583  -2.400  10.527  1.00 24.86 ? 46  ARG A NH2 1 
ATOM   359  N  N   . LEU A 1 47  ? -10.519 -5.335  7.719   1.00 11.08 ? 47  LEU A N   1 
ATOM   360  C  CA  . LEU A 1 47  ? -11.630 -4.395  7.731   1.00 10.75 ? 47  LEU A CA  1 
ATOM   361  C  C   . LEU A 1 47  ? -11.619 -3.357  8.853   1.00 11.53 ? 47  LEU A C   1 
ATOM   362  O  O   . LEU A 1 47  ? -10.767 -3.395  9.738   1.00 11.13 ? 47  LEU A O   1 
ATOM   363  C  CB  . LEU A 1 47  ? -12.947 -5.185  7.697   1.00 10.54 ? 47  LEU A CB  1 
ATOM   364  C  CG  . LEU A 1 47  ? -12.944 -6.263  6.596   1.00 10.41 ? 47  LEU A CG  1 
ATOM   365  C  CD1 . LEU A 1 47  ? -14.278 -6.996  6.576   1.00 10.77 ? 47  LEU A CD1 1 
ATOM   366  C  CD2 . LEU A 1 47  ? -12.675 -5.622  5.227   1.00 10.92 ? 47  LEU A CD2 1 
ATOM   367  N  N   . ALA A 1 48  ? -12.575 -2.434  8.805   1.00 11.99 ? 48  ALA A N   1 
ATOM   368  C  CA  . ALA A 1 48  ? -12.647 -1.325  9.756   1.00 13.13 ? 48  ALA A CA  1 
ATOM   369  C  C   . ALA A 1 48  ? -12.703 -1.627  11.250  1.00 13.43 ? 48  ALA A C   1 
ATOM   370  O  O   . ALA A 1 48  ? -12.410 -0.744  12.067  1.00 14.90 ? 48  ALA A O   1 
ATOM   371  C  CB  . ALA A 1 48  ? -13.794 -0.393  9.369   1.00 13.98 ? 48  ALA A CB  1 
ATOM   372  N  N   . ASP A 1 49  ? -13.090 -2.841  11.628  1.00 13.47 ? 49  ASP A N   1 
ATOM   373  C  CA  . ASP A 1 49  ? -13.119 -3.164  13.051  1.00 14.59 ? 49  ASP A CA  1 
ATOM   374  C  C   . ASP A 1 49  ? -11.721 -3.552  13.522  1.00 14.80 ? 49  ASP A C   1 
ATOM   375  O  O   . ASP A 1 49  ? -11.512 -3.862  14.695  1.00 17.10 ? 49  ASP A O   1 
ATOM   376  C  CB  . ASP A 1 49  ? -14.124 -4.286  13.356  1.00 14.15 ? 49  ASP A CB  1 
ATOM   377  C  CG  . ASP A 1 49  ? -13.863 -5.554  12.570  1.00 15.43 ? 49  ASP A CG  1 
ATOM   378  O  OD1 . ASP A 1 49  ? -12.803 -5.665  11.924  1.00 16.96 ? 49  ASP A OD1 1 
ATOM   379  O  OD2 . ASP A 1 49  ? -14.731 -6.455  12.608  1.00 14.36 ? 49  ASP A OD2 1 
ATOM   380  N  N   . SER A 1 50  ? -10.770 -3.528  12.592  1.00 15.41 ? 50  SER A N   1 
ATOM   381  C  CA  . SER A 1 50  ? -9.369  -3.853  12.863  1.00 16.82 ? 50  SER A CA  1 
ATOM   382  C  C   . SER A 1 50  ? -9.097  -5.323  13.169  1.00 16.92 ? 50  SER A C   1 
ATOM   383  O  O   . SER A 1 50  ? -7.996  -5.673  13.592  1.00 16.72 ? 50  SER A O   1 
ATOM   384  C  CB  . SER A 1 50  ? -8.839  -2.985  14.014  1.00 18.37 ? 50  SER A CB  1 
ATOM   385  O  OG  . SER A 1 50  ? -8.895  -1.608  13.680  1.00 25.31 ? 50  SER A OG  1 
ATOM   386  N  N   . VAL A 1 51  ? -10.086 -6.183  12.943  1.00 15.75 ? 51  VAL A N   1 
ATOM   387  C  CA  . VAL A 1 51  ? -9.921  -7.609  13.207  1.00 16.69 ? 51  VAL A CA  1 
ATOM   388  C  C   . VAL A 1 51  ? -10.433 -8.485  12.067  1.00 15.13 ? 51  VAL A C   1 
ATOM   389  O  O   . VAL A 1 51  ? -9.747  -9.415  11.633  1.00 16.96 ? 51  VAL A O   1 
ATOM   390  C  CB  . VAL A 1 51  ? -10.644 -8.024  14.500  1.00 16.50 ? 51  VAL A CB  1 
ATOM   391  C  CG1 . VAL A 1 51  ? -10.457 -9.520  14.749  1.00 16.23 ? 51  VAL A CG1 1 
ATOM   392  C  CG2 . VAL A 1 51  ? -10.118 -7.208  15.673  1.00 17.93 ? 51  VAL A CG2 1 
ATOM   393  N  N   . SER A 1 52  ? -11.634 -8.192  11.580  1.00 13.17 ? 52  SER A N   1 
ATOM   394  C  CA  . SER A 1 52  ? -12.204 -8.977  10.491  1.00 11.58 ? 52  SER A CA  1 
ATOM   395  C  C   . SER A 1 52  ? -11.334 -8.824  9.259   1.00 12.13 ? 52  SER A C   1 
ATOM   396  O  O   . SER A 1 52  ? -10.675 -7.797  9.078   1.00 11.35 ? 52  SER A O   1 
ATOM   397  C  CB  . SER A 1 52  ? -13.623 -8.498  10.157  1.00 11.40 ? 52  SER A CB  1 
ATOM   398  O  OG  . SER A 1 52  ? -14.503 -8.651  11.258  1.00 12.18 ? 52  SER A OG  1 
ATOM   399  N  N   . THR A 1 53  ? -11.327 -9.854  8.422   1.00 11.13 ? 53  THR A N   1 
ATOM   400  C  CA  . THR A 1 53  ? -10.548 -9.829  7.193   1.00 11.39 ? 53  THR A CA  1 
ATOM   401  C  C   . THR A 1 53  ? -11.378 -10.418 6.070   1.00 12.41 ? 53  THR A C   1 
ATOM   402  O  O   . THR A 1 53  ? -12.231 -11.285 6.292   1.00 12.00 ? 53  THR A O   1 
ATOM   403  C  CB  . THR A 1 53  ? -9.245  -10.648 7.306   1.00 12.31 ? 53  THR A CB  1 
ATOM   404  O  OG1 . THR A 1 53  ? -9.562  -12.020 7.581   1.00 12.22 ? 53  THR A OG1 1 
ATOM   405  C  CG2 . THR A 1 53  ? -8.355  -10.095 8.399   1.00 12.44 ? 53  THR A CG2 1 
ATOM   406  N  N   . LEU A 1 54  ? -11.119 -9.936  4.862   1.00 10.74 ? 54  LEU A N   1 
ATOM   407  C  CA  . LEU A 1 54  ? -11.825 -10.396 3.682   1.00 10.38 ? 54  LEU A CA  1 
ATOM   408  C  C   . LEU A 1 54  ? -10.841 -10.795 2.605   1.00 12.77 ? 54  LEU A C   1 
ATOM   409  O  O   . LEU A 1 54  ? -9.973  -10.009 2.222   1.00 12.10 ? 54  LEU A O   1 
ATOM   410  C  CB  . LEU A 1 54  ? -12.734 -9.286  3.139   1.00 10.59 ? 54  LEU A CB  1 
ATOM   411  C  CG  . LEU A 1 54  ? -13.491 -9.544  1.832   1.00 12.83 ? 54  LEU A CG  1 
ATOM   412  C  CD1 . LEU A 1 54  ? -14.484 -10.683 2.010   1.00 14.26 ? 54  LEU A CD1 1 
ATOM   413  C  CD2 . LEU A 1 54  ? -14.222 -8.274  1.411   1.00 14.18 ? 54  LEU A CD2 1 
ATOM   414  N  N   . GLN A 1 55  ? -10.953 -12.032 2.140   1.00 12.61 ? 55  GLN A N   1 
ATOM   415  C  CA  . GLN A 1 55  ? -10.109 -12.490 1.048   1.00 14.20 ? 55  GLN A CA  1 
ATOM   416  C  C   . GLN A 1 55  ? -11.070 -12.990 -0.007  1.00 15.37 ? 55  GLN A C   1 
ATOM   417  O  O   . GLN A 1 55  ? -11.954 -13.802 0.279   1.00 16.07 ? 55  GLN A O   1 
ATOM   418  C  CB  . GLN A 1 55  ? -9.160  -13.618 1.470   1.00 16.80 ? 55  GLN A CB  1 
ATOM   419  C  CG  . GLN A 1 55  ? -8.231  -14.040 0.323   1.00 18.51 ? 55  GLN A CG  1 
ATOM   420  C  CD  . GLN A 1 55  ? -6.980  -14.780 0.779   1.00 22.35 ? 55  GLN A CD  1 
ATOM   421  O  OE1 . GLN A 1 55  ? -6.251  -14.315 1.658   1.00 24.89 ? 55  GLN A OE1 1 
ATOM   422  N  NE2 . GLN A 1 55  ? -6.716  -15.925 0.163   1.00 18.66 ? 55  GLN A NE2 1 
ATOM   423  N  N   . VAL A 1 56  ? -10.912 -12.485 -1.223  1.00 13.63 ? 56  VAL A N   1 
ATOM   424  C  CA  . VAL A 1 56  ? -11.784 -12.872 -2.318  1.00 14.55 ? 56  VAL A CA  1 
ATOM   425  C  C   . VAL A 1 56  ? -10.977 -13.105 -3.583  1.00 14.80 ? 56  VAL A C   1 
ATOM   426  O  O   . VAL A 1 56  ? -10.159 -12.270 -3.964  1.00 14.99 ? 56  VAL A O   1 
ATOM   427  C  CB  . VAL A 1 56  ? -12.828 -11.774 -2.618  1.00 14.78 ? 56  VAL A CB  1 
ATOM   428  C  CG1 . VAL A 1 56  ? -13.739 -12.221 -3.755  1.00 15.68 ? 56  VAL A CG1 1 
ATOM   429  C  CG2 . VAL A 1 56  ? -13.632 -11.463 -1.366  1.00 16.36 ? 56  VAL A CG2 1 
ATOM   430  N  N   . SER A 1 57  ? -11.201 -14.249 -4.224  1.00 14.79 ? 57  SER A N   1 
ATOM   431  C  CA  . SER A 1 57  ? -10.517 -14.561 -5.469  1.00 15.92 ? 57  SER A CA  1 
ATOM   432  C  C   . SER A 1 57  ? -11.509 -14.347 -6.603  1.00 15.57 ? 57  SER A C   1 
ATOM   433  O  O   . SER A 1 57  ? -12.260 -15.245 -6.986  1.00 17.79 ? 57  SER A O   1 
ATOM   434  C  CB  . SER A 1 57  ? -10.005 -16.003 -5.461  1.00 19.38 ? 57  SER A CB  1 
ATOM   435  O  OG  . SER A 1 57  ? -8.912  -16.142 -4.567  1.00 22.36 ? 57  SER A OG  1 
ATOM   436  N  N   . ALA A 1 58  ? -11.515 -13.121 -7.110  1.00 14.28 ? 58  ALA A N   1 
ATOM   437  C  CA  . ALA A 1 58  ? -12.388 -12.703 -8.197  1.00 13.31 ? 58  ALA A CA  1 
ATOM   438  C  C   . ALA A 1 58  ? -11.714 -11.474 -8.781  1.00 15.05 ? 58  ALA A C   1 
ATOM   439  O  O   . ALA A 1 58  ? -10.802 -10.918 -8.172  1.00 15.49 ? 58  ALA A O   1 
ATOM   440  C  CB  . ALA A 1 58  ? -13.761 -12.338 -7.653  1.00 13.73 ? 58  ALA A CB  1 
ATOM   441  N  N   . PRO A 1 59  ? -12.139 -11.037 -9.972  1.00 14.74 ? 59  PRO A N   1 
ATOM   442  C  CA  . PRO A 1 59  ? -11.499 -9.854  -10.546 1.00 13.97 ? 59  PRO A CA  1 
ATOM   443  C  C   . PRO A 1 59  ? -11.898 -8.556  -9.855  1.00 13.63 ? 59  PRO A C   1 
ATOM   444  O  O   . PRO A 1 59  ? -13.071 -8.317  -9.568  1.00 12.16 ? 59  PRO A O   1 
ATOM   445  C  CB  . PRO A 1 59  ? -11.936 -9.898  -12.008 1.00 15.22 ? 59  PRO A CB  1 
ATOM   446  C  CG  . PRO A 1 59  ? -13.289 -10.523 -11.928 1.00 16.25 ? 59  PRO A CG  1 
ATOM   447  C  CD  . PRO A 1 59  ? -13.104 -11.631 -10.913 1.00 15.31 ? 59  PRO A CD  1 
ATOM   448  N  N   . PHE A 1 60  ? -10.899 -7.723  -9.590  1.00 12.49 ? 60  PHE A N   1 
ATOM   449  C  CA  . PHE A 1 60  ? -11.113 -6.430  -8.952  1.00 12.17 ? 60  PHE A CA  1 
ATOM   450  C  C   . PHE A 1 60  ? -10.259 -5.386  -9.645  1.00 12.13 ? 60  PHE A C   1 
ATOM   451  O  O   . PHE A 1 60  ? -9.097  -5.640  -9.963  1.00 13.32 ? 60  PHE A O   1 
ATOM   452  C  CB  . PHE A 1 60  ? -10.690 -6.465  -7.485  1.00 11.78 ? 60  PHE A CB  1 
ATOM   453  C  CG  . PHE A 1 60  ? -11.586 -7.284  -6.604  1.00 13.26 ? 60  PHE A CG  1 
ATOM   454  C  CD1 . PHE A 1 60  ? -12.770 -6.751  -6.103  1.00 12.56 ? 60  PHE A CD1 1 
ATOM   455  C  CD2 . PHE A 1 60  ? -11.231 -8.582  -6.252  1.00 13.18 ? 60  PHE A CD2 1 
ATOM   456  C  CE1 . PHE A 1 60  ? -13.588 -7.502  -5.253  1.00 13.12 ? 60  PHE A CE1 1 
ATOM   457  C  CE2 . PHE A 1 60  ? -12.041 -9.339  -5.406  1.00 13.30 ? 60  PHE A CE2 1 
ATOM   458  C  CZ  . PHE A 1 60  ? -13.218 -8.795  -4.908  1.00 12.26 ? 60  PHE A CZ  1 
ATOM   459  N  N   . GLU A 1 61  ? -10.834 -4.215  -9.877  1.00 10.78 ? 61  GLU A N   1 
ATOM   460  C  CA  . GLU A 1 61  ? -10.088 -3.120  -10.485 1.00 11.74 ? 61  GLU A CA  1 
ATOM   461  C  C   . GLU A 1 61  ? -9.558  -2.288  -9.321  1.00 11.51 ? 61  GLU A C   1 
ATOM   462  O  O   . GLU A 1 61  ? -10.302 -1.985  -8.383  1.00 11.25 ? 61  GLU A O   1 
ATOM   463  C  CB  . GLU A 1 61  ? -11.007 -2.244  -11.342 1.00 13.59 ? 61  GLU A CB  1 
ATOM   464  C  CG  . GLU A 1 61  ? -11.572 -2.932  -12.572 1.00 18.60 ? 61  GLU A CG  1 
ATOM   465  C  CD  . GLU A 1 61  ? -10.558 -3.040  -13.690 1.00 22.57 ? 61  GLU A CD  1 
ATOM   466  O  OE1 . GLU A 1 61  ? -10.557 -2.167  -14.586 1.00 24.67 ? 61  GLU A OE1 1 
ATOM   467  O  OE2 . GLU A 1 61  ? -9.753  -3.992  -13.667 1.00 25.56 ? 61  GLU A OE2 1 
ATOM   468  N  N   . ILE A 1 62  ? -8.275  -1.943  -9.350  1.00 10.21 ? 62  ILE A N   1 
ATOM   469  C  CA  . ILE A 1 62  ? -7.717  -1.115  -8.286  1.00 10.87 ? 62  ILE A CA  1 
ATOM   470  C  C   . ILE A 1 62  ? -8.092  0.329   -8.620  1.00 11.51 ? 62  ILE A C   1 
ATOM   471  O  O   . ILE A 1 62  ? -7.695  0.851   -9.660  1.00 13.13 ? 62  ILE A O   1 
ATOM   472  C  CB  . ILE A 1 62  ? -6.176  -1.228  -8.217  1.00 10.51 ? 62  ILE A CB  1 
ATOM   473  C  CG1 . ILE A 1 62  ? -5.773  -2.683  -7.972  1.00 11.53 ? 62  ILE A CG1 1 
ATOM   474  C  CG2 . ILE A 1 62  ? -5.641  -0.322  -7.110  1.00 10.76 ? 62  ILE A CG2 1 
ATOM   475  C  CD1 . ILE A 1 62  ? -4.266  -2.927  -7.991  1.00 12.92 ? 62  ILE A CD1 1 
ATOM   476  N  N   . LEU A 1 63  ? -8.863  0.975   -7.750  1.00 10.95 ? 63  LEU A N   1 
ATOM   477  C  CA  . LEU A 1 63  ? -9.279  2.353   -8.005  1.00 10.93 ? 63  LEU A CA  1 
ATOM   478  C  C   . LEU A 1 63  ? -8.330  3.349   -7.367  1.00 11.60 ? 63  LEU A C   1 
ATOM   479  O  O   . LEU A 1 63  ? -8.011  4.389   -7.947  1.00 13.29 ? 63  LEU A O   1 
ATOM   480  C  CB  . LEU A 1 63  ? -10.696 2.592   -7.477  1.00 10.98 ? 63  LEU A CB  1 
ATOM   481  C  CG  . LEU A 1 63  ? -11.775 1.641   -8.000  1.00 10.82 ? 63  LEU A CG  1 
ATOM   482  C  CD1 . LEU A 1 63  ? -13.122 2.083   -7.447  1.00 12.37 ? 63  LEU A CD1 1 
ATOM   483  C  CD2 . LEU A 1 63  ? -11.797 1.644   -9.520  1.00 12.17 ? 63  LEU A CD2 1 
ATOM   484  N  N   . SER A 1 64  ? -7.894  3.043   -6.154  1.00 10.96 ? 64  SER A N   1 
ATOM   485  C  CA  . SER A 1 64  ? -6.972  3.921   -5.461  1.00 12.54 ? 64  SER A CA  1 
ATOM   486  C  C   . SER A 1 64  ? -6.180  3.153   -4.425  1.00 11.63 ? 64  SER A C   1 
ATOM   487  O  O   . SER A 1 64  ? -6.645  2.149   -3.880  1.00 10.97 ? 64  SER A O   1 
ATOM   488  C  CB  . SER A 1 64  ? -7.726  5.063   -4.780  1.00 14.50 ? 64  SER A CB  1 
ATOM   489  O  OG  . SER A 1 64  ? -8.530  4.594   -3.711  1.00 14.07 ? 64  SER A OG  1 
ATOM   490  N  N   . LEU A 1 65  ? -4.968  3.626   -4.177  1.00 11.07 ? 65  LEU A N   1 
ATOM   491  C  CA  . LEU A 1 65  ? -4.104  3.025   -3.182  1.00 10.58 ? 65  LEU A CA  1 
ATOM   492  C  C   . LEU A 1 65  ? -3.408  4.184   -2.494  1.00 11.41 ? 65  LEU A C   1 
ATOM   493  O  O   . LEU A 1 65  ? -2.736  4.986   -3.146  1.00 11.61 ? 65  LEU A O   1 
ATOM   494  C  CB  . LEU A 1 65  ? -3.066  2.104   -3.833  1.00 10.36 ? 65  LEU A CB  1 
ATOM   495  C  CG  . LEU A 1 65  ? -2.120  1.396   -2.861  1.00 11.38 ? 65  LEU A CG  1 
ATOM   496  C  CD1 . LEU A 1 65  ? -2.906  0.410   -2.012  1.00 12.41 ? 65  LEU A CD1 1 
ATOM   497  C  CD2 . LEU A 1 65  ? -1.025  0.674   -3.630  1.00 12.02 ? 65  LEU A CD2 1 
ATOM   498  N  N   . SER A 1 66  ? -3.618  4.299   -1.191  1.00 11.04 ? 66  SER A N   1 
ATOM   499  C  CA  . SER A 1 66  ? -2.997  5.353   -0.407  1.00 12.98 ? 66  SER A CA  1 
ATOM   500  C  C   . SER A 1 66  ? -2.052  4.683   0.565   1.00 13.69 ? 66  SER A C   1 
ATOM   501  O  O   . SER A 1 66  ? -2.327  3.599   1.069   1.00 13.20 ? 66  SER A O   1 
ATOM   502  C  CB  . SER A 1 66  ? -4.047  6.157   0.364   1.00 15.42 ? 66  SER A CB  1 
ATOM   503  O  OG  . SER A 1 66  ? -4.922  6.840   -0.514  1.00 22.67 ? 66  SER A OG  1 
ATOM   504  N  N   . GLY A 1 67  ? -0.920  5.316   0.827   1.00 13.94 ? 67  GLY A N   1 
ATOM   505  C  CA  . GLY A 1 67  ? -0.004  4.697   1.755   1.00 15.37 ? 67  GLY A CA  1 
ATOM   506  C  C   . GLY A 1 67  ? 1.023   5.633   2.330   1.00 14.00 ? 67  GLY A C   1 
ATOM   507  O  O   . GLY A 1 67  ? 1.422   6.605   1.696   1.00 12.52 ? 67  GLY A O   1 
ATOM   508  N  N   . THR A 1 68  ? 1.414   5.341   3.563   1.00 13.10 ? 68  THR A N   1 
ATOM   509  C  CA  . THR A 1 68  ? 2.451   6.091   4.250   1.00 11.84 ? 68  THR A CA  1 
ATOM   510  C  C   . THR A 1 68  ? 3.626   5.131   4.176   1.00 12.25 ? 68  THR A C   1 
ATOM   511  O  O   . THR A 1 68  ? 3.579   4.038   4.745   1.00 12.58 ? 68  THR A O   1 
ATOM   512  C  CB  . THR A 1 68  ? 2.098   6.338   5.721   1.00 12.65 ? 68  THR A CB  1 
ATOM   513  O  OG1 . THR A 1 68  ? 0.937   7.173   5.800   1.00 13.50 ? 68  THR A OG1 1 
ATOM   514  C  CG2 . THR A 1 68  ? 3.261   7.016   6.439   1.00 14.80 ? 68  THR A CG2 1 
ATOM   515  N  N   . LEU A 1 69  ? 4.666   5.522   3.453   1.00 10.79 ? 69  LEU A N   1 
ATOM   516  C  CA  . LEU A 1 69  ? 5.823   4.655   3.307   1.00 11.23 ? 69  LEU A CA  1 
ATOM   517  C  C   . LEU A 1 69  ? 6.986   5.072   4.198   1.00 12.15 ? 69  LEU A C   1 
ATOM   518  O  O   . LEU A 1 69  ? 7.396   6.236   4.201   1.00 12.04 ? 69  LEU A O   1 
ATOM   519  C  CB  . LEU A 1 69  ? 6.287   4.637   1.845   1.00 11.97 ? 69  LEU A CB  1 
ATOM   520  C  CG  . LEU A 1 69  ? 5.192   4.464   0.783   1.00 12.10 ? 69  LEU A CG  1 
ATOM   521  C  CD1 . LEU A 1 69  ? 5.806   4.494   -0.606  1.00 14.52 ? 69  LEU A CD1 1 
ATOM   522  C  CD2 . LEU A 1 69  ? 4.449   3.159   1.008   1.00 13.36 ? 69  LEU A CD2 1 
ATOM   523  N  N   . THR A 1 70  ? 7.481   4.111   4.976   1.00 13.25 ? 70  THR A N   1 
ATOM   524  C  CA  . THR A 1 70  ? 8.637   4.309   5.850   1.00 14.18 ? 70  THR A CA  1 
ATOM   525  C  C   . THR A 1 70  ? 9.480   3.084   5.543   1.00 14.47 ? 70  THR A C   1 
ATOM   526  O  O   . THR A 1 70  ? 8.963   2.080   5.046   1.00 15.45 ? 70  THR A O   1 
ATOM   527  C  CB  . THR A 1 70  ? 8.282   4.315   7.356   1.00 14.22 ? 70  THR A CB  1 
ATOM   528  O  OG1 . THR A 1 70  ? 8.051   2.975   7.810   1.00 17.67 ? 70  THR A OG1 1 
ATOM   529  C  CG2 . THR A 1 70  ? 7.045   5.165   7.611   1.00 15.40 ? 70  THR A CG2 1 
ATOM   530  N  N   . TYR A 1 71  ? 10.774  3.140   5.828   1.00 14.05 ? 71  TYR A N   1 
ATOM   531  C  CA  . TYR A 1 71  ? 11.615  2.000   5.509   1.00 15.71 ? 71  TYR A CA  1 
ATOM   532  C  C   . TYR A 1 71  ? 11.175  0.697   6.180   1.00 14.85 ? 71  TYR A C   1 
ATOM   533  O  O   . TYR A 1 71  ? 11.134  -0.354  5.540   1.00 17.27 ? 71  TYR A O   1 
ATOM   534  C  CB  . TYR A 1 71  ? 13.069  2.291   5.886   1.00 15.28 ? 71  TYR A CB  1 
ATOM   535  C  CG  . TYR A 1 71  ? 14.023  1.271   5.319   1.00 15.76 ? 71  TYR A CG  1 
ATOM   536  C  CD1 . TYR A 1 71  ? 14.643  1.473   4.089   1.00 14.08 ? 71  TYR A CD1 1 
ATOM   537  C  CD2 . TYR A 1 71  ? 14.267  0.078   5.989   1.00 16.06 ? 71  TYR A CD2 1 
ATOM   538  C  CE1 . TYR A 1 71  ? 15.486  0.505   3.536   1.00 17.46 ? 71  TYR A CE1 1 
ATOM   539  C  CE2 . TYR A 1 71  ? 15.102  -0.895  5.451   1.00 18.25 ? 71  TYR A CE2 1 
ATOM   540  C  CZ  . TYR A 1 71  ? 15.708  -0.677  4.227   1.00 17.83 ? 71  TYR A CZ  1 
ATOM   541  O  OH  . TYR A 1 71  ? 16.535  -1.646  3.703   1.00 19.24 ? 71  TYR A OH  1 
ATOM   542  N  N   . GLN A 1 72  ? 10.837  0.772   7.462   1.00 16.74 ? 72  GLN A N   1 
ATOM   543  C  CA  . GLN A 1 72  ? 10.445  -0.406  8.224   1.00 17.81 ? 72  GLN A CA  1 
ATOM   544  C  C   . GLN A 1 72  ? 8.970   -0.780  8.165   1.00 18.28 ? 72  GLN A C   1 
ATOM   545  O  O   . GLN A 1 72  ? 8.586   -1.847  8.644   1.00 19.52 ? 72  GLN A O   1 
ATOM   546  C  CB  . GLN A 1 72  ? 10.829  -0.226  9.694   1.00 18.28 ? 72  GLN A CB  1 
ATOM   547  C  CG  . GLN A 1 72  ? 12.318  -0.128  9.963   1.00 23.01 ? 72  GLN A CG  1 
ATOM   548  C  CD  . GLN A 1 72  ? 12.619  0.003   11.446  1.00 24.68 ? 72  GLN A CD  1 
ATOM   549  O  OE1 . GLN A 1 72  ? 12.166  -0.809  12.255  1.00 28.16 ? 72  GLN A OE1 1 
ATOM   550  N  NE2 . GLN A 1 72  ? 13.384  1.025   11.808  1.00 25.68 ? 72  GLN A NE2 1 
ATOM   551  N  N   . HIS A 1 73  ? 8.137   0.077   7.586   1.00 17.34 ? 73  HIS A N   1 
ATOM   552  C  CA  . HIS A 1 73  ? 6.713   -0.221  7.555   1.00 16.64 ? 73  HIS A CA  1 
ATOM   553  C  C   . HIS A 1 73  ? 5.938   0.586   6.526   1.00 16.60 ? 73  HIS A C   1 
ATOM   554  O  O   . HIS A 1 73  ? 6.127   1.793   6.401   1.00 17.14 ? 73  HIS A O   1 
ATOM   555  C  CB  . HIS A 1 73  ? 6.116   0.051   8.938   1.00 17.66 ? 73  HIS A CB  1 
ATOM   556  C  CG  . HIS A 1 73  ? 4.641   -0.196  9.025   1.00 20.98 ? 73  HIS A CG  1 
ATOM   557  N  ND1 . HIS A 1 73  ? 4.109   -1.407  9.415   1.00 22.07 ? 73  HIS A ND1 1 
ATOM   558  C  CD2 . HIS A 1 73  ? 3.585   0.613   8.776   1.00 18.98 ? 73  HIS A CD2 1 
ATOM   559  C  CE1 . HIS A 1 73  ? 2.791   -1.331  9.407   1.00 21.29 ? 73  HIS A CE1 1 
ATOM   560  N  NE2 . HIS A 1 73  ? 2.447   -0.115  9.022   1.00 24.15 ? 73  HIS A NE2 1 
ATOM   561  N  N   . CYS A 1 74  ? 5.056   -0.095  5.801   1.00 15.54 ? 74  CYS A N   1 
ATOM   562  C  CA  . CYS A 1 74  ? 4.210   0.561   4.811   1.00 15.37 ? 74  CYS A CA  1 
ATOM   563  C  C   . CYS A 1 74  ? 2.764   0.378   5.253   1.00 14.91 ? 74  CYS A C   1 
ATOM   564  O  O   . CYS A 1 74  ? 2.289   -0.752  5.391   1.00 15.95 ? 74  CYS A O   1 
ATOM   565  C  CB  . CYS A 1 74  ? 4.416   -0.050  3.425   1.00 15.59 ? 74  CYS A CB  1 
ATOM   566  S  SG  . CYS A 1 74  ? 6.000   0.371   2.663   1.00 17.69 ? 74  CYS A SG  1 
ATOM   567  N  N   . HIS A 1 75  ? 2.082   1.497   5.493   1.00 12.58 ? 75  HIS A N   1 
ATOM   568  C  CA  . HIS A 1 75  ? 0.688   1.499   5.931   1.00 11.83 ? 75  HIS A CA  1 
ATOM   569  C  C   . HIS A 1 75  ? -0.139  1.833   4.697   1.00 11.67 ? 75  HIS A C   1 
ATOM   570  O  O   . HIS A 1 75  ? -0.240  2.994   4.303   1.00 12.09 ? 75  HIS A O   1 
ATOM   571  C  CB  . HIS A 1 75  ? 0.483   2.561   7.013   1.00 12.08 ? 75  HIS A CB  1 
ATOM   572  C  CG  . HIS A 1 75  ? -0.834  2.455   7.718   1.00 13.19 ? 75  HIS A CG  1 
ATOM   573  N  ND1 . HIS A 1 75  ? -1.234  3.348   8.689   1.00 13.78 ? 75  HIS A ND1 1 
ATOM   574  C  CD2 . HIS A 1 75  ? -1.832  1.550   7.603   1.00 14.92 ? 75  HIS A CD2 1 
ATOM   575  C  CE1 . HIS A 1 75  ? -2.423  2.994   9.144   1.00 15.18 ? 75  HIS A CE1 1 
ATOM   576  N  NE2 . HIS A 1 75  ? -2.808  1.907   8.502   1.00 14.30 ? 75  HIS A NE2 1 
ATOM   577  N  N   . LEU A 1 76  ? -0.734  0.804   4.103   1.00 10.34 ? 76  LEU A N   1 
ATOM   578  C  CA  . LEU A 1 76  ? -1.495  0.958   2.868   1.00 9.59  ? 76  LEU A CA  1 
ATOM   579  C  C   . LEU A 1 76  ? -2.986  0.641   2.948   1.00 9.27  ? 76  LEU A C   1 
ATOM   580  O  O   . LEU A 1 76  ? -3.381  -0.376  3.513   1.00 10.61 ? 76  LEU A O   1 
ATOM   581  C  CB  . LEU A 1 76  ? -0.874  0.061   1.794   1.00 12.53 ? 76  LEU A CB  1 
ATOM   582  C  CG  . LEU A 1 76  ? 0.587   0.310   1.405   1.00 13.63 ? 76  LEU A CG  1 
ATOM   583  C  CD1 . LEU A 1 76  ? 1.237   -0.981  0.906   1.00 16.04 ? 76  LEU A CD1 1 
ATOM   584  C  CD2 . LEU A 1 76  ? 0.634   1.385   0.341   1.00 18.27 ? 76  LEU A CD2 1 
ATOM   585  N  N   . HIS A 1 77  ? -3.802  1.515   2.365   1.00 9.29  ? 77  HIS A N   1 
ATOM   586  C  CA  . HIS A 1 77  ? -5.250  1.310   2.311   1.00 8.86  ? 77  HIS A CA  1 
ATOM   587  C  C   . HIS A 1 77  ? -5.644  1.289   0.845   1.00 9.90  ? 77  HIS A C   1 
ATOM   588  O  O   . HIS A 1 77  ? -5.181  2.107   0.055   1.00 10.65 ? 77  HIS A O   1 
ATOM   589  C  CB  . HIS A 1 77  ? -5.991  2.422   3.046   1.00 10.14 ? 77  HIS A CB  1 
ATOM   590  C  CG  . HIS A 1 77  ? -5.942  2.285   4.535   1.00 8.88  ? 77  HIS A CG  1 
ATOM   591  N  ND1 . HIS A 1 77  ? -6.692  3.072   5.381   1.00 9.46  ? 77  HIS A ND1 1 
ATOM   592  C  CD2 . HIS A 1 77  ? -5.224  1.456   5.329   1.00 10.60 ? 77  HIS A CD2 1 
ATOM   593  C  CE1 . HIS A 1 77  ? -6.437  2.735   6.632   1.00 11.74 ? 77  HIS A CE1 1 
ATOM   594  N  NE2 . HIS A 1 77  ? -5.550  1.757   6.628   1.00 11.23 ? 77  HIS A NE2 1 
ATOM   595  N  N   . ILE A 1 78  ? -6.517  0.358   0.484   1.00 8.34  ? 78  ILE A N   1 
ATOM   596  C  CA  . ILE A 1 78  ? -6.902  0.210   -0.911  1.00 9.00  ? 78  ILE A CA  1 
ATOM   597  C  C   . ILE A 1 78  ? -8.410  0.273   -1.140  1.00 8.57  ? 78  ILE A C   1 
ATOM   598  O  O   . ILE A 1 78  ? -9.196  -0.055  -0.250  1.00 9.53  ? 78  ILE A O   1 
ATOM   599  C  CB  . ILE A 1 78  ? -6.358  -1.148  -1.446  1.00 9.45  ? 78  ILE A CB  1 
ATOM   600  C  CG1 . ILE A 1 78  ? -6.396  -1.191  -2.974  1.00 9.07  ? 78  ILE A CG1 1 
ATOM   601  C  CG2 . ILE A 1 78  ? -7.166  -2.309  -0.855  1.00 10.59 ? 78  ILE A CG2 1 
ATOM   602  C  CD1 . ILE A 1 78  ? -5.741  -2.441  -3.561  1.00 9.58  ? 78  ILE A CD1 1 
ATOM   603  N  N   . ALA A 1 79  ? -8.799  0.735   -2.326  1.00 9.04  ? 79  ALA A N   1 
ATOM   604  C  CA  . ALA A 1 79  ? -10.204 0.776   -2.730  1.00 8.27  ? 79  ALA A CA  1 
ATOM   605  C  C   . ALA A 1 79  ? -10.240 0.040   -4.070  1.00 9.24  ? 79  ALA A C   1 
ATOM   606  O  O   . ALA A 1 79  ? -9.492  0.376   -4.988  1.00 9.65  ? 79  ALA A O   1 
ATOM   607  C  CB  . ALA A 1 79  ? -10.686 2.207   -2.904  1.00 9.55  ? 79  ALA A CB  1 
ATOM   608  N  N   . VAL A 1 80  ? -11.093 -0.971  -4.178  1.00 8.86  ? 80  VAL A N   1 
ATOM   609  C  CA  . VAL A 1 80  ? -11.199 -1.748  -5.408  1.00 8.68  ? 80  VAL A CA  1 
ATOM   610  C  C   . VAL A 1 80  ? -12.655 -1.885  -5.821  1.00 9.89  ? 80  VAL A C   1 
ATOM   611  O  O   . VAL A 1 80  ? -13.552 -1.745  -4.994  1.00 10.13 ? 80  VAL A O   1 
ATOM   612  C  CB  . VAL A 1 80  ? -10.611 -3.171  -5.245  1.00 10.16 ? 80  VAL A CB  1 
ATOM   613  C  CG1 . VAL A 1 80  ? -9.136  -3.093  -4.887  1.00 10.82 ? 80  VAL A CG1 1 
ATOM   614  C  CG2 . VAL A 1 80  ? -11.374 -3.939  -4.175  1.00 12.19 ? 80  VAL A CG2 1 
ATOM   615  N  N   . ALA A 1 81  ? -12.884 -2.163  -7.099  1.00 8.98  ? 81  ALA A N   1 
ATOM   616  C  CA  . ALA A 1 81  ? -14.250 -2.332  -7.595  1.00 8.36  ? 81  ALA A CA  1 
ATOM   617  C  C   . ALA A 1 81  ? -14.425 -3.749  -8.126  1.00 10.24 ? 81  ALA A C   1 
ATOM   618  O  O   . ALA A 1 81  ? -13.530 -4.279  -8.786  1.00 10.30 ? 81  ALA A O   1 
ATOM   619  C  CB  . ALA A 1 81  ? -14.539 -1.325  -8.700  1.00 10.08 ? 81  ALA A CB  1 
ATOM   620  N  N   . ASP A 1 82  ? -15.570 -4.365  -7.832  1.00 9.50  ? 82  ASP A N   1 
ATOM   621  C  CA  . ASP A 1 82  ? -15.822 -5.715  -8.314  1.00 10.44 ? 82  ASP A CA  1 
ATOM   622  C  C   . ASP A 1 82  ? -16.469 -5.704  -9.697  1.00 11.38 ? 82  ASP A C   1 
ATOM   623  O  O   . ASP A 1 82  ? -16.632 -4.646  -10.306 1.00 11.33 ? 82  ASP A O   1 
ATOM   624  C  CB  . ASP A 1 82  ? -16.682 -6.511  -7.315  1.00 10.79 ? 82  ASP A CB  1 
ATOM   625  C  CG  . ASP A 1 82  ? -18.052 -5.898  -7.079  1.00 11.00 ? 82  ASP A CG  1 
ATOM   626  O  OD1 . ASP A 1 82  ? -18.580 -5.229  -7.985  1.00 9.85  ? 82  ASP A OD1 1 
ATOM   627  O  OD2 . ASP A 1 82  ? -18.623 -6.112  -5.982  1.00 13.35 ? 82  ASP A OD2 1 
ATOM   628  N  N   . ALA A 1 83  ? -16.834 -6.886  -10.190 1.00 11.38 ? 83  ALA A N   1 
ATOM   629  C  CA  . ALA A 1 83  ? -17.434 -7.026  -11.516 1.00 12.83 ? 83  ALA A CA  1 
ATOM   630  C  C   . ALA A 1 83  ? -18.764 -6.305  -11.713 1.00 12.26 ? 83  ALA A C   1 
ATOM   631  O  O   . ALA A 1 83  ? -19.215 -6.129  -12.852 1.00 13.54 ? 83  ALA A O   1 
ATOM   632  C  CB  . ALA A 1 83  ? -17.592 -8.507  -11.854 1.00 14.84 ? 83  ALA A CB  1 
ATOM   633  N  N   . GLN A 1 84  ? -19.397 -5.895  -10.618 1.00 13.22 ? 84  GLN A N   1 
ATOM   634  C  CA  . GLN A 1 84  ? -20.667 -5.186  -10.708 1.00 13.34 ? 84  GLN A CA  1 
ATOM   635  C  C   . GLN A 1 84  ? -20.480 -3.686  -10.499 1.00 12.65 ? 84  GLN A C   1 
ATOM   636  O  O   . GLN A 1 84  ? -21.446 -2.919  -10.532 1.00 14.56 ? 84  GLN A O   1 
ATOM   637  C  CB  . GLN A 1 84  ? -21.663 -5.730  -9.677  1.00 15.27 ? 84  GLN A CB  1 
ATOM   638  C  CG  . GLN A 1 84  ? -22.133 -7.159  -9.949  1.00 19.64 ? 84  GLN A CG  1 
ATOM   639  C  CD  . GLN A 1 84  ? -21.066 -8.197  -9.662  1.00 21.66 ? 84  GLN A CD  1 
ATOM   640  O  OE1 . GLN A 1 84  ? -20.542 -8.272  -8.549  1.00 24.37 ? 84  GLN A OE1 1 
ATOM   641  N  NE2 . GLN A 1 84  ? -20.740 -9.010  -10.663 1.00 22.82 ? 84  GLN A NE2 1 
ATOM   642  N  N   . GLY A 1 85  ? -19.234 -3.273  -10.288 1.00 11.06 ? 85  GLY A N   1 
ATOM   643  C  CA  . GLY A 1 85  ? -18.949 -1.865  -10.086 1.00 10.60 ? 85  GLY A CA  1 
ATOM   644  C  C   . GLY A 1 85  ? -18.986 -1.419  -8.634  1.00 9.68  ? 85  GLY A C   1 
ATOM   645  O  O   . GLY A 1 85  ? -18.715 -0.251  -8.342  1.00 9.70  ? 85  GLY A O   1 
ATOM   646  N  N   . ARG A 1 86  ? -19.331 -2.329  -7.725  1.00 10.03 ? 86  ARG A N   1 
ATOM   647  C  CA  . ARG A 1 86  ? -19.390 -1.993  -6.302  1.00 11.46 ? 86  ARG A CA  1 
ATOM   648  C  C   . ARG A 1 86  ? -17.985 -1.878  -5.726  1.00 9.79  ? 86  ARG A C   1 
ATOM   649  O  O   . ARG A 1 86  ? -17.121 -2.700  -6.017  1.00 10.53 ? 86  ARG A O   1 
ATOM   650  C  CB  . ARG A 1 86  ? -20.167 -3.061  -5.527  1.00 14.01 ? 86  ARG A CB  1 
ATOM   651  C  CG  . ARG A 1 86  ? -21.651 -3.103  -5.840  1.00 21.89 ? 86  ARG A CG  1 
ATOM   652  C  CD  . ARG A 1 86  ? -22.392 -3.950  -4.816  1.00 25.28 ? 86  ARG A CD  1 
ATOM   653  N  NE  . ARG A 1 86  ? -23.843 -3.857  -4.975  1.00 30.82 ? 86  ARG A NE  1 
ATOM   654  C  CZ  . ARG A 1 86  ? -24.509 -4.287  -6.042  1.00 32.51 ? 86  ARG A CZ  1 
ATOM   655  N  NH1 . ARG A 1 86  ? -23.860 -4.846  -7.053  1.00 33.71 ? 86  ARG A NH1 1 
ATOM   656  N  NH2 . ARG A 1 86  ? -25.827 -4.153  -6.097  1.00 33.74 ? 86  ARG A NH2 1 
ATOM   657  N  N   . VAL A 1 87  ? -17.771 -0.872  -4.887  1.00 9.29  ? 87  VAL A N   1 
ATOM   658  C  CA  . VAL A 1 87  ? -16.454 -0.649  -4.309  1.00 9.06  ? 87  VAL A CA  1 
ATOM   659  C  C   . VAL A 1 87  ? -16.294 -1.176  -2.887  1.00 9.64  ? 87  VAL A C   1 
ATOM   660  O  O   . VAL A 1 87  ? -17.170 -1.003  -2.029  1.00 11.46 ? 87  VAL A O   1 
ATOM   661  C  CB  . VAL A 1 87  ? -16.105 0.850   -4.362  1.00 7.92  ? 87  VAL A CB  1 
ATOM   662  C  CG1 . VAL A 1 87  ? -14.721 1.101   -3.773  1.00 9.71  ? 87  VAL A CG1 1 
ATOM   663  C  CG2 . VAL A 1 87  ? -16.167 1.322   -5.811  1.00 9.26  ? 87  VAL A CG2 1 
ATOM   664  N  N   . TRP A 1 88  ? -15.160 -1.833  -2.664  1.00 9.04  ? 88  TRP A N   1 
ATOM   665  C  CA  . TRP A 1 88  ? -14.805 -2.430  -1.381  1.00 8.84  ? 88  TRP A CA  1 
ATOM   666  C  C   . TRP A 1 88  ? -13.418 -1.942  -1.006  1.00 9.45  ? 88  TRP A C   1 
ATOM   667  O  O   . TRP A 1 88  ? -12.656 -1.519  -1.864  1.00 9.29  ? 88  TRP A O   1 
ATOM   668  C  CB  . TRP A 1 88  ? -14.774 -3.954  -1.505  1.00 10.77 ? 88  TRP A CB  1 
ATOM   669  C  CG  . TRP A 1 88  ? -16.049 -4.529  -2.034  1.00 11.65 ? 88  TRP A CG  1 
ATOM   670  C  CD1 . TRP A 1 88  ? -16.419 -4.648  -3.340  1.00 11.86 ? 88  TRP A CD1 1 
ATOM   671  C  CD2 . TRP A 1 88  ? -17.153 -5.004  -1.256  1.00 14.04 ? 88  TRP A CD2 1 
ATOM   672  N  NE1 . TRP A 1 88  ? -17.693 -5.166  -3.427  1.00 13.16 ? 88  TRP A NE1 1 
ATOM   673  C  CE2 . TRP A 1 88  ? -18.166 -5.392  -2.160  1.00 15.14 ? 88  TRP A CE2 1 
ATOM   674  C  CE3 . TRP A 1 88  ? -17.387 -5.136  0.119   1.00 16.12 ? 88  TRP A CE3 1 
ATOM   675  C  CZ2 . TRP A 1 88  ? -19.397 -5.904  -1.733  1.00 18.77 ? 88  TRP A CZ2 1 
ATOM   676  C  CZ3 . TRP A 1 88  ? -18.614 -5.648  0.545   1.00 19.17 ? 88  TRP A CZ3 1 
ATOM   677  C  CH2 . TRP A 1 88  ? -19.600 -6.024  -0.381  1.00 19.36 ? 88  TRP A CH2 1 
ATOM   678  N  N   . GLY A 1 89  ? -13.073 -2.012  0.271   1.00 8.36  ? 89  GLY A N   1 
ATOM   679  C  CA  . GLY A 1 89  ? -11.750 -1.553  0.638   1.00 9.43  ? 89  GLY A CA  1 
ATOM   680  C  C   . GLY A 1 89  ? -11.399 -1.701  2.095   1.00 9.53  ? 89  GLY A C   1 
ATOM   681  O  O   . GLY A 1 89  ? -12.244 -2.031  2.924   1.00 8.74  ? 89  GLY A O   1 
ATOM   682  N  N   . GLY A 1 90  ? -10.130 -1.449  2.397   1.00 8.61  ? 90  GLY A N   1 
ATOM   683  C  CA  . GLY A 1 90  ? -9.655  -1.549  3.760   1.00 8.89  ? 90  GLY A CA  1 
ATOM   684  C  C   . GLY A 1 90  ? -8.140  -1.520  3.811   1.00 9.70  ? 90  GLY A C   1 
ATOM   685  O  O   . GLY A 1 90  ? -7.481  -1.039  2.886   1.00 10.18 ? 90  GLY A O   1 
ATOM   686  N  N   . HIS A 1 91  ? -7.606  -2.058  4.902   1.00 8.30  ? 91  HIS A N   1 
ATOM   687  C  CA  . HIS A 1 91  ? -6.174  -2.120  5.172   1.00 10.68 ? 91  HIS A CA  1 
ATOM   688  C  C   . HIS A 1 91  ? -5.531  -3.254  4.368   1.00 11.15 ? 91  HIS A C   1 
ATOM   689  O  O   . HIS A 1 91  ? -5.911  -4.416  4.498   1.00 10.93 ? 91  HIS A O   1 
ATOM   690  C  CB  . HIS A 1 91  ? -6.000  -2.334  6.675   1.00 11.45 ? 91  HIS A CB  1 
ATOM   691  C  CG  . HIS A 1 91  ? -4.578  -2.420  7.129   1.00 14.05 ? 91  HIS A CG  1 
ATOM   692  N  ND1 . HIS A 1 91  ? -3.880  -1.329  7.600   1.00 15.63 ? 91  HIS A ND1 1 
ATOM   693  C  CD2 . HIS A 1 91  ? -3.745  -3.480  7.242   1.00 16.03 ? 91  HIS A CD2 1 
ATOM   694  C  CE1 . HIS A 1 91  ? -2.678  -1.715  7.991   1.00 16.96 ? 91  HIS A CE1 1 
ATOM   695  N  NE2 . HIS A 1 91  ? -2.572  -3.015  7.785   1.00 17.57 ? 91  HIS A NE2 1 
ATOM   696  N  N   . LEU A 1 92  ? -4.546  -2.911  3.542   1.00 10.70 ? 92  LEU A N   1 
ATOM   697  C  CA  . LEU A 1 92  ? -3.882  -3.886  2.687   1.00 10.00 ? 92  LEU A CA  1 
ATOM   698  C  C   . LEU A 1 92  ? -3.028  -4.901  3.442   1.00 11.01 ? 92  LEU A C   1 
ATOM   699  O  O   . LEU A 1 92  ? -2.196  -4.530  4.271   1.00 13.33 ? 92  LEU A O   1 
ATOM   700  C  CB  . LEU A 1 92  ? -3.001  -3.168  1.660   1.00 10.87 ? 92  LEU A CB  1 
ATOM   701  C  CG  . LEU A 1 92  ? -2.547  -4.015  0.470   1.00 9.91  ? 92  LEU A CG  1 
ATOM   702  C  CD1 . LEU A 1 92  ? -3.718  -4.235  -0.482  1.00 11.94 ? 92  LEU A CD1 1 
ATOM   703  C  CD2 . LEU A 1 92  ? -1.402  -3.306  -0.245  1.00 11.92 ? 92  LEU A CD2 1 
ATOM   704  N  N   . LEU A 1 93  ? -3.243  -6.178  3.141   1.00 11.03 ? 93  LEU A N   1 
ATOM   705  C  CA  . LEU A 1 93  ? -2.492  -7.274  3.751   1.00 12.01 ? 93  LEU A CA  1 
ATOM   706  C  C   . LEU A 1 93  ? -1.673  -7.964  2.665   1.00 12.25 ? 93  LEU A C   1 
ATOM   707  O  O   . LEU A 1 93  ? -1.697  -7.561  1.506   1.00 11.39 ? 93  LEU A O   1 
ATOM   708  C  CB  . LEU A 1 93  ? -3.449  -8.299  4.365   1.00 12.36 ? 93  LEU A CB  1 
ATOM   709  C  CG  . LEU A 1 93  ? -4.394  -7.803  5.458   1.00 12.73 ? 93  LEU A CG  1 
ATOM   710  C  CD1 . LEU A 1 93  ? -5.378  -8.915  5.831   1.00 12.20 ? 93  LEU A CD1 1 
ATOM   711  C  CD2 . LEU A 1 93  ? -3.582  -7.364  6.666   1.00 12.62 ? 93  LEU A CD2 1 
ATOM   712  N  N   . GLU A 1 94  ? -0.934  -9.003  3.031   1.00 15.29 ? 94  GLU A N   1 
ATOM   713  C  CA  . GLU A 1 94  ? -0.180  -9.726  2.021   1.00 16.03 ? 94  GLU A CA  1 
ATOM   714  C  C   . GLU A 1 94  ? -1.228  -10.553 1.285   1.00 15.56 ? 94  GLU A C   1 
ATOM   715  O  O   . GLU A 1 94  ? -2.339  -10.724 1.786   1.00 15.72 ? 94  GLU A O   1 
ATOM   716  C  CB  . GLU A 1 94  ? 0.856   -10.645 2.674   1.00 20.29 ? 94  GLU A CB  1 
ATOM   717  C  CG  . GLU A 1 94  ? 1.826   -9.913  3.585   1.00 26.15 ? 94  GLU A CG  1 
ATOM   718  C  CD  . GLU A 1 94  ? 3.039   -10.745 3.947   1.00 29.55 ? 94  GLU A CD  1 
ATOM   719  O  OE1 . GLU A 1 94  ? 2.860   -11.872 4.454   1.00 32.41 ? 94  GLU A OE1 1 
ATOM   720  O  OE2 . GLU A 1 94  ? 4.172   -10.266 3.726   1.00 31.71 ? 94  GLU A OE2 1 
ATOM   721  N  N   . GLY A 1 95  ? -0.908  -11.033 0.092   1.00 14.92 ? 95  GLY A N   1 
ATOM   722  C  CA  . GLY A 1 95  ? -1.870  -11.851 -0.626  1.00 14.53 ? 95  GLY A CA  1 
ATOM   723  C  C   . GLY A 1 95  ? -2.722  -11.170 -1.680  1.00 14.50 ? 95  GLY A C   1 
ATOM   724  O  O   . GLY A 1 95  ? -3.626  -11.794 -2.240  1.00 14.99 ? 95  GLY A O   1 
ATOM   725  N  N   . ASN A 1 96  ? -2.471  -9.891  -1.943  1.00 12.27 ? 96  ASN A N   1 
ATOM   726  C  CA  . ASN A 1 96  ? -3.223  -9.192  -2.978  1.00 12.24 ? 96  ASN A CA  1 
ATOM   727  C  C   . ASN A 1 96  ? -2.420  -9.423  -4.242  1.00 13.15 ? 96  ASN A C   1 
ATOM   728  O  O   . ASN A 1 96  ? -1.380  -8.808  -4.449  1.00 13.77 ? 96  ASN A O   1 
ATOM   729  C  CB  . ASN A 1 96  ? -3.330  -7.706  -2.647  1.00 12.52 ? 96  ASN A CB  1 
ATOM   730  C  CG  . ASN A 1 96  ? -4.330  -7.443  -1.546  1.00 11.52 ? 96  ASN A CG  1 
ATOM   731  O  OD1 . ASN A 1 96  ? -5.523  -7.267  -1.807  1.00 11.35 ? 96  ASN A OD1 1 
ATOM   732  N  ND2 . ASN A 1 96  ? -3.860  -7.449  -0.307  1.00 11.45 ? 96  ASN A ND2 1 
ATOM   733  N  N   . LEU A 1 97  ? -2.907  -10.336 -5.074  1.00 12.43 ? 97  LEU A N   1 
ATOM   734  C  CA  . LEU A 1 97  ? -2.214  -10.722 -6.290  1.00 12.90 ? 97  LEU A CA  1 
ATOM   735  C  C   . LEU A 1 97  ? -2.657  -10.015 -7.556  1.00 12.85 ? 97  LEU A C   1 
ATOM   736  O  O   . LEU A 1 97  ? -3.842  -9.958  -7.876  1.00 13.84 ? 97  LEU A O   1 
ATOM   737  C  CB  . LEU A 1 97  ? -2.344  -12.235 -6.480  1.00 15.14 ? 97  LEU A CB  1 
ATOM   738  C  CG  . LEU A 1 97  ? -1.992  -13.070 -5.247  1.00 16.14 ? 97  LEU A CG  1 
ATOM   739  C  CD1 . LEU A 1 97  ? -2.188  -14.548 -5.558  1.00 18.06 ? 97  LEU A CD1 1 
ATOM   740  C  CD2 . LEU A 1 97  ? -0.557  -12.796 -4.831  1.00 17.30 ? 97  LEU A CD2 1 
ATOM   741  N  N   . ILE A 1 98  ? -1.676  -9.498  -8.285  1.00 13.58 ? 98  ILE A N   1 
ATOM   742  C  CA  . ILE A 1 98  ? -1.920  -8.789  -9.531  1.00 14.71 ? 98  ILE A CA  1 
ATOM   743  C  C   . ILE A 1 98  ? -2.492  -9.735  -10.580 1.00 16.33 ? 98  ILE A C   1 
ATOM   744  O  O   . ILE A 1 98  ? -2.059  -10.884 -10.687 1.00 17.25 ? 98  ILE A O   1 
ATOM   745  C  CB  . ILE A 1 98  ? -0.604  -8.193  -10.080 1.00 13.88 ? 98  ILE A CB  1 
ATOM   746  C  CG1 . ILE A 1 98  ? 0.033   -7.288  -9.023  1.00 14.90 ? 98  ILE A CG1 1 
ATOM   747  C  CG2 . ILE A 1 98  ? -0.865  -7.451  -11.383 1.00 16.05 ? 98  ILE A CG2 1 
ATOM   748  C  CD1 . ILE A 1 98  ? -0.891  -6.205  -8.486  1.00 15.84 ? 98  ILE A CD1 1 
ATOM   749  N  N   . ASN A 1 99  ? -3.469  -9.260  -11.346 1.00 17.01 ? 99  ASN A N   1 
ATOM   750  C  CA  . ASN A 1 99  ? -4.049  -10.079 -12.402 1.00 18.81 ? 99  ASN A CA  1 
ATOM   751  C  C   . ASN A 1 99  ? -3.237  -9.873  -13.671 1.00 19.71 ? 99  ASN A C   1 
ATOM   752  O  O   . ASN A 1 99  ? -2.350  -10.669 -13.975 1.00 21.88 ? 99  ASN A O   1 
ATOM   753  C  CB  . ASN A 1 99  ? -5.518  -9.717  -12.649 1.00 19.16 ? 99  ASN A CB  1 
ATOM   754  C  CG  . ASN A 1 99  ? -6.131  -10.524 -13.786 1.00 21.71 ? 99  ASN A CG  1 
ATOM   755  O  OD1 . ASN A 1 99  ? -5.754  -11.673 -14.017 1.00 23.54 ? 99  ASN A OD1 1 
ATOM   756  N  ND2 . ASN A 1 99  ? -7.084  -9.930  -14.490 1.00 23.01 ? 99  ASN A ND2 1 
ATOM   757  N  N   . THR A 1 101 ? -2.027  -6.436  -14.621 1.00 15.88 ? 101 THR A N   1 
ATOM   758  C  CA  . THR A 1 101 ? -1.066  -5.359  -14.414 1.00 15.14 ? 101 THR A CA  1 
ATOM   759  C  C   . THR A 1 101 ? -1.390  -4.449  -13.229 1.00 14.59 ? 101 THR A C   1 
ATOM   760  O  O   . THR A 1 101 ? -2.512  -4.429  -12.724 1.00 14.52 ? 101 THR A O   1 
ATOM   761  C  CB  . THR A 1 101 ? -0.973  -4.462  -15.682 1.00 15.12 ? 101 THR A CB  1 
ATOM   762  O  OG1 . THR A 1 101 ? 0.195   -3.637  -15.613 1.00 15.54 ? 101 THR A OG1 1 
ATOM   763  C  CG2 . THR A 1 101 ? -2.205  -3.559  -15.783 1.00 18.94 ? 101 THR A CG2 1 
ATOM   764  N  N   . ALA A 1 102 ? -0.372  -3.717  -12.790 1.00 14.49 ? 102 ALA A N   1 
ATOM   765  C  CA  . ALA A 1 102 ? -0.483  -2.723  -11.728 1.00 13.08 ? 102 ALA A CA  1 
ATOM   766  C  C   . ALA A 1 102 ? 0.552   -1.679  -12.123 1.00 13.59 ? 102 ALA A C   1 
ATOM   767  O  O   . ALA A 1 102 ? 1.749   -1.971  -12.188 1.00 14.39 ? 102 ALA A O   1 
ATOM   768  C  CB  . ALA A 1 102 ? -0.143  -3.324  -10.360 1.00 14.70 ? 102 ALA A CB  1 
ATOM   769  N  N   . GLU A 1 103 ? 0.083   -0.477  -12.423 1.00 11.89 ? 103 GLU A N   1 
ATOM   770  C  CA  . GLU A 1 103 ? 0.952   0.617   -12.837 1.00 11.64 ? 103 GLU A CA  1 
ATOM   771  C  C   . GLU A 1 103 ? 1.232   1.468   -11.605 1.00 13.60 ? 103 GLU A C   1 
ATOM   772  O  O   . GLU A 1 103 ? 0.584   2.482   -11.353 1.00 16.50 ? 103 GLU A O   1 
ATOM   773  C  CB  . GLU A 1 103 ? 0.253   1.401   -13.952 1.00 12.64 ? 103 GLU A CB  1 
ATOM   774  C  CG  . GLU A 1 103 ? 0.087   0.538   -15.213 1.00 14.36 ? 103 GLU A CG  1 
ATOM   775  C  CD  . GLU A 1 103 ? -0.954  1.051   -16.198 1.00 16.32 ? 103 GLU A CD  1 
ATOM   776  O  OE1 . GLU A 1 103 ? -1.370  2.222   -16.096 1.00 16.35 ? 103 GLU A OE1 1 
ATOM   777  O  OE2 . GLU A 1 103 ? -1.351  0.275   -17.092 1.00 16.77 ? 103 GLU A OE2 1 
ATOM   778  N  N   . LEU A 1 104 ? 2.224   1.026   -10.845 1.00 12.66 ? 104 LEU A N   1 
ATOM   779  C  CA  . LEU A 1 104 ? 2.603   1.647   -9.589  1.00 12.78 ? 104 LEU A CA  1 
ATOM   780  C  C   . LEU A 1 104 ? 3.526   2.855   -9.669  1.00 13.52 ? 104 LEU A C   1 
ATOM   781  O  O   . LEU A 1 104 ? 4.550   2.830   -10.347 1.00 12.63 ? 104 LEU A O   1 
ATOM   782  C  CB  . LEU A 1 104 ? 3.234   0.575   -8.694  1.00 13.74 ? 104 LEU A CB  1 
ATOM   783  C  CG  . LEU A 1 104 ? 3.722   0.947   -7.292  1.00 14.59 ? 104 LEU A CG  1 
ATOM   784  C  CD1 . LEU A 1 104 ? 2.543   1.357   -6.418  1.00 14.88 ? 104 LEU A CD1 1 
ATOM   785  C  CD2 . LEU A 1 104 ? 4.446   -0.250  -6.691  1.00 16.76 ? 104 LEU A CD2 1 
HETATM 786  N  N   . MSE A 1 105 ? 3.139   3.911   -8.964  1.00 11.61 ? 105 MSE A N   1 
HETATM 787  C  CA  . MSE A 1 105 ? 3.926   5.130   -8.887  1.00 12.80 ? 105 MSE A CA  1 
HETATM 788  C  C   . MSE A 1 105 ? 4.051   5.544   -7.434  1.00 12.74 ? 105 MSE A C   1 
HETATM 789  O  O   . MSE A 1 105 ? 3.057   5.691   -6.727  1.00 11.97 ? 105 MSE A O   1 
HETATM 790  C  CB  . MSE A 1 105 ? 3.270   6.242   -9.684  1.00 15.13 ? 105 MSE A CB  1 
HETATM 791  C  CG  . MSE A 1 105 ? 3.264   5.960   -11.153 1.00 19.07 ? 105 MSE A CG  1 
HETATM 792  SE SE  . MSE A 1 105 ? 2.750   7.515   -12.109 1.00 23.95 ? 105 MSE A SE  1 
HETATM 793  C  CE  . MSE A 1 105 ? 1.455   6.752   -13.313 1.00 17.13 ? 105 MSE A CE  1 
ATOM   794  N  N   . ILE A 1 106 ? 5.288   5.732   -6.998  1.00 12.50 ? 106 ILE A N   1 
ATOM   795  C  CA  . ILE A 1 106 ? 5.570   6.112   -5.626  1.00 13.48 ? 106 ILE A CA  1 
ATOM   796  C  C   . ILE A 1 106 ? 6.283   7.451   -5.586  1.00 12.68 ? 106 ILE A C   1 
ATOM   797  O  O   . ILE A 1 106 ? 7.113   7.743   -6.442  1.00 12.70 ? 106 ILE A O   1 
ATOM   798  C  CB  . ILE A 1 106 ? 6.472   5.047   -4.951  1.00 15.97 ? 106 ILE A CB  1 
ATOM   799  C  CG1 . ILE A 1 106 ? 5.651   3.787   -4.662  1.00 16.75 ? 106 ILE A CG1 1 
ATOM   800  C  CG2 . ILE A 1 106 ? 7.105   5.606   -3.687  1.00 18.71 ? 106 ILE A CG2 1 
ATOM   801  C  CD1 . ILE A 1 106 ? 6.479   2.622   -4.177  1.00 21.28 ? 106 ILE A CD1 1 
ATOM   802  N  N   . HIS A 1 107 ? 5.935   8.272   -4.604  1.00 11.85 ? 107 HIS A N   1 
ATOM   803  C  CA  . HIS A 1 107 ? 6.592   9.558   -4.438  1.00 14.13 ? 107 HIS A CA  1 
ATOM   804  C  C   . HIS A 1 107 ? 7.518   9.414   -3.236  1.00 14.22 ? 107 HIS A C   1 
ATOM   805  O  O   . HIS A 1 107 ? 7.094   8.984   -2.161  1.00 14.42 ? 107 HIS A O   1 
ATOM   806  C  CB  . HIS A 1 107 ? 5.557   10.670  -4.219  1.00 15.41 ? 107 HIS A CB  1 
ATOM   807  C  CG  . HIS A 1 107 ? 4.901   11.137  -5.484  1.00 15.99 ? 107 HIS A CG  1 
ATOM   808  N  ND1 . HIS A 1 107 ? 3.819   11.991  -5.491  1.00 18.25 ? 107 HIS A ND1 1 
ATOM   809  C  CD2 . HIS A 1 107 ? 5.188   10.884  -6.784  1.00 18.57 ? 107 HIS A CD2 1 
ATOM   810  C  CE1 . HIS A 1 107 ? 3.469   12.246  -6.739  1.00 18.20 ? 107 HIS A CE1 1 
ATOM   811  N  NE2 . HIS A 1 107 ? 4.283   11.588  -7.543  1.00 18.45 ? 107 HIS A NE2 1 
ATOM   812  N  N   . HIS A 1 108 ? 8.792   9.739   -3.445  1.00 13.88 ? 108 HIS A N   1 
ATOM   813  C  CA  . HIS A 1 108 ? 9.821   9.647   -2.414  1.00 15.60 ? 108 HIS A CA  1 
ATOM   814  C  C   . HIS A 1 108 ? 10.183  11.056  -1.954  1.00 14.62 ? 108 HIS A C   1 
ATOM   815  O  O   . HIS A 1 108 ? 10.394  11.948  -2.774  1.00 15.74 ? 108 HIS A O   1 
ATOM   816  C  CB  . HIS A 1 108 ? 11.039  8.904   -2.997  1.00 17.09 ? 108 HIS A CB  1 
ATOM   817  C  CG  . HIS A 1 108 ? 12.274  8.966   -2.151  1.00 20.86 ? 108 HIS A CG  1 
ATOM   818  N  ND1 . HIS A 1 108 ? 12.245  8.939   -0.773  1.00 23.61 ? 108 HIS A ND1 1 
ATOM   819  C  CD2 . HIS A 1 108 ? 13.583  8.994   -2.496  1.00 23.55 ? 108 HIS A CD2 1 
ATOM   820  C  CE1 . HIS A 1 108 ? 13.482  8.951   -0.306  1.00 22.46 ? 108 HIS A CE1 1 
ATOM   821  N  NE2 . HIS A 1 108 ? 14.312  8.985   -1.332  1.00 24.14 ? 108 HIS A NE2 1 
ATOM   822  N  N   . TYR A 1 109 ? 10.230  11.254  -0.641  1.00 15.54 ? 109 TYR A N   1 
ATOM   823  C  CA  . TYR A 1 109 ? 10.550  12.556  -0.060  1.00 16.97 ? 109 TYR A CA  1 
ATOM   824  C  C   . TYR A 1 109 ? 11.898  12.474  0.653   1.00 19.46 ? 109 TYR A C   1 
ATOM   825  O  O   . TYR A 1 109 ? 11.955  12.226  1.858   1.00 19.01 ? 109 TYR A O   1 
ATOM   826  C  CB  . TYR A 1 109 ? 9.468   12.951  0.948   1.00 16.19 ? 109 TYR A CB  1 
ATOM   827  C  CG  . TYR A 1 109 ? 8.057   12.852  0.411   1.00 14.48 ? 109 TYR A CG  1 
ATOM   828  C  CD1 . TYR A 1 109 ? 7.621   13.674  -0.622  1.00 15.52 ? 109 TYR A CD1 1 
ATOM   829  C  CD2 . TYR A 1 109 ? 7.154   11.939  0.946   1.00 15.84 ? 109 TYR A CD2 1 
ATOM   830  C  CE1 . TYR A 1 109 ? 6.316   13.590  -1.113  1.00 15.80 ? 109 TYR A CE1 1 
ATOM   831  C  CE2 . TYR A 1 109 ? 5.846   11.846  0.463   1.00 16.78 ? 109 TYR A CE2 1 
ATOM   832  C  CZ  . TYR A 1 109 ? 5.435   12.674  -0.564  1.00 17.08 ? 109 TYR A CZ  1 
ATOM   833  O  OH  . TYR A 1 109 ? 4.143   12.592  -1.046  1.00 16.91 ? 109 TYR A OH  1 
ATOM   834  N  N   . PRO A 1 110 ? 12.998  12.695  -0.083  1.00 21.54 ? 110 PRO A N   1 
ATOM   835  C  CA  . PRO A 1 110 ? 14.366  12.645  0.452   1.00 22.71 ? 110 PRO A CA  1 
ATOM   836  C  C   . PRO A 1 110 ? 14.653  13.592  1.614   1.00 23.66 ? 110 PRO A C   1 
ATOM   837  O  O   . PRO A 1 110 ? 15.539  13.331  2.428   1.00 24.25 ? 110 PRO A O   1 
ATOM   838  C  CB  . PRO A 1 110 ? 15.226  12.981  -0.766  1.00 23.49 ? 110 PRO A CB  1 
ATOM   839  C  CG  . PRO A 1 110 ? 14.407  12.483  -1.912  1.00 24.27 ? 110 PRO A CG  1 
ATOM   840  C  CD  . PRO A 1 110 ? 13.022  12.952  -1.533  1.00 22.93 ? 110 PRO A CD  1 
ATOM   841  N  N   . GLN A 1 111 ? 13.902  14.684  1.687   1.00 24.74 ? 111 GLN A N   1 
ATOM   842  C  CA  . GLN A 1 111 ? 14.090  15.689  2.725   1.00 25.94 ? 111 GLN A CA  1 
ATOM   843  C  C   . GLN A 1 111 ? 13.346  15.364  4.022   1.00 24.80 ? 111 GLN A C   1 
ATOM   844  O  O   . GLN A 1 111 ? 13.464  16.087  5.015   1.00 25.33 ? 111 GLN A O   1 
ATOM   845  C  CB  . GLN A 1 111 ? 13.641  17.052  2.187   1.00 29.91 ? 111 GLN A CB  1 
ATOM   846  C  CG  . GLN A 1 111 ? 14.121  18.251  2.978   1.00 34.72 ? 111 GLN A CG  1 
ATOM   847  C  CD  . GLN A 1 111 ? 13.665  19.561  2.363   1.00 37.65 ? 111 GLN A CD  1 
ATOM   848  O  OE1 . GLN A 1 111 ? 13.910  19.826  1.184   1.00 39.50 ? 111 GLN A OE1 1 
ATOM   849  N  NE2 . GLN A 1 111 ? 12.999  20.390  3.160   1.00 39.22 ? 111 GLN A NE2 1 
ATOM   850  N  N   . HIS A 1 112 ? 12.584  14.276  4.012   1.00 21.61 ? 112 HIS A N   1 
ATOM   851  C  CA  . HIS A 1 112 ? 11.825  13.869  5.189   1.00 19.94 ? 112 HIS A CA  1 
ATOM   852  C  C   . HIS A 1 112 ? 12.252  12.512  5.725   1.00 17.95 ? 112 HIS A C   1 
ATOM   853  O  O   . HIS A 1 112 ? 12.899  11.725  5.036   1.00 18.63 ? 112 HIS A O   1 
ATOM   854  C  CB  . HIS A 1 112 ? 10.325  13.813  4.876   1.00 19.95 ? 112 HIS A CB  1 
ATOM   855  C  CG  . HIS A 1 112 ? 9.700   15.154  4.661   1.00 21.87 ? 112 HIS A CG  1 
ATOM   856  N  ND1 . HIS A 1 112 ? 9.926   15.912  3.532   1.00 23.43 ? 112 HIS A ND1 1 
ATOM   857  C  CD2 . HIS A 1 112 ? 8.867   15.883  5.442   1.00 23.32 ? 112 HIS A CD2 1 
ATOM   858  C  CE1 . HIS A 1 112 ? 9.260   17.049  3.626   1.00 24.42 ? 112 HIS A CE1 1 
ATOM   859  N  NE2 . HIS A 1 112 ? 8.609   17.056  4.775   1.00 25.03 ? 112 HIS A NE2 1 
ATOM   860  N  N   . HIS A 1 113 ? 11.875  12.249  6.971   1.00 16.90 ? 113 HIS A N   1 
ATOM   861  C  CA  . HIS A 1 113 ? 12.179  10.981  7.617   1.00 17.08 ? 113 HIS A CA  1 
ATOM   862  C  C   . HIS A 1 113 ? 10.960  10.565  8.431   1.00 17.40 ? 113 HIS A C   1 
ATOM   863  O  O   . HIS A 1 113 ? 10.673  11.157  9.472   1.00 17.77 ? 113 HIS A O   1 
ATOM   864  C  CB  . HIS A 1 113 ? 13.397  11.126  8.541   1.00 18.91 ? 113 HIS A CB  1 
ATOM   865  C  CG  . HIS A 1 113 ? 13.865  9.835   9.144   1.00 21.22 ? 113 HIS A CG  1 
ATOM   866  N  ND1 . HIS A 1 113 ? 14.885  9.775   10.072  1.00 22.42 ? 113 HIS A ND1 1 
ATOM   867  C  CD2 . HIS A 1 113 ? 13.464  8.557   8.947   1.00 21.82 ? 113 HIS A CD2 1 
ATOM   868  C  CE1 . HIS A 1 113 ? 15.091  8.517   10.418  1.00 21.61 ? 113 HIS A CE1 1 
ATOM   869  N  NE2 . HIS A 1 113 ? 14.241  7.757   9.749   1.00 23.50 ? 113 HIS A NE2 1 
ATOM   870  N  N   . PHE A 1 114 ? 10.229  9.568   7.937   1.00 15.51 ? 114 PHE A N   1 
ATOM   871  C  CA  . PHE A 1 114 ? 9.059   9.066   8.647   1.00 15.82 ? 114 PHE A CA  1 
ATOM   872  C  C   . PHE A 1 114 ? 9.467   7.828   9.425   1.00 16.21 ? 114 PHE A C   1 
ATOM   873  O  O   . PHE A 1 114 ? 10.159  6.959   8.897   1.00 16.46 ? 114 PHE A O   1 
ATOM   874  C  CB  . PHE A 1 114 ? 7.943   8.634   7.691   1.00 14.96 ? 114 PHE A CB  1 
ATOM   875  C  CG  . PHE A 1 114 ? 7.387   9.737   6.834   1.00 15.54 ? 114 PHE A CG  1 
ATOM   876  C  CD1 . PHE A 1 114 ? 7.490   11.073  7.209   1.00 15.83 ? 114 PHE A CD1 1 
ATOM   877  C  CD2 . PHE A 1 114 ? 6.713   9.424   5.657   1.00 16.17 ? 114 PHE A CD2 1 
ATOM   878  C  CE1 . PHE A 1 114 ? 6.927   12.083  6.413   1.00 15.87 ? 114 PHE A CE1 1 
ATOM   879  C  CE2 . PHE A 1 114 ? 6.149   10.421  4.859   1.00 15.13 ? 114 PHE A CE2 1 
ATOM   880  C  CZ  . PHE A 1 114 ? 6.257   11.751  5.239   1.00 14.47 ? 114 PHE A CZ  1 
ATOM   881  N  N   . THR A 1 115 ? 9.028   7.746   10.673  1.00 15.82 ? 115 THR A N   1 
ATOM   882  C  CA  . THR A 1 115 ? 9.306   6.587   11.509  1.00 16.63 ? 115 THR A CA  1 
ATOM   883  C  C   . THR A 1 115 ? 8.005   6.237   12.219  1.00 17.61 ? 115 THR A C   1 
ATOM   884  O  O   . THR A 1 115 ? 7.000   6.931   12.065  1.00 17.04 ? 115 THR A O   1 
ATOM   885  C  CB  . THR A 1 115 ? 10.388  6.884   12.576  1.00 16.75 ? 115 THR A CB  1 
ATOM   886  O  OG1 . THR A 1 115 ? 9.990   8.008   13.368  1.00 18.54 ? 115 THR A OG1 1 
ATOM   887  C  CG2 . THR A 1 115 ? 11.726  7.171   11.913  1.00 18.19 ? 115 THR A CG2 1 
ATOM   888  N  N   . ARG A 1 116 ? 8.014   5.152   12.979  1.00 17.98 ? 116 ARG A N   1 
ATOM   889  C  CA  . ARG A 1 116 ? 6.830   4.762   13.726  1.00 19.59 ? 116 ARG A CA  1 
ATOM   890  C  C   . ARG A 1 116 ? 7.245   4.391   15.145  1.00 21.35 ? 116 ARG A C   1 
ATOM   891  O  O   . ARG A 1 116 ? 8.197   3.634   15.347  1.00 21.74 ? 116 ARG A O   1 
ATOM   892  C  CB  . ARG A 1 116 ? 6.118   3.593   13.036  1.00 19.99 ? 116 ARG A CB  1 
ATOM   893  C  CG  . ARG A 1 116 ? 5.616   3.927   11.630  1.00 19.84 ? 116 ARG A CG  1 
ATOM   894  C  CD  . ARG A 1 116 ? 4.747   2.815   11.057  1.00 20.60 ? 116 ARG A CD  1 
ATOM   895  N  NE  . ARG A 1 116 ? 3.408   2.787   11.649  1.00 20.56 ? 116 ARG A NE  1 
ATOM   896  C  CZ  . ARG A 1 116 ? 2.363   3.465   11.180  1.00 20.34 ? 116 ARG A CZ  1 
ATOM   897  N  NH1 . ARG A 1 116 ? 2.492   4.230   10.104  1.00 19.14 ? 116 ARG A NH1 1 
ATOM   898  N  NH2 . ARG A 1 116 ? 1.187   3.380   11.788  1.00 20.30 ? 116 ARG A NH2 1 
ATOM   899  N  N   . GLU A 1 117 ? 6.540   4.953   16.122  1.00 23.11 ? 117 GLU A N   1 
ATOM   900  C  CA  . GLU A 1 117 ? 6.822   4.699   17.531  1.00 24.55 ? 117 GLU A CA  1 
ATOM   901  C  C   . GLU A 1 117 ? 5.552   4.240   18.232  1.00 25.49 ? 117 GLU A C   1 
ATOM   902  O  O   . GLU A 1 117 ? 4.460   4.726   17.938  1.00 24.57 ? 117 GLU A O   1 
ATOM   903  C  CB  . GLU A 1 117 ? 7.345   5.969   18.209  1.00 26.76 ? 117 GLU A CB  1 
ATOM   904  C  CG  . GLU A 1 117 ? 8.652   6.501   17.641  1.00 30.79 ? 117 GLU A CG  1 
ATOM   905  C  CD  . GLU A 1 117 ? 9.253   7.598   18.505  1.00 33.68 ? 117 GLU A CD  1 
ATOM   906  O  OE1 . GLU A 1 117 ? 9.537   7.326   19.690  1.00 37.92 ? 117 GLU A OE1 1 
ATOM   907  O  OE2 . GLU A 1 117 ? 9.440   8.726   18.003  1.00 36.02 ? 117 GLU A OE2 1 
ATOM   908  N  N   . PHE A 1 118 ? 5.696   3.306   19.165  1.00 25.48 ? 118 PHE A N   1 
ATOM   909  C  CA  . PHE A 1 118 ? 4.547   2.788   19.895  1.00 26.00 ? 118 PHE A CA  1 
ATOM   910  C  C   . PHE A 1 118 ? 3.762   3.900   20.580  1.00 25.84 ? 118 PHE A C   1 
ATOM   911  O  O   . PHE A 1 118 ? 4.341   4.797   21.194  1.00 26.18 ? 118 PHE A O   1 
ATOM   912  C  CB  . PHE A 1 118 ? 5.004   1.773   20.944  1.00 26.40 ? 118 PHE A CB  1 
ATOM   913  C  CG  . PHE A 1 118 ? 3.874   1.165   21.727  1.00 26.84 ? 118 PHE A CG  1 
ATOM   914  C  CD1 . PHE A 1 118 ? 3.011   0.248   21.134  1.00 27.45 ? 118 PHE A CD1 1 
ATOM   915  C  CD2 . PHE A 1 118 ? 3.659   1.524   23.054  1.00 27.86 ? 118 PHE A CD2 1 
ATOM   916  C  CE1 . PHE A 1 118 ? 1.947   -0.303  21.853  1.00 27.68 ? 118 PHE A CE1 1 
ATOM   917  C  CE2 . PHE A 1 118 ? 2.599   0.980   23.780  1.00 26.89 ? 118 PHE A CE2 1 
ATOM   918  C  CZ  . PHE A 1 118 ? 1.744   0.066   23.178  1.00 26.68 ? 118 PHE A CZ  1 
ATOM   919  N  N   . ASP A 1 119 ? 2.438   3.830   20.472  1.00 25.75 ? 119 ASP A N   1 
ATOM   920  C  CA  . ASP A 1 119 ? 1.556   4.815   21.089  1.00 26.20 ? 119 ASP A CA  1 
ATOM   921  C  C   . ASP A 1 119 ? 0.704   4.104   22.135  1.00 26.56 ? 119 ASP A C   1 
ATOM   922  O  O   . ASP A 1 119 ? -0.195  3.337   21.793  1.00 26.19 ? 119 ASP A O   1 
ATOM   923  C  CB  . ASP A 1 119 ? 0.639   5.445   20.038  1.00 25.24 ? 119 ASP A CB  1 
ATOM   924  C  CG  . ASP A 1 119 ? -0.173  6.602   20.591  1.00 25.43 ? 119 ASP A CG  1 
ATOM   925  O  OD1 . ASP A 1 119 ? -0.359  6.665   21.828  1.00 24.86 ? 119 ASP A OD1 1 
ATOM   926  O  OD2 . ASP A 1 119 ? -0.639  7.443   19.792  1.00 23.51 ? 119 ASP A OD2 1 
ATOM   927  N  N   . PRO A 1 120 ? 0.979   4.347   23.424  1.00 27.83 ? 120 PRO A N   1 
ATOM   928  C  CA  . PRO A 1 120 ? 0.209   3.706   24.493  1.00 28.62 ? 120 PRO A CA  1 
ATOM   929  C  C   . PRO A 1 120 ? -1.293  3.970   24.385  1.00 29.76 ? 120 PRO A C   1 
ATOM   930  O  O   . PRO A 1 120 ? -2.107  3.166   24.844  1.00 30.04 ? 120 PRO A O   1 
ATOM   931  C  CB  . PRO A 1 120 ? 0.812   4.310   25.758  1.00 28.40 ? 120 PRO A CB  1 
ATOM   932  C  CG  . PRO A 1 120 ? 2.236   4.550   25.365  1.00 28.76 ? 120 PRO A CG  1 
ATOM   933  C  CD  . PRO A 1 120 ? 2.085   5.143   23.981  1.00 27.43 ? 120 PRO A CD  1 
ATOM   934  N  N   . ASN A 1 121 ? -1.654  5.091   23.769  1.00 30.60 ? 121 ASN A N   1 
ATOM   935  C  CA  . ASN A 1 121 ? -3.056  5.463   23.621  1.00 31.56 ? 121 ASN A CA  1 
ATOM   936  C  C   . ASN A 1 121 ? -3.802  4.691   22.537  1.00 31.05 ? 121 ASN A C   1 
ATOM   937  O  O   . ASN A 1 121 ? -5.032  4.694   22.508  1.00 30.70 ? 121 ASN A O   1 
ATOM   938  C  CB  . ASN A 1 121 ? -3.170  6.965   23.350  1.00 33.75 ? 121 ASN A CB  1 
ATOM   939  C  CG  . ASN A 1 121 ? -2.571  7.805   24.460  1.00 36.05 ? 121 ASN A CG  1 
ATOM   940  O  OD1 . ASN A 1 121 ? -2.891  7.621   25.633  1.00 37.57 ? 121 ASN A OD1 1 
ATOM   941  N  ND2 . ASN A 1 121 ? -1.697  8.734   24.093  1.00 37.26 ? 121 ASN A ND2 1 
ATOM   942  N  N   . THR A 1 122 ? -3.066  4.026   21.652  1.00 29.25 ? 122 THR A N   1 
ATOM   943  C  CA  . THR A 1 122 ? -3.698  3.262   20.580  1.00 28.02 ? 122 THR A CA  1 
ATOM   944  C  C   . THR A 1 122 ? -3.353  1.778   20.635  1.00 28.19 ? 122 THR A C   1 
ATOM   945  O  O   . THR A 1 122 ? -4.144  0.933   20.218  1.00 28.41 ? 122 THR A O   1 
ATOM   946  C  CB  . THR A 1 122 ? -3.285  3.794   19.191  1.00 26.39 ? 122 THR A CB  1 
ATOM   947  O  OG1 . THR A 1 122 ? -1.901  3.503   18.958  1.00 26.20 ? 122 THR A OG1 1 
ATOM   948  C  CG2 . THR A 1 122 ? -3.501  5.294   19.116  1.00 24.17 ? 122 THR A CG2 1 
ATOM   949  N  N   . GLY A 1 123 ? -2.168  1.466   21.145  1.00 28.59 ? 123 GLY A N   1 
ATOM   950  C  CA  . GLY A 1 123 ? -1.746  0.080   21.223  1.00 28.37 ? 123 GLY A CA  1 
ATOM   951  C  C   . GLY A 1 123 ? -1.021  -0.354  19.964  1.00 28.70 ? 123 GLY A C   1 
ATOM   952  O  O   . GLY A 1 123 ? -0.680  -1.526  19.805  1.00 28.89 ? 123 GLY A O   1 
ATOM   953  N  N   . TYR A 1 124 ? -0.791  0.595   19.062  1.00 28.01 ? 124 TYR A N   1 
ATOM   954  C  CA  . TYR A 1 124 ? -0.097  0.323   17.804  1.00 27.86 ? 124 TYR A CA  1 
ATOM   955  C  C   . TYR A 1 124 ? 1.082   1.280   17.655  1.00 26.03 ? 124 TYR A C   1 
ATOM   956  O  O   . TYR A 1 124 ? 1.202   2.254   18.399  1.00 25.40 ? 124 TYR A O   1 
ATOM   957  C  CB  . TYR A 1 124 ? -1.029  0.550   16.610  1.00 30.53 ? 124 TYR A CB  1 
ATOM   958  C  CG  . TYR A 1 124 ? -2.275  -0.305  16.579  1.00 33.34 ? 124 TYR A CG  1 
ATOM   959  C  CD1 . TYR A 1 124 ? -2.203  -1.672  16.345  1.00 34.96 ? 124 TYR A CD1 1 
ATOM   960  C  CD2 . TYR A 1 124 ? -3.531  0.267   16.744  1.00 34.31 ? 124 TYR A CD2 1 
ATOM   961  C  CE1 . TYR A 1 124 ? -3.359  -2.454  16.268  1.00 36.82 ? 124 TYR A CE1 1 
ATOM   962  C  CE2 . TYR A 1 124 ? -4.693  -0.501  16.670  1.00 36.07 ? 124 TYR A CE2 1 
ATOM   963  C  CZ  . TYR A 1 124 ? -4.600  -1.861  16.430  1.00 36.76 ? 124 TYR A CZ  1 
ATOM   964  O  OH  . TYR A 1 124 ? -5.748  -2.620  16.344  1.00 38.96 ? 124 TYR A OH  1 
ATOM   965  N  N   . SER A 1 125 ? 1.956   0.995   16.695  1.00 25.10 ? 125 SER A N   1 
ATOM   966  C  CA  . SER A 1 125 ? 3.087   1.872   16.423  1.00 23.90 ? 125 SER A CA  1 
ATOM   967  C  C   . SER A 1 125 ? 2.482   2.921   15.495  1.00 21.36 ? 125 SER A C   1 
ATOM   968  O  O   . SER A 1 125 ? 1.806   2.570   14.528  1.00 22.05 ? 125 SER A O   1 
ATOM   969  C  CB  . SER A 1 125 ? 4.200   1.115   15.698  1.00 25.52 ? 125 SER A CB  1 
ATOM   970  O  OG  . SER A 1 125 ? 4.639   0.003   16.459  1.00 30.81 ? 125 SER A OG  1 
ATOM   971  N  N   . GLU A 1 126 ? 2.707   4.197   15.786  1.00 19.97 ? 126 GLU A N   1 
ATOM   972  C  CA  . GLU A 1 126 ? 2.131   5.257   14.965  1.00 18.30 ? 126 GLU A CA  1 
ATOM   973  C  C   . GLU A 1 126 ? 3.169   6.160   14.305  1.00 17.80 ? 126 GLU A C   1 
ATOM   974  O  O   . GLU A 1 126 ? 4.310   6.264   14.761  1.00 17.96 ? 126 GLU A O   1 
ATOM   975  C  CB  . GLU A 1 126 ? 1.176   6.100   15.811  1.00 17.79 ? 126 GLU A CB  1 
ATOM   976  C  CG  . GLU A 1 126 ? 0.124   5.298   16.573  1.00 19.34 ? 126 GLU A CG  1 
ATOM   977  C  CD  . GLU A 1 126 ? -0.951  4.683   15.685  1.00 20.59 ? 126 GLU A CD  1 
ATOM   978  O  OE1 . GLU A 1 126 ? -0.913  4.874   14.449  1.00 18.10 ? 126 GLU A OE1 1 
ATOM   979  O  OE2 . GLU A 1 126 ? -1.844  4.004   16.237  1.00 20.57 ? 126 GLU A OE2 1 
ATOM   980  N  N   . LEU A 1 127 ? 2.751   6.828   13.234  1.00 16.24 ? 127 LEU A N   1 
ATOM   981  C  CA  . LEU A 1 127 ? 3.617   7.717   12.470  1.00 15.95 ? 127 LEU A CA  1 
ATOM   982  C  C   . LEU A 1 127 ? 4.215   8.881   13.248  1.00 16.19 ? 127 LEU A C   1 
ATOM   983  O  O   . LEU A 1 127 ? 3.526   9.564   14.004  1.00 15.59 ? 127 LEU A O   1 
ATOM   984  C  CB  . LEU A 1 127 ? 2.853   8.283   11.266  1.00 15.44 ? 127 LEU A CB  1 
ATOM   985  C  CG  . LEU A 1 127 ? 3.581   9.337   10.423  1.00 15.03 ? 127 LEU A CG  1 
ATOM   986  C  CD1 . LEU A 1 127 ? 4.716   8.689   9.642   1.00 14.71 ? 127 LEU A CD1 1 
ATOM   987  C  CD2 . LEU A 1 127 ? 2.590   9.997   9.464   1.00 13.74 ? 127 LEU A CD2 1 
ATOM   988  N  N   . VAL A 1 128 ? 5.515   9.083   13.049  1.00 16.95 ? 128 VAL A N   1 
ATOM   989  C  CA  . VAL A 1 128 ? 6.256   10.180  13.653  1.00 17.96 ? 128 VAL A CA  1 
ATOM   990  C  C   . VAL A 1 128 ? 6.965   10.840  12.476  1.00 17.93 ? 128 VAL A C   1 
ATOM   991  O  O   . VAL A 1 128 ? 7.685   10.176  11.731  1.00 17.02 ? 128 VAL A O   1 
ATOM   992  C  CB  . VAL A 1 128 ? 7.310   9.679   14.676  1.00 17.56 ? 128 VAL A CB  1 
ATOM   993  C  CG1 . VAL A 1 128 ? 8.162   10.849  15.158  1.00 20.34 ? 128 VAL A CG1 1 
ATOM   994  C  CG2 . VAL A 1 128 ? 6.614   9.023   15.854  1.00 18.96 ? 128 VAL A CG2 1 
ATOM   995  N  N   . VAL A 1 129 ? 6.733   12.134  12.289  1.00 19.89 ? 129 VAL A N   1 
ATOM   996  C  CA  . VAL A 1 129 ? 7.348   12.862  11.185  1.00 22.45 ? 129 VAL A CA  1 
ATOM   997  C  C   . VAL A 1 129 ? 8.514   13.733  11.640  1.00 23.97 ? 129 VAL A C   1 
ATOM   998  O  O   . VAL A 1 129 ? 8.422   14.434  12.648  1.00 25.38 ? 129 VAL A O   1 
ATOM   999  C  CB  . VAL A 1 129 ? 6.323   13.764  10.473  1.00 21.40 ? 129 VAL A CB  1 
ATOM   1000 C  CG1 . VAL A 1 129 ? 6.990   14.488  9.310   1.00 22.69 ? 129 VAL A CG1 1 
ATOM   1001 C  CG2 . VAL A 1 129 ? 5.150   12.927  9.981   1.00 22.57 ? 129 VAL A CG2 1 
ATOM   1002 N  N   . SER A 1 130 ? 9.603   13.685  10.879  1.00 26.17 ? 130 SER A N   1 
ATOM   1003 C  CA  . SER A 1 130 ? 10.801  14.461  11.174  1.00 28.14 ? 130 SER A CA  1 
ATOM   1004 C  C   . SER A 1 130 ? 11.468  14.890  9.870   1.00 29.91 ? 130 SER A C   1 
ATOM   1005 O  O   . SER A 1 130 ? 11.126  14.397  8.795   1.00 29.38 ? 130 SER A O   1 
ATOM   1006 C  CB  . SER A 1 130 ? 11.786  13.626  11.996  1.00 28.75 ? 130 SER A CB  1 
ATOM   1007 O  OG  . SER A 1 130 ? 11.194  13.177  13.205  1.00 29.99 ? 130 SER A OG  1 
ATOM   1008 N  N   . ALA A 1 131 ? 12.419  15.816  9.968   1.00 32.11 ? 131 ALA A N   1 
ATOM   1009 C  CA  . ALA A 1 131 ? 13.136  16.294  8.791   1.00 33.78 ? 131 ALA A CA  1 
ATOM   1010 C  C   . ALA A 1 131 ? 14.386  15.445  8.579   1.00 34.90 ? 131 ALA A C   1 
ATOM   1011 O  O   . ALA A 1 131 ? 15.011  14.992  9.538   1.00 36.03 ? 131 ALA A O   1 
ATOM   1012 C  CB  . ALA A 1 131 ? 13.517  17.759  8.972   1.00 33.48 ? 131 ALA A CB  1 
ATOM   1013 N  N   . ALA A 1 132 ? 14.744  15.228  7.317   1.00 36.36 ? 132 ALA A N   1 
ATOM   1014 C  CA  . ALA A 1 132 ? 15.919  14.432  6.981   1.00 37.73 ? 132 ALA A CA  1 
ATOM   1015 C  C   . ALA A 1 132 ? 17.048  15.331  6.491   1.00 38.56 ? 132 ALA A C   1 
ATOM   1016 O  O   . ALA A 1 132 ? 18.151  15.257  7.072   1.00 39.76 ? 132 ALA A O   1 
ATOM   1017 C  CB  . ALA A 1 132 ? 15.568  13.406  5.913   1.00 37.58 ? 132 ALA A CB  1 
HETATM 1018 ZN ZN  . ZN  B 2 .   ? -4.631  0.780   8.266   1.00 40.08 ? 201 ZN  A ZN  1 
HETATM 1019 O  O   . HOH C 3 .   ? 5.828   -10.695 -5.478  1.00 10.00 ? 202 HOH A O   1 
HETATM 1020 O  O   . HOH C 3 .   ? -1.025  4.431   -12.143 1.00 11.93 ? 203 HOH A O   1 
HETATM 1021 O  O   . HOH C 3 .   ? -0.466  -7.797  -1.004  1.00 12.18 ? 204 HOH A O   1 
HETATM 1022 O  O   . HOH C 3 .   ? -12.868 -1.915  5.835   1.00 12.61 ? 205 HOH A O   1 
HETATM 1023 O  O   . HOH C 3 .   ? -0.478  7.742   -0.647  1.00 13.33 ? 206 HOH A O   1 
HETATM 1024 O  O   . HOH C 3 .   ? -7.186  -13.146 6.806   1.00 14.56 ? 207 HOH A O   1 
HETATM 1025 O  O   . HOH C 3 .   ? -15.592 -9.253  -8.997  1.00 14.98 ? 208 HOH A O   1 
HETATM 1026 O  O   . HOH C 3 .   ? -1.824  -13.688 2.779   1.00 15.08 ? 209 HOH A O   1 
HETATM 1027 O  O   . HOH C 3 .   ? -0.423  -9.935  6.123   1.00 15.08 ? 210 HOH A O   1 
HETATM 1028 O  O   . HOH C 3 .   ? 4.990   -3.337  5.973   1.00 15.39 ? 211 HOH A O   1 
HETATM 1029 O  O   . HOH C 3 .   ? 3.912   3.355   7.666   1.00 15.43 ? 212 HOH A O   1 
HETATM 1030 O  O   . HOH C 3 .   ? 0.167   -1.809  -17.716 1.00 15.48 ? 213 HOH A O   1 
HETATM 1031 O  O   . HOH C 3 .   ? 11.925  5.281   7.476   1.00 16.37 ? 214 HOH A O   1 
HETATM 1032 O  O   . HOH C 3 .   ? -0.910  -1.941  5.011   1.00 16.82 ? 215 HOH A O   1 
HETATM 1033 O  O   . HOH C 3 .   ? -16.705 -11.539 -10.323 1.00 17.30 ? 216 HOH A O   1 
HETATM 1034 O  O   . HOH C 3 .   ? -16.499 -10.219 -6.532  1.00 17.43 ? 217 HOH A O   1 
HETATM 1035 O  O   . HOH C 3 .   ? -19.080 -11.152 -14.450 1.00 17.47 ? 218 HOH A O   1 
HETATM 1036 O  O   . HOH C 3 .   ? 11.347  3.239   9.523   1.00 17.48 ? 219 HOH A O   1 
HETATM 1037 O  O   . HOH C 3 .   ? 11.217  5.412   -12.089 1.00 17.78 ? 220 HOH A O   1 
HETATM 1038 O  O   . HOH C 3 .   ? -5.444  9.611   -0.051  1.00 17.92 ? 221 HOH A O   1 
HETATM 1039 O  O   . HOH C 3 .   ? 10.544  3.377   12.403  1.00 19.35 ? 222 HOH A O   1 
HETATM 1040 O  O   . HOH C 3 .   ? -21.250 -7.000  -14.412 1.00 19.49 ? 223 HOH A O   1 
HETATM 1041 O  O   . HOH C 3 .   ? -0.792  -5.249  8.409   1.00 19.59 ? 224 HOH A O   1 
HETATM 1042 O  O   . HOH C 3 .   ? 7.725   -5.884  -12.062 1.00 19.75 ? 225 HOH A O   1 
HETATM 1043 O  O   . HOH C 3 .   ? 2.990   9.265   16.668  1.00 19.86 ? 226 HOH A O   1 
HETATM 1044 O  O   . HOH C 3 .   ? -16.439 -11.502 -13.289 1.00 19.92 ? 227 HOH A O   1 
HETATM 1045 O  O   . HOH C 3 .   ? -9.824  6.306   -8.410  1.00 20.03 ? 228 HOH A O   1 
HETATM 1046 O  O   . HOH C 3 .   ? 9.327   -4.245  -6.107  1.00 20.36 ? 229 HOH A O   1 
HETATM 1047 O  O   . HOH C 3 .   ? 0.631   -2.373  7.140   1.00 20.48 ? 230 HOH A O   1 
HETATM 1048 O  O   . HOH C 3 .   ? -8.163  -2.490  9.533   1.00 20.74 ? 231 HOH A O   1 
HETATM 1049 O  O   . HOH C 3 .   ? 8.398   -1.013  -15.535 1.00 20.82 ? 232 HOH A O   1 
HETATM 1050 O  O   . HOH C 3 .   ? 10.751  10.488  12.290  1.00 21.55 ? 233 HOH A O   1 
HETATM 1051 O  O   . HOH C 3 .   ? -11.485 -16.485 -1.120  1.00 21.75 ? 234 HOH A O   1 
HETATM 1052 O  O   . HOH C 3 .   ? 9.151   -6.086  -9.643  1.00 22.02 ? 235 HOH A O   1 
HETATM 1053 O  O   . HOH C 3 .   ? -9.170  -12.481 -12.164 1.00 22.08 ? 236 HOH A O   1 
HETATM 1054 O  O   . HOH C 3 .   ? -8.760  -8.612  -12.384 1.00 22.64 ? 237 HOH A O   1 
HETATM 1055 O  O   . HOH C 3 .   ? 1.033   -9.701  -16.293 1.00 22.94 ? 238 HOH A O   1 
HETATM 1056 O  O   . HOH C 3 .   ? -17.552 -8.402  -4.526  1.00 23.05 ? 239 HOH A O   1 
HETATM 1057 O  O   . HOH C 3 .   ? -21.348 -6.497  -6.157  1.00 23.13 ? 240 HOH A O   1 
HETATM 1058 O  O   . HOH C 3 .   ? 8.736   -0.853  3.965   1.00 23.71 ? 241 HOH A O   1 
HETATM 1059 O  O   . HOH C 3 .   ? 11.048  16.020  0.993   1.00 23.83 ? 242 HOH A O   1 
HETATM 1060 O  O   . HOH C 3 .   ? 11.306  12.337  -10.431 1.00 23.99 ? 243 HOH A O   1 
HETATM 1061 O  O   . HOH C 3 .   ? -9.658  -14.340 -9.628  1.00 24.17 ? 244 HOH A O   1 
HETATM 1062 O  O   . HOH C 3 .   ? -5.309  -15.171 -7.621  1.00 24.32 ? 245 HOH A O   1 
HETATM 1063 O  O   . HOH C 3 .   ? 3.750   7.441   18.452  1.00 24.35 ? 246 HOH A O   1 
HETATM 1064 O  O   . HOH C 3 .   ? -3.050  -13.464 -10.790 1.00 24.52 ? 247 HOH A O   1 
HETATM 1065 O  O   . HOH C 3 .   ? -2.633  9.195   20.523  1.00 24.69 ? 248 HOH A O   1 
HETATM 1066 O  O   . HOH C 3 .   ? 4.698   -11.975 -13.314 1.00 25.24 ? 249 HOH A O   1 
HETATM 1067 O  O   . HOH C 3 .   ? -3.702  8.923   -8.018  1.00 25.45 ? 250 HOH A O   1 
HETATM 1068 O  O   . HOH C 3 .   ? -6.938  -9.458  11.828  1.00 25.59 ? 251 HOH A O   1 
HETATM 1069 O  O   . HOH C 3 .   ? -1.629  2.892   12.744  1.00 25.62 ? 252 HOH A O   1 
HETATM 1070 O  O   . HOH C 3 .   ? -13.417 -16.004 -3.662  1.00 25.64 ? 253 HOH A O   1 
HETATM 1071 O  O   . HOH C 3 .   ? -3.836  3.160   14.586  1.00 25.87 ? 254 HOH A O   1 
HETATM 1072 O  O   . HOH C 3 .   ? 1.752   -13.625 -1.732  1.00 25.92 ? 255 HOH A O   1 
HETATM 1073 O  O   . HOH C 3 .   ? 7.946   -2.949  5.585   1.00 26.39 ? 256 HOH A O   1 
HETATM 1074 O  O   . HOH C 3 .   ? 0.384   -7.972  6.047   1.00 26.82 ? 257 HOH A O   1 
HETATM 1075 O  O   . HOH C 3 .   ? -10.297 -6.529  -13.082 1.00 27.07 ? 258 HOH A O   1 
HETATM 1076 O  O   . HOH C 3 .   ? -16.925 -12.902 -6.039  1.00 27.13 ? 259 HOH A O   1 
HETATM 1077 O  O   . HOH C 3 .   ? 8.334   2.379   10.608  1.00 27.25 ? 260 HOH A O   1 
HETATM 1078 O  O   . HOH C 3 .   ? -19.601 -11.438 -10.119 1.00 28.79 ? 261 HOH A O   1 
HETATM 1079 O  O   . HOH C 3 .   ? -15.162 -11.492 5.765   1.00 29.98 ? 262 HOH A O   1 
HETATM 1080 O  O   . HOH C 3 .   ? -5.205  -9.042  9.642   1.00 30.11 ? 263 HOH A O   1 
HETATM 1081 O  O   . HOH C 3 .   ? -12.549 -4.814  17.336  1.00 30.34 ? 264 HOH A O   1 
HETATM 1082 O  O   . HOH C 3 .   ? -8.713  -16.976 -1.872  1.00 31.11 ? 265 HOH A O   1 
HETATM 1083 O  O   . HOH C 3 .   ? 1.250   11.069  -3.376  1.00 31.33 ? 266 HOH A O   1 
HETATM 1084 O  O   . HOH C 3 .   ? -21.805 -9.518  -13.136 1.00 31.90 ? 267 HOH A O   1 
HETATM 1085 O  O   . HOH C 3 .   ? -0.635  -15.477 -1.840  1.00 32.23 ? 268 HOH A O   1 
HETATM 1086 O  O   . HOH C 3 .   ? -1.608  -2.391  11.760  1.00 32.35 ? 269 HOH A O   1 
HETATM 1087 O  O   . HOH C 3 .   ? 7.587   -8.105  -14.122 1.00 32.69 ? 270 HOH A O   1 
HETATM 1088 O  O   . HOH C 3 .   ? -2.763  7.644   -4.583  1.00 32.69 ? 271 HOH A O   1 
HETATM 1089 O  O   . HOH C 3 .   ? -4.795  -18.337 -0.047  1.00 32.88 ? 272 HOH A O   1 
HETATM 1090 O  O   . HOH C 3 .   ? 11.274  7.811   15.817  1.00 33.35 ? 273 HOH A O   1 
HETATM 1091 O  O   . HOH C 3 .   ? -2.907  -14.460 1.832   1.00 33.44 ? 274 HOH A O   1 
HETATM 1092 O  O   . HOH C 3 .   ? -3.228  -14.688 -2.154  1.00 33.86 ? 275 HOH A O   1 
HETATM 1093 O  O   . HOH C 3 .   ? 5.016   -7.473  2.708   1.00 34.08 ? 276 HOH A O   1 
HETATM 1094 O  O   . HOH C 3 .   ? 10.531  0.642   -13.827 1.00 34.36 ? 277 HOH A O   1 
HETATM 1095 O  O   . HOH C 3 .   ? 1.456   -15.589 -7.062  1.00 34.58 ? 278 HOH A O   1 
HETATM 1096 O  O   . HOH C 3 .   ? -24.196 -3.030  -10.873 1.00 34.93 ? 279 HOH A O   1 
HETATM 1097 O  O   . HOH C 3 .   ? 11.381  -6.534  -5.685  1.00 35.22 ? 280 HOH A O   1 
HETATM 1098 O  O   . HOH C 3 .   ? 13.152  9.471   2.668   1.00 35.85 ? 281 HOH A O   1 
HETATM 1099 O  O   . HOH C 3 .   ? 9.518   18.762  -5.372  1.00 36.10 ? 282 HOH A O   1 
HETATM 1100 O  O   . HOH C 3 .   ? -0.481  -12.048 -17.759 1.00 36.15 ? 283 HOH A O   1 
HETATM 1101 O  O   . HOH C 3 .   ? -20.175 -1.891  -1.591  1.00 36.26 ? 284 HOH A O   1 
HETATM 1102 O  O   . HOH C 3 .   ? -7.123  -14.372 -13.018 1.00 36.38 ? 285 HOH A O   1 
HETATM 1103 O  O   . HOH C 3 .   ? 11.635  -3.014  5.873   1.00 36.48 ? 286 HOH A O   1 
HETATM 1104 O  O   . HOH C 3 .   ? -16.025 -8.389  -2.212  1.00 36.79 ? 287 HOH A O   1 
HETATM 1105 O  O   . HOH C 3 .   ? -11.648 -0.274  14.796  1.00 36.94 ? 288 HOH A O   1 
HETATM 1106 O  O   . HOH C 3 .   ? 16.619  15.673  -3.903  1.00 37.24 ? 289 HOH A O   1 
HETATM 1107 O  O   . HOH C 3 .   ? -5.101  -12.477 8.483   1.00 37.77 ? 290 HOH A O   1 
HETATM 1108 O  O   . HOH C 3 .   ? -8.150  0.424   11.941  1.00 37.83 ? 291 HOH A O   1 
HETATM 1109 O  O   . HOH C 3 .   ? -3.433  -17.120 -7.937  1.00 37.91 ? 292 HOH A O   1 
HETATM 1110 O  O   . HOH C 3 .   ? -2.952  -7.252  10.377  1.00 37.94 ? 293 HOH A O   1 
HETATM 1111 O  O   . HOH C 3 .   ? -24.675 -1.521  -3.325  1.00 38.09 ? 294 HOH A O   1 
HETATM 1112 O  O   . HOH C 3 .   ? -7.238  -16.404 -9.329  1.00 38.61 ? 295 HOH A O   1 
HETATM 1113 O  O   . HOH C 3 .   ? -7.980  -11.763 -16.899 1.00 38.95 ? 296 HOH A O   1 
HETATM 1114 O  O   . HOH C 3 .   ? 3.584   12.036  15.644  1.00 39.31 ? 297 HOH A O   1 
HETATM 1115 O  O   . HOH C 3 .   ? -6.162  -7.917  14.128  1.00 39.73 ? 298 HOH A O   1 
HETATM 1116 O  O   . HOH C 3 .   ? 15.734  12.688  11.104  1.00 39.75 ? 299 HOH A O   1 
HETATM 1117 O  O   . HOH C 3 .   ? 15.223  10.631  4.003   1.00 39.78 ? 300 HOH A O   1 
HETATM 1118 O  O   . HOH C 3 .   ? 17.926  -1.823  1.137   1.00 40.39 ? 301 HOH A O   1 
HETATM 1119 O  O   . HOH C 3 .   ? 14.539  -5.365  -0.987  1.00 40.43 ? 302 HOH A O   1 
HETATM 1120 O  O   . HOH C 3 .   ? -14.450 -15.525 -8.944  1.00 40.64 ? 303 HOH A O   1 
HETATM 1121 O  O   . HOH C 3 .   ? -1.654  -15.838 -10.318 1.00 40.80 ? 304 HOH A O   1 
HETATM 1122 O  O   . HOH C 3 .   ? 11.496  -3.337  -7.494  1.00 40.90 ? 305 HOH A O   1 
HETATM 1123 O  O   . HOH C 3 .   ? 19.189  -0.991  -4.312  1.00 41.45 ? 306 HOH A O   1 
HETATM 1124 O  O   . HOH C 3 .   ? -1.990  -13.464 5.063   1.00 41.49 ? 307 HOH A O   1 
HETATM 1125 O  O   . HOH C 3 .   ? 6.124   9.092   19.618  1.00 41.54 ? 308 HOH A O   1 
HETATM 1126 O  O   . HOH C 3 .   ? 13.086  0.532   -9.724  1.00 41.61 ? 309 HOH A O   1 
HETATM 1127 O  O   . HOH C 3 .   ? 6.804   -4.289  9.046   1.00 41.72 ? 310 HOH A O   1 
HETATM 1128 O  O   . HOH C 3 .   ? 14.964  -6.963  2.419   1.00 41.88 ? 311 HOH A O   1 
HETATM 1129 O  O   . HOH C 3 .   ? 7.946   -4.611  -15.040 1.00 41.91 ? 312 HOH A O   1 
HETATM 1130 O  O   . HOH C 3 .   ? 4.059   -13.212 -4.944  1.00 42.33 ? 313 HOH A O   1 
HETATM 1131 O  O   . HOH C 3 .   ? 2.845   -4.795  7.980   1.00 42.33 ? 314 HOH A O   1 
HETATM 1132 O  O   . HOH C 3 .   ? 1.545   12.234  18.421  1.00 42.92 ? 315 HOH A O   1 
HETATM 1133 O  O   . HOH C 3 .   ? 15.359  19.947  -2.962  1.00 42.96 ? 316 HOH A O   1 
HETATM 1134 O  O   . HOH C 3 .   ? -11.917 -18.080 -7.900  1.00 43.52 ? 317 HOH A O   1 
HETATM 1135 O  O   . HOH C 3 .   ? 13.725  -4.935  -8.147  1.00 43.58 ? 318 HOH A O   1 
HETATM 1136 O  O   . HOH C 3 .   ? 11.401  4.248   15.687  1.00 43.70 ? 319 HOH A O   1 
HETATM 1137 O  O   . HOH C 3 .   ? -13.573 1.100   16.762  1.00 44.18 ? 320 HOH A O   1 
HETATM 1138 O  O   . HOH C 3 .   ? -0.947  11.594  21.313  1.00 44.33 ? 321 HOH A O   1 
HETATM 1139 O  O   . HOH C 3 .   ? 1.765   -14.244 -16.873 1.00 44.34 ? 322 HOH A O   1 
HETATM 1140 O  O   . HOH C 3 .   ? 13.117  6.984   -10.864 1.00 44.37 ? 323 HOH A O   1 
HETATM 1141 O  O   . HOH C 3 .   ? 1.656   -1.956  15.096  1.00 44.38 ? 324 HOH A O   1 
HETATM 1142 O  O   . HOH C 3 .   ? 8.091   -11.159 -2.820  1.00 44.60 ? 325 HOH A O   1 
HETATM 1143 O  O   . HOH C 3 .   ? 15.641  19.318  6.035   1.00 44.73 ? 326 HOH A O   1 
HETATM 1144 O  O   . HOH C 3 .   ? -8.352  -7.598  -16.310 1.00 44.78 ? 327 HOH A O   1 
HETATM 1145 O  O   . HOH C 3 .   ? 10.133  2.542   18.147  1.00 44.98 ? 328 HOH A O   1 
HETATM 1146 O  O   . HOH C 3 .   ? -4.941  -16.580 -3.267  1.00 45.44 ? 329 HOH A O   1 
HETATM 1147 O  O   . HOH C 3 .   ? 4.951   -1.113  18.886  1.00 45.52 ? 330 HOH A O   1 
HETATM 1148 O  O   . HOH C 3 .   ? -5.140  -11.911 -19.520 1.00 45.74 ? 331 HOH A O   1 
HETATM 1149 O  O   . HOH C 3 .   ? 12.501  1.764   -15.883 1.00 45.78 ? 332 HOH A O   1 
HETATM 1150 O  O   . HOH C 3 .   ? 11.646  19.002  5.301   1.00 45.86 ? 333 HOH A O   1 
HETATM 1151 O  O   . HOH C 3 .   ? 10.027  -3.076  12.266  1.00 45.86 ? 334 HOH A O   1 
HETATM 1152 O  O   . HOH C 3 .   ? 0.675   -16.859 -4.505  1.00 45.88 ? 335 HOH A O   1 
HETATM 1153 O  O   . HOH C 3 .   ? 17.365  7.756   0.672   1.00 46.29 ? 336 HOH A O   1 
HETATM 1154 O  O   . HOH C 3 .   ? 9.031   -10.295 -0.106  1.00 46.46 ? 337 HOH A O   1 
HETATM 1155 O  O   . HOH C 3 .   ? 11.653  18.780  -0.761  1.00 46.58 ? 338 HOH A O   1 
HETATM 1156 O  O   . HOH C 3 .   ? -6.098  -20.712 1.134   1.00 47.09 ? 339 HOH A O   1 
HETATM 1157 O  O   . HOH C 3 .   ? 17.287  -3.954  -1.266  1.00 47.15 ? 340 HOH A O   1 
HETATM 1158 O  O   . HOH C 3 .   ? 6.028   -13.947 -6.972  1.00 47.89 ? 341 HOH A O   1 
HETATM 1159 O  O   . HOH C 3 .   ? 4.178   -12.675 -16.213 1.00 48.13 ? 342 HOH A O   1 
HETATM 1160 O  O   . HOH C 3 .   ? 16.888  7.259   -2.687  1.00 48.16 ? 343 HOH A O   1 
HETATM 1161 O  O   . HOH C 3 .   ? -26.965 -1.643  -5.125  1.00 48.29 ? 344 HOH A O   1 
HETATM 1162 O  O   . HOH C 3 .   ? 18.614  14.490  9.225   1.00 49.32 ? 345 HOH A O   1 
HETATM 1163 O  O   . HOH C 3 .   ? 3.289   -17.089 -1.408  1.00 49.94 ? 346 HOH A O   1 
HETATM 1164 O  O   . HOH C 3 .   ? -4.332  -14.073 -0.248  1.00 50.71 ? 347 HOH A O   1 
# 
